data_5FUU
#
_entry.id   5FUU
#
_cell.length_a   1.000
_cell.length_b   1.000
_cell.length_c   1.000
_cell.angle_alpha   90.00
_cell.angle_beta   90.00
_cell.angle_gamma   90.00
#
_symmetry.space_group_name_H-M   'P 1'
#
loop_
_entity.id
_entity.type
_entity.pdbx_description
1 polymer 'HIV-1 ENVELOPE GLYCOPROTEIN GP160'
2 polymer 'HIV-1 ENVELOPE GLYCOPROTEIN GP160'
3 polymer 'IMMUNOGLOBULIN G PGT151'
4 polymer 'IMMUNOGLOBULIN G PGT151'
5 branched 2-acetamido-2-deoxy-beta-D-glucopyranose-(1-4)-2-acetamido-2-deoxy-beta-D-glucopyranose
6 branched beta-D-mannopyranose-(1-4)-2-acetamido-2-deoxy-beta-D-glucopyranose-(1-4)-2-acetamido-2-deoxy-beta-D-glucopyranose
7 branched alpha-D-mannopyranose-(1-2)-alpha-D-mannopyranose-(1-3)-[alpha-D-mannopyranose-(1-3)-alpha-D-mannopyranose-(1-6)]beta-D-mannopyranose-(1-4)-2-acetamido-2-deoxy-beta-D-glucopyranose-(1-4)-2-acetamido-2-deoxy-beta-D-glucopyranose
8 branched beta-D-galactopyranose-(1-4)-2-acetamido-2-deoxy-beta-D-glucopyranose-(1-2)-[beta-D-galactopyranose-(1-4)-2-acetamido-2-deoxy-beta-D-glucopyranose-(1-6)]alpha-D-mannopyranose-(1-6)-[2-acetamido-2-deoxy-beta-D-glucopyranose-(1-2)-alpha-D-mannopyranose-(1-3)]beta-D-mannopyranose-(1-4)-2-acetamido-2-deoxy-beta-D-glucopyranose-(1-4)-[alpha-L-fucopyranose-(1-6)]2-acetamido-2-deoxy-beta-D-glucopyranose
9 branched beta-D-galactopyranose-(1-4)-2-acetamido-2-deoxy-beta-D-glucopyranose-(1-2)-[beta-D-galactopyranose-(1-4)-2-acetamido-2-deoxy-beta-D-glucopyranose-(1-4)]alpha-D-mannopyranose-(1-3)-[beta-D-galactopyranose-(1-4)-2-acetamido-2-deoxy-beta-D-glucopyranose-(1-2)-[2-acetamido-2-deoxy-beta-D-glucopyranose-(1-6)]alpha-D-mannopyranose-(1-6)]beta-D-mannopyranose-(1-4)-2-acetamido-2-deoxy-beta-D-glucopyranose-(1-4)-[alpha-L-fucopyranose-(1-6)]2-acetamido-2-deoxy-beta-D-glucopyranose
10 branched alpha-D-mannopyranose-(1-3)-[alpha-D-mannopyranose-(1-6)]beta-D-mannopyranose-(1-4)-2-acetamido-2-deoxy-beta-D-glucopyranose-(1-4)-2-acetamido-2-deoxy-beta-D-glucopyranose
11 branched alpha-D-mannopyranose-(1-2)-alpha-D-mannopyranose-(1-3)-[alpha-D-mannopyranose-(1-3)-[alpha-D-mannopyranose-(1-6)]alpha-D-mannopyranose-(1-6)]beta-D-mannopyranose-(1-4)-2-acetamido-2-deoxy-beta-D-glucopyranose-(1-4)-2-acetamido-2-deoxy-beta-D-glucopyranose
12 branched 2-acetamido-2-deoxy-beta-D-glucopyranose-(1-4)-[alpha-L-fucopyranose-(1-6)]2-acetamido-2-deoxy-beta-D-glucopyranose
13 branched alpha-D-mannopyranose-(1-2)-alpha-D-mannopyranose-(1-3)-[alpha-D-mannopyranose-(1-6)]beta-D-mannopyranose-(1-4)-2-acetamido-2-deoxy-beta-D-glucopyranose-(1-4)-2-acetamido-2-deoxy-beta-D-glucopyranose
14 branched alpha-D-mannopyranose-(1-6)-beta-D-mannopyranose-(1-4)-2-acetamido-2-deoxy-beta-D-glucopyranose-(1-4)-2-acetamido-2-deoxy-beta-D-glucopyranose
15 branched beta-D-galactopyranose-(1-4)-2-acetamido-2-deoxy-beta-D-glucopyranose-(1-2)-[beta-D-galactopyranose-(1-4)-2-acetamido-2-deoxy-beta-D-glucopyranose-(1-4)]alpha-D-mannopyranose-(1-3)-[2-acetamido-2-deoxy-beta-D-glucopyranose-(1-2)-[2-acetamido-2-deoxy-beta-D-glucopyranose-(1-6)]alpha-D-mannopyranose-(1-6)]beta-D-mannopyranose-(1-4)-2-acetamido-2-deoxy-beta-D-glucopyranose-(1-4)-[alpha-L-fucopyranose-(1-6)]2-acetamido-2-deoxy-beta-D-glucopyranose
16 non-polymer 2-acetamido-2-deoxy-beta-D-glucopyranose
#
loop_
_entity_poly.entity_id
_entity_poly.type
_entity_poly.pdbx_seq_one_letter_code
_entity_poly.pdbx_strand_id
1 'polypeptide(L)'
;TEKLWVTVYYGVPVWKEATTTLFCASDAKAYDTEVHNVWATHACVPTDPNPQEVVLENVTEHFNMWKNNMVEQMQEDIIS
LWDQSLKPCVKLTPLCVTLNCKDVNATNTTNDSEGTMERGEIKNCSFNITTSIRDEVQKEYALFYKLDVVPIDNNNTSYR
LISCDTSVITQACPKISFEPIPIHYCAPAGFAILKCNDKTFNGKGPCKNVSTVQCTHGIRPVVSTQLLLNGSLAEEEVVI
RSDNFTNNAKTIIVQLKESVEINCTRPNNNTRKSIHIGPGRAFYTTGEIIGDIRQAHCNISRAKWNDTLKQIVIKLREQF
ENKTIVFNHSSGGDPEIVMHSFNCGGEFFYCNSTQLFNSTWNNNTEGSNNTEGNTITLPCRIKQIINMWQEVGKAMYAPP
IRGQIRCSSNITGLLLTRDGGINENGTEIFRPGGGDMRDNWRSELYKYKVVKIEPLGVAPTKAKRRVVQREKR
;
A,C,E
2 'polypeptide(L)'
;AVGIGAVFLGFLGAAGSTMGAASMTLTVQARLLLSGIVQQQNNLLRAIEAQQRMLQLTVWGIKQLQARVLAVERYLGDQQ
LLGIWGCSGKLICTTAVPWNASWSNKSLDRIWNNMTWMEWEREIDNYTSEIYTLIEESQNQQEKNEQELLELD
;
B,D,F
3 'polypeptide(L)'
;RVQLVESGGGVVQPGKSVRLSCVVSDFPFSKYPMYWVRQAPGKGLEWVAAISGDAWHVVYSNSVQGRFLVSRDNVKNTLY
LEMNSLKIEDTAVYRCARMFQESGPPRLDRWSGRNYYYYSGMDVWGQGTTVTVSSASTKGPSVFPLAPSSKSTSGGTAAL
GCLVKDYFPEPVTVSWNSGALTSGVHTFPAVLQSSGLYSLSSVVTVPSSSLGTQTYICNVNHKPSNTKVDKRVEPKSCDK
;
H,M
4 'polypeptide(L)'
;DIVMTQTPLSLSVTPGQPASISCKSSESLRQSNGKTSLYWYRQKPGQSPQLLVFEVSNRFSGVSDRFVGSGSGTDFTLRI
SRVEAEDVGFYYCMQSKDFPLTFGGGTKVDLKRTVAAPSVFIFPPSDEQLKSGTASVVCLLNNFYPREAKVQWKVDNALQ
SGNSQESVTEQDSKDSTYSLSSTLTLSKADYEKHKVYACEVTHQGLSSPVTKSFNRGEC
;
L,N
#
# COMPACT_ATOMS: atom_id res chain seq x y z
N THR A 1 -20.80 -47.81 14.94
CA THR A 1 -21.34 -47.73 16.30
C THR A 1 -20.26 -47.22 17.23
N GLU A 2 -19.32 -48.10 17.55
CA GLU A 2 -18.23 -47.72 18.42
C GLU A 2 -17.13 -47.21 17.54
N LYS A 3 -17.25 -47.49 16.24
CA LYS A 3 -16.38 -46.87 15.28
C LYS A 3 -16.91 -45.49 15.01
N LEU A 4 -16.07 -44.50 15.22
CA LEU A 4 -16.50 -43.13 15.18
C LEU A 4 -15.95 -42.43 13.96
N TRP A 5 -16.72 -41.49 13.44
CA TRP A 5 -16.35 -40.74 12.25
C TRP A 5 -16.36 -39.25 12.50
N VAL A 6 -15.42 -38.54 11.90
CA VAL A 6 -15.45 -37.09 11.96
C VAL A 6 -16.59 -36.49 11.17
N THR A 7 -17.30 -35.56 11.78
CA THR A 7 -18.37 -34.84 11.11
C THR A 7 -18.07 -33.35 11.23
N VAL A 8 -18.63 -32.54 10.33
CA VAL A 8 -18.32 -31.12 10.39
C VAL A 8 -19.55 -30.27 10.47
N TYR A 9 -19.52 -29.37 11.43
CA TYR A 9 -20.59 -28.44 11.68
C TYR A 9 -20.12 -27.05 11.40
N TYR A 10 -21.03 -26.26 10.83
CA TYR A 10 -20.78 -24.87 10.50
C TYR A 10 -21.86 -24.02 11.14
N GLY A 11 -21.44 -23.05 11.95
CA GLY A 11 -22.35 -22.07 12.51
C GLY A 11 -22.51 -22.38 13.98
N VAL A 12 -21.45 -22.94 14.54
CA VAL A 12 -21.40 -23.35 15.92
C VAL A 12 -21.14 -22.15 16.79
N PRO A 13 -21.69 -22.10 18.00
CA PRO A 13 -21.62 -21.03 19.00
C PRO A 13 -20.32 -20.93 19.78
N VAL A 14 -19.23 -20.62 19.11
CA VAL A 14 -17.94 -20.50 19.73
C VAL A 14 -17.31 -19.17 19.46
N TRP A 15 -16.81 -18.53 20.50
CA TRP A 15 -16.23 -17.23 20.34
C TRP A 15 -14.98 -17.11 21.13
N LYS A 16 -14.11 -16.22 20.70
CA LYS A 16 -12.85 -16.00 21.36
C LYS A 16 -12.66 -14.52 21.52
N GLU A 17 -12.05 -14.13 22.61
CA GLU A 17 -11.74 -12.74 22.83
C GLU A 17 -10.66 -12.30 21.88
N ALA A 18 -10.87 -11.14 21.28
CA ALA A 18 -9.93 -10.67 20.27
C ALA A 18 -9.97 -9.17 20.15
N THR A 19 -8.94 -8.62 19.55
CA THR A 19 -8.91 -7.19 19.33
C THR A 19 -9.09 -6.86 17.87
N THR A 20 -9.99 -5.93 17.61
CA THR A 20 -10.29 -5.52 16.25
C THR A 20 -10.53 -4.04 16.23
N THR A 21 -10.72 -3.49 15.06
CA THR A 21 -10.97 -2.08 14.93
C THR A 21 -12.44 -1.77 15.02
N LEU A 22 -12.81 -0.89 15.94
CA LEU A 22 -14.21 -0.56 16.09
C LEU A 22 -14.69 0.27 14.92
N PHE A 23 -15.96 0.12 14.61
CA PHE A 23 -16.55 0.70 13.42
C PHE A 23 -17.56 1.79 13.77
N CYS A 24 -17.17 3.05 13.58
CA CYS A 24 -18.02 4.18 13.97
C CYS A 24 -19.34 4.30 13.22
N ALA A 25 -20.42 4.44 13.98
CA ALA A 25 -21.77 4.48 13.45
C ALA A 25 -22.55 5.62 14.08
N SER A 26 -23.55 6.15 13.36
CA SER A 26 -24.34 7.22 13.94
C SER A 26 -25.66 7.52 13.21
N ASP A 27 -26.29 8.61 13.59
CA ASP A 27 -27.42 9.11 12.86
C ASP A 27 -26.99 9.98 11.70
N GLU A 34 -24.97 21.30 8.78
CA GLU A 34 -24.40 22.29 7.86
C GLU A 34 -22.96 22.67 8.16
N VAL A 35 -22.43 22.16 9.26
CA VAL A 35 -21.01 22.25 9.52
C VAL A 35 -20.45 20.86 9.75
N HIS A 36 -19.16 20.78 10.08
CA HIS A 36 -18.54 19.49 10.22
C HIS A 36 -18.39 19.12 11.67
N ASN A 37 -17.70 19.98 12.41
CA ASN A 37 -17.46 19.82 13.83
C ASN A 37 -16.16 19.06 14.05
N VAL A 38 -15.58 19.16 15.23
CA VAL A 38 -14.40 18.38 15.55
C VAL A 38 -14.71 16.90 15.46
N TRP A 39 -15.87 16.51 15.97
CA TRP A 39 -16.35 15.19 15.75
C TRP A 39 -17.24 15.16 14.51
N ALA A 40 -16.61 14.92 13.39
CA ALA A 40 -17.28 14.76 12.11
C ALA A 40 -18.08 13.47 11.98
N THR A 41 -19.12 13.27 12.80
CA THR A 41 -19.86 12.03 12.86
C THR A 41 -20.62 11.74 11.58
N HIS A 42 -20.70 12.72 10.67
CA HIS A 42 -21.28 12.41 9.36
C HIS A 42 -20.31 11.61 8.47
N ALA A 43 -19.14 11.27 9.00
CA ALA A 43 -18.17 10.47 8.30
C ALA A 43 -18.34 9.02 8.71
N CYS A 44 -19.19 8.82 9.72
CA CYS A 44 -19.46 7.51 10.26
C CYS A 44 -20.72 6.99 9.63
N VAL A 45 -20.94 5.70 9.68
CA VAL A 45 -22.01 5.16 8.88
C VAL A 45 -23.36 5.29 9.54
N PRO A 46 -24.38 5.70 8.81
CA PRO A 46 -25.76 5.72 9.21
C PRO A 46 -26.13 4.43 9.91
N THR A 47 -26.70 4.56 11.10
CA THR A 47 -26.87 3.45 12.01
C THR A 47 -28.08 2.60 11.73
N ASP A 48 -28.07 1.43 12.34
CA ASP A 48 -29.22 0.57 12.31
C ASP A 48 -30.26 1.25 13.20
N PRO A 49 -31.42 1.61 12.67
CA PRO A 49 -32.54 2.26 13.33
C PRO A 49 -33.17 1.38 14.40
N ASN A 50 -32.95 0.06 14.31
CA ASN A 50 -33.56 -0.84 15.27
C ASN A 50 -32.88 -2.21 15.30
N PRO A 51 -31.92 -2.44 16.20
CA PRO A 51 -31.21 -3.69 16.42
C PRO A 51 -32.22 -4.65 17.04
N GLN A 52 -32.05 -5.98 16.85
CA GLN A 52 -30.83 -6.80 16.65
C GLN A 52 -29.94 -6.77 17.87
N GLU A 53 -30.47 -7.29 18.97
CA GLU A 53 -29.70 -7.57 20.15
C GLU A 53 -30.18 -8.90 20.70
N VAL A 54 -29.27 -9.71 21.20
CA VAL A 54 -29.63 -11.06 21.57
C VAL A 54 -29.26 -11.39 22.98
N VAL A 55 -30.21 -11.95 23.71
CA VAL A 55 -29.91 -12.36 25.05
C VAL A 55 -29.43 -13.78 25.05
N LEU A 56 -28.41 -14.05 25.82
CA LEU A 56 -27.87 -15.39 25.84
C LEU A 56 -28.42 -16.18 27.01
N GLU A 57 -28.54 -17.49 26.86
CA GLU A 57 -29.04 -18.31 27.94
C GLU A 57 -27.91 -18.98 28.69
N ASN A 58 -28.09 -19.23 29.98
CA ASN A 58 -27.22 -20.10 30.79
C ASN A 58 -25.70 -19.93 30.69
N VAL A 59 -25.18 -18.74 30.42
CA VAL A 59 -23.72 -18.61 30.38
C VAL A 59 -23.22 -17.44 31.16
N THR A 60 -21.94 -17.51 31.50
CA THR A 60 -21.27 -16.44 32.19
C THR A 60 -20.05 -16.01 31.43
N GLU A 61 -19.61 -14.80 31.70
CA GLU A 61 -18.44 -14.28 31.02
C GLU A 61 -17.65 -13.37 31.93
N HIS A 62 -16.34 -13.54 31.94
CA HIS A 62 -15.49 -12.71 32.76
C HIS A 62 -15.19 -11.37 32.08
N PHE A 63 -15.36 -10.30 32.84
CA PHE A 63 -15.12 -8.96 32.36
C PHE A 63 -14.07 -8.26 33.18
N ASN A 64 -13.41 -7.28 32.58
CA ASN A 64 -12.41 -6.52 33.32
C ASN A 64 -12.19 -5.15 32.72
N MET A 65 -12.77 -4.15 33.35
CA MET A 65 -12.80 -2.78 32.85
C MET A 65 -11.49 -2.02 32.96
N TRP A 66 -10.45 -2.69 33.45
CA TRP A 66 -9.16 -2.09 33.51
C TRP A 66 -8.18 -2.89 32.68
N LYS A 67 -8.70 -3.69 31.76
CA LYS A 67 -7.88 -4.35 30.75
C LYS A 67 -8.46 -4.16 29.36
N ASN A 68 -9.71 -3.73 29.30
CA ASN A 68 -10.40 -3.60 28.04
C ASN A 68 -9.88 -2.48 27.18
N ASN A 69 -9.19 -2.84 26.10
CA ASN A 69 -8.53 -1.88 25.23
C ASN A 69 -9.43 -1.06 24.30
N MET A 70 -10.75 -1.16 24.44
CA MET A 70 -11.63 -0.32 23.67
C MET A 70 -11.36 1.09 24.11
N VAL A 71 -11.06 1.22 25.39
CA VAL A 71 -10.74 2.48 26.01
C VAL A 71 -9.56 3.12 25.35
N GLU A 72 -8.52 2.33 25.15
CA GLU A 72 -7.31 2.81 24.53
C GLU A 72 -7.58 3.24 23.11
N GLN A 73 -8.46 2.50 22.43
CA GLN A 73 -8.74 2.88 21.07
C GLN A 73 -9.47 4.19 21.02
N MET A 74 -10.37 4.41 21.97
CA MET A 74 -11.12 5.63 21.94
C MET A 74 -10.24 6.84 22.16
N GLN A 75 -9.35 6.75 23.13
CA GLN A 75 -8.44 7.85 23.39
C GLN A 75 -7.57 8.16 22.19
N GLU A 76 -7.05 7.10 21.59
CA GLU A 76 -6.29 7.25 20.36
C GLU A 76 -7.08 7.99 19.32
N ASP A 77 -8.31 7.55 19.12
CA ASP A 77 -9.17 8.12 18.13
C ASP A 77 -9.40 9.59 18.31
N ILE A 78 -9.77 10.00 19.51
CA ILE A 78 -10.05 11.40 19.74
C ILE A 78 -8.84 12.27 19.61
N ILE A 79 -7.69 11.78 20.05
CA ILE A 79 -6.51 12.57 19.87
C ILE A 79 -6.26 12.85 18.42
N SER A 80 -6.39 11.82 17.59
CA SER A 80 -6.18 12.01 16.18
C SER A 80 -7.24 12.87 15.54
N LEU A 81 -8.45 12.87 16.10
CA LEU A 81 -9.49 13.69 15.52
C LEU A 81 -9.18 15.15 15.70
N TRP A 82 -8.70 15.52 16.87
CA TRP A 82 -8.33 16.90 17.06
C TRP A 82 -7.34 17.35 16.04
N ASP A 83 -6.41 16.48 15.69
CA ASP A 83 -5.44 16.82 14.69
C ASP A 83 -6.11 17.08 13.36
N GLN A 84 -7.15 16.33 13.04
CA GLN A 84 -7.77 16.48 11.75
C GLN A 84 -8.60 17.74 11.67
N SER A 85 -9.01 18.28 12.80
CA SER A 85 -9.69 19.56 12.75
C SER A 85 -8.72 20.71 12.80
N LEU A 86 -7.56 20.50 13.41
CA LEU A 86 -6.61 21.57 13.55
C LEU A 86 -5.61 21.66 12.44
N LYS A 87 -5.46 20.62 11.64
CA LYS A 87 -4.49 20.63 10.55
C LYS A 87 -4.58 21.88 9.62
N PRO A 88 -5.65 22.06 8.83
CA PRO A 88 -5.92 23.20 7.96
C PRO A 88 -6.42 24.42 8.71
N CYS A 89 -5.64 24.91 9.65
CA CYS A 89 -6.01 26.14 10.36
C CYS A 89 -4.85 27.06 10.62
N VAL A 90 -5.15 28.25 11.13
CA VAL A 90 -4.16 29.31 11.14
C VAL A 90 -3.17 29.21 12.28
N LYS A 91 -1.90 29.25 11.95
CA LYS A 91 -0.89 29.22 12.98
C LYS A 91 -0.75 30.61 13.52
N LEU A 92 -0.51 30.73 14.81
CA LEU A 92 -0.41 32.03 15.41
C LEU A 92 0.98 32.39 15.87
N THR A 93 1.99 31.92 15.16
CA THR A 93 3.34 32.19 15.58
C THR A 93 3.65 33.70 15.66
N PRO A 94 3.18 34.55 14.72
CA PRO A 94 3.46 35.98 14.72
C PRO A 94 3.03 36.65 16.01
N LEU A 95 2.08 36.06 16.72
CA LEU A 95 1.52 36.70 17.88
C LEU A 95 2.38 36.56 19.11
N CYS A 96 3.36 35.64 19.09
CA CYS A 96 4.26 35.44 20.22
C CYS A 96 5.31 36.53 20.37
N VAL A 97 4.87 37.74 20.64
CA VAL A 97 5.78 38.87 20.79
C VAL A 97 5.57 39.53 22.10
N THR A 98 6.52 40.37 22.48
CA THR A 98 6.32 41.13 23.69
C THR A 98 5.28 42.19 23.42
N LEU A 99 4.29 42.29 24.28
CA LEU A 99 3.25 43.28 24.06
C LEU A 99 2.96 44.01 25.33
N ASN A 100 2.29 45.14 25.21
CA ASN A 100 1.94 45.90 26.40
C ASN A 100 0.46 45.90 26.64
N CYS A 101 0.06 45.82 27.89
CA CYS A 101 -1.37 45.75 28.11
C CYS A 101 -1.80 46.44 29.36
N LYS A 102 -3.02 46.99 29.32
CA LYS A 102 -3.53 47.67 30.48
C LYS A 102 -4.74 47.00 31.10
N ASP A 103 -4.96 47.35 32.35
CA ASP A 103 -6.10 46.87 33.12
C ASP A 103 -7.38 47.42 32.55
N VAL A 104 -8.30 46.55 32.15
CA VAL A 104 -9.61 47.00 31.68
C VAL A 104 -10.43 47.70 32.78
N ASN A 105 -11.01 48.86 32.46
CA ASN A 105 -11.87 49.57 33.40
C ASN A 105 -13.18 48.80 33.51
N ALA A 106 -13.14 47.78 34.37
CA ALA A 106 -14.21 46.82 34.57
C ALA A 106 -15.47 47.41 35.21
N THR A 107 -15.39 48.62 35.76
CA THR A 107 -16.52 49.23 36.43
C THR A 107 -17.50 49.83 35.43
N GLU A 118 -12.14 39.10 38.49
CA GLU A 118 -12.35 40.53 38.66
C GLU A 118 -11.06 41.29 38.93
N ARG A 119 -11.11 42.60 38.67
CA ARG A 119 -10.02 43.55 38.90
C ARG A 119 -8.70 43.14 38.26
N GLY A 120 -8.66 43.22 36.94
CA GLY A 120 -7.46 42.86 36.19
C GLY A 120 -7.55 41.49 35.56
N GLU A 121 -8.71 40.82 35.68
CA GLU A 121 -8.89 39.51 35.09
C GLU A 121 -8.84 39.58 33.59
N ILE A 122 -9.44 40.63 33.04
CA ILE A 122 -9.39 40.87 31.63
C ILE A 122 -8.56 42.09 31.34
N LYS A 123 -7.67 41.96 30.37
CA LYS A 123 -6.77 43.05 30.08
C LYS A 123 -6.81 43.43 28.61
N ASN A 124 -6.72 44.73 28.38
CA ASN A 124 -6.82 45.28 27.05
C ASN A 124 -5.42 45.47 26.55
N CYS A 125 -5.01 44.62 25.63
CA CYS A 125 -3.63 44.57 25.21
C CYS A 125 -3.43 45.20 23.86
N SER A 126 -2.22 45.66 23.62
CA SER A 126 -1.90 46.24 22.34
C SER A 126 -0.55 45.76 21.88
N PHE A 127 -0.40 45.62 20.58
CA PHE A 127 0.83 45.10 20.03
C PHE A 127 1.12 45.59 18.65
N ASN A 128 2.40 45.72 18.36
CA ASN A 128 2.89 46.11 17.05
C ASN A 128 3.40 44.90 16.30
N ILE A 129 2.55 44.29 15.48
CA ILE A 129 2.99 43.10 14.75
C ILE A 129 2.82 43.22 13.27
N THR A 130 3.94 43.34 12.58
CA THR A 130 3.96 43.41 11.12
C THR A 130 3.21 42.23 10.51
N THR A 131 2.17 42.54 9.77
CA THR A 131 1.25 41.53 9.27
C THR A 131 1.74 41.03 7.93
N SER A 132 1.81 41.93 6.96
CA SER A 132 2.33 41.55 5.66
C SER A 132 3.83 41.57 5.69
N ILE A 133 4.45 40.80 4.81
CA ILE A 133 5.91 40.81 4.70
C ILE A 133 6.46 42.21 4.42
N ARG A 134 5.60 43.11 3.90
CA ARG A 134 5.95 44.50 3.67
C ARG A 134 6.44 45.17 4.94
N ASP A 135 7.15 46.27 4.77
CA ASP A 135 7.58 47.06 5.92
C ASP A 135 6.39 47.79 6.55
N GLU A 136 5.82 47.22 7.60
CA GLU A 136 4.59 47.81 8.14
C GLU A 136 4.58 48.00 9.66
N VAL A 137 3.92 49.07 10.09
CA VAL A 137 3.63 49.30 11.50
C VAL A 137 2.18 48.91 11.73
N GLN A 138 1.97 47.96 12.64
CA GLN A 138 0.65 47.39 12.84
C GLN A 138 0.31 47.25 14.32
N LYS A 139 0.00 48.40 14.92
CA LYS A 139 -0.44 48.48 16.31
C LYS A 139 -1.90 48.10 16.38
N GLU A 140 -2.18 46.94 16.96
CA GLU A 140 -3.56 46.49 17.08
C GLU A 140 -3.93 46.16 18.52
N TYR A 141 -5.23 46.16 18.78
CA TYR A 141 -5.75 45.96 20.12
C TYR A 141 -6.42 44.58 20.20
N ALA A 142 -6.28 43.91 21.34
CA ALA A 142 -6.92 42.60 21.55
C ALA A 142 -7.17 42.30 23.03
N LEU A 143 -8.15 41.46 23.33
CA LEU A 143 -8.47 41.18 24.73
C LEU A 143 -8.02 39.81 25.21
N PHE A 144 -7.44 39.79 26.41
CA PHE A 144 -7.03 38.55 27.03
C PHE A 144 -7.49 38.38 28.46
N TYR A 145 -7.49 37.13 28.89
CA TYR A 145 -7.81 36.77 30.25
C TYR A 145 -6.52 36.62 31.02
N LYS A 146 -6.54 36.81 32.33
CA LYS A 146 -5.32 36.72 33.12
C LYS A 146 -4.55 35.43 32.86
N LEU A 147 -5.26 34.33 32.70
CA LEU A 147 -4.66 33.01 32.51
C LEU A 147 -3.88 32.87 31.21
N ASP A 148 -4.16 33.73 30.25
CA ASP A 148 -3.58 33.62 28.93
C ASP A 148 -2.16 34.16 28.87
N VAL A 149 -1.77 35.02 29.83
CA VAL A 149 -0.49 35.72 29.70
C VAL A 149 0.50 35.56 30.83
N VAL A 150 1.76 35.94 30.53
CA VAL A 150 2.85 35.98 31.48
C VAL A 150 3.48 37.36 31.50
N PRO A 151 3.61 37.99 32.67
CA PRO A 151 4.16 39.31 32.87
C PRO A 151 5.64 39.26 32.65
N ILE A 152 6.16 40.34 32.09
CA ILE A 152 7.55 40.46 31.76
C ILE A 152 8.22 41.55 32.57
N ASP A 153 9.42 41.27 33.04
CA ASP A 153 10.24 42.23 33.76
C ASP A 153 9.56 42.83 34.99
N ASN A 154 9.13 41.96 35.88
CA ASN A 154 8.52 42.34 37.15
C ASN A 154 7.38 43.38 37.09
N ASN A 155 7.53 44.47 37.85
CA ASN A 155 6.55 45.54 37.87
C ASN A 155 6.49 46.38 36.61
N ASN A 156 5.80 45.84 35.62
CA ASN A 156 5.72 46.45 34.32
C ASN A 156 4.45 45.99 33.62
N THR A 157 4.19 46.56 32.45
CA THR A 157 2.97 46.29 31.72
C THR A 157 3.19 45.41 30.51
N SER A 158 4.38 44.83 30.40
CA SER A 158 4.71 43.94 29.29
C SER A 158 4.32 42.50 29.55
N TYR A 159 3.81 41.84 28.52
CA TYR A 159 3.39 40.44 28.59
C TYR A 159 3.77 39.62 27.39
N ARG A 160 3.82 38.30 27.59
CA ARG A 160 3.97 37.34 26.51
C ARG A 160 2.95 36.25 26.72
N LEU A 161 2.83 35.32 25.79
CA LEU A 161 1.84 34.28 25.95
C LEU A 161 2.45 33.03 26.54
N ILE A 162 1.65 32.39 27.38
CA ILE A 162 2.02 31.26 28.22
C ILE A 162 2.62 30.02 27.55
N SER A 163 2.53 29.87 26.23
CA SER A 163 2.94 28.60 25.64
C SER A 163 3.90 28.77 24.49
N CYS A 164 4.14 30.01 24.09
CA CYS A 164 5.02 30.32 22.97
C CYS A 164 6.44 29.79 23.05
N ASP A 165 6.98 29.65 24.25
CA ASP A 165 8.38 29.27 24.39
C ASP A 165 8.64 27.87 23.88
N THR A 166 7.65 26.99 24.00
CA THR A 166 7.87 25.58 23.74
C THR A 166 6.92 25.06 22.69
N SER A 167 5.81 25.74 22.48
CA SER A 167 4.75 25.16 21.70
C SER A 167 4.27 26.08 20.62
N VAL A 168 3.79 25.48 19.53
CA VAL A 168 3.19 26.24 18.46
C VAL A 168 1.71 26.37 18.73
N ILE A 169 1.22 27.59 18.63
CA ILE A 169 -0.18 27.84 18.86
C ILE A 169 -0.95 27.81 17.56
N THR A 170 -1.97 26.98 17.51
CA THR A 170 -2.81 26.89 16.34
C THR A 170 -4.23 27.31 16.67
N GLN A 171 -4.79 28.20 15.87
CA GLN A 171 -6.14 28.65 16.09
C GLN A 171 -7.17 27.70 15.58
N ALA A 172 -8.10 27.36 16.46
CA ALA A 172 -9.19 26.49 16.10
C ALA A 172 -10.05 27.15 15.05
N CYS A 173 -10.37 26.40 14.01
CA CYS A 173 -11.18 26.96 12.94
C CYS A 173 -12.55 27.40 13.45
N PRO A 174 -12.92 28.66 13.23
CA PRO A 174 -14.15 29.33 13.66
C PRO A 174 -15.42 28.60 13.25
N LYS A 175 -15.40 27.90 12.13
CA LYS A 175 -16.58 27.27 11.60
C LYS A 175 -16.70 25.83 12.02
N ILE A 176 -15.76 25.39 12.86
CA ILE A 176 -15.75 24.04 13.39
C ILE A 176 -15.91 24.03 14.89
N SER A 177 -17.02 23.47 15.36
CA SER A 177 -17.47 23.56 16.76
C SER A 177 -17.15 22.25 17.48
N PHE A 178 -17.15 22.35 18.80
CA PHE A 178 -16.95 21.24 19.70
C PHE A 178 -18.07 20.23 19.72
N GLU A 179 -19.31 20.63 20.03
CA GLU A 179 -20.46 19.83 19.62
C GLU A 179 -20.23 18.36 19.91
N PRO A 180 -20.30 17.93 21.17
CA PRO A 180 -20.26 16.50 21.41
C PRO A 180 -21.49 15.84 20.83
N ILE A 181 -21.24 14.73 20.15
CA ILE A 181 -22.29 13.99 19.46
C ILE A 181 -22.24 12.50 19.73
N PRO A 182 -23.39 11.95 20.05
CA PRO A 182 -23.59 10.52 20.26
C PRO A 182 -22.95 9.65 19.20
N ILE A 183 -22.03 8.80 19.62
CA ILE A 183 -21.34 7.90 18.71
C ILE A 183 -21.58 6.46 19.06
N HIS A 184 -21.78 5.63 18.06
CA HIS A 184 -21.87 4.22 18.30
C HIS A 184 -20.64 3.55 17.74
N TYR A 185 -20.29 2.43 18.33
CA TYR A 185 -19.22 1.59 17.85
C TYR A 185 -19.82 0.25 17.50
N CYS A 186 -19.85 -0.06 16.21
CA CYS A 186 -20.27 -1.40 15.79
C CYS A 186 -19.07 -2.31 15.58
N ALA A 187 -19.34 -3.61 15.61
CA ALA A 187 -18.34 -4.57 15.26
C ALA A 187 -18.54 -5.02 13.84
N PRO A 188 -17.47 -5.21 13.10
CA PRO A 188 -17.44 -5.62 11.72
C PRO A 188 -17.93 -7.04 11.68
N ALA A 189 -18.55 -7.43 10.57
CA ALA A 189 -19.10 -8.76 10.46
C ALA A 189 -18.04 -9.80 10.76
N GLY A 190 -18.42 -10.77 11.57
CA GLY A 190 -17.54 -11.79 12.09
C GLY A 190 -17.18 -11.51 13.54
N PHE A 191 -17.43 -10.28 13.98
CA PHE A 191 -17.19 -9.88 15.35
C PHE A 191 -18.48 -9.54 16.05
N ALA A 192 -18.46 -9.62 17.37
CA ALA A 192 -19.62 -9.27 18.15
C ALA A 192 -19.23 -8.79 19.52
N ILE A 193 -20.04 -7.92 20.09
CA ILE A 193 -19.67 -7.31 21.33
C ILE A 193 -20.52 -7.85 22.45
N LEU A 194 -19.89 -8.51 23.41
CA LEU A 194 -20.64 -9.04 24.53
C LEU A 194 -20.99 -7.91 25.44
N LYS A 195 -22.14 -7.99 26.08
CA LYS A 195 -22.52 -6.95 27.01
C LYS A 195 -23.11 -7.50 28.28
N CYS A 196 -22.48 -7.13 29.39
CA CYS A 196 -22.96 -7.56 30.71
C CYS A 196 -24.15 -6.70 31.09
N ASN A 197 -25.34 -7.30 31.10
CA ASN A 197 -26.55 -6.59 31.50
C ASN A 197 -26.90 -6.90 32.93
N ASP A 198 -25.96 -7.50 33.64
CA ASP A 198 -26.11 -7.91 35.03
C ASP A 198 -26.05 -6.70 35.96
N LYS A 199 -27.23 -6.14 36.24
CA LYS A 199 -27.41 -4.98 37.09
C LYS A 199 -26.66 -5.07 38.38
N THR A 200 -25.86 -4.04 38.62
CA THR A 200 -24.82 -3.87 39.64
C THR A 200 -23.63 -4.71 39.25
N PHE A 201 -22.48 -4.06 39.18
CA PHE A 201 -21.29 -4.74 38.74
C PHE A 201 -20.06 -3.95 39.09
N ASN A 202 -19.14 -4.59 39.80
CA ASN A 202 -17.93 -3.95 40.30
C ASN A 202 -16.83 -3.72 39.25
N GLY A 203 -17.06 -4.12 38.01
CA GLY A 203 -16.11 -3.85 36.95
C GLY A 203 -15.14 -5.00 36.70
N LYS A 204 -15.11 -5.98 37.59
CA LYS A 204 -14.18 -7.07 37.39
C LYS A 204 -14.74 -8.35 37.95
N GLY A 205 -14.71 -9.40 37.14
CA GLY A 205 -15.19 -10.69 37.56
C GLY A 205 -16.24 -11.21 36.58
N PRO A 206 -16.91 -12.30 36.92
CA PRO A 206 -17.94 -12.98 36.18
C PRO A 206 -19.24 -12.21 36.18
N CYS A 207 -19.84 -12.09 35.01
CA CYS A 207 -21.18 -11.56 34.88
C CYS A 207 -22.12 -12.62 34.40
N LYS A 208 -23.33 -12.63 34.94
CA LYS A 208 -24.29 -13.67 34.63
C LYS A 208 -25.31 -13.26 33.58
N ASN A 209 -25.96 -12.13 33.77
CA ASN A 209 -26.98 -11.71 32.82
C ASN A 209 -26.33 -11.04 31.61
N VAL A 210 -25.82 -11.89 30.73
CA VAL A 210 -25.05 -11.47 29.57
C VAL A 210 -25.88 -11.52 28.31
N SER A 211 -25.81 -10.46 27.54
CA SER A 211 -26.40 -10.42 26.23
C SER A 211 -25.33 -10.12 25.22
N THR A 212 -25.70 -9.99 23.96
CA THR A 212 -24.69 -9.66 22.98
C THR A 212 -25.26 -8.70 21.98
N VAL A 213 -24.43 -7.84 21.43
CA VAL A 213 -24.92 -6.86 20.47
C VAL A 213 -24.06 -6.73 19.22
N GLN A 214 -24.66 -6.23 18.15
CA GLN A 214 -23.93 -5.92 16.93
C GLN A 214 -23.20 -4.59 17.05
N CYS A 215 -23.64 -3.77 17.99
CA CYS A 215 -23.09 -2.45 18.17
C CYS A 215 -23.41 -1.89 19.53
N THR A 216 -22.54 -1.02 20.03
CA THR A 216 -22.72 -0.45 21.37
C THR A 216 -23.83 0.59 21.49
N HIS A 217 -24.20 0.88 22.73
CA HIS A 217 -25.17 1.92 23.01
C HIS A 217 -24.43 3.26 22.90
N GLY A 218 -25.15 4.30 22.54
CA GLY A 218 -24.56 5.60 22.29
C GLY A 218 -23.65 6.13 23.38
N ILE A 219 -22.49 6.61 22.96
CA ILE A 219 -21.55 7.25 23.86
C ILE A 219 -21.31 8.66 23.43
N ARG A 220 -21.42 9.59 24.36
CA ARG A 220 -21.12 10.93 23.98
C ARG A 220 -19.72 11.23 24.43
N PRO A 221 -18.89 11.77 23.56
CA PRO A 221 -17.53 12.15 23.81
C PRO A 221 -17.53 13.35 24.68
N VAL A 222 -16.57 13.48 25.54
CA VAL A 222 -16.53 14.65 26.37
C VAL A 222 -15.19 14.89 26.93
N VAL A 223 -14.79 16.14 26.89
CA VAL A 223 -13.55 16.58 27.44
C VAL A 223 -13.83 17.19 28.78
N SER A 224 -13.44 16.50 29.82
CA SER A 224 -13.74 16.99 31.13
C SER A 224 -12.93 16.27 32.17
N THR A 225 -12.91 16.83 33.36
CA THR A 225 -12.22 16.16 34.44
C THR A 225 -12.95 16.39 35.72
N GLN A 226 -12.64 15.55 36.72
CA GLN A 226 -13.24 15.52 38.07
C GLN A 226 -14.72 15.14 38.15
N LEU A 227 -15.57 15.81 37.38
CA LEU A 227 -16.96 15.42 37.24
C LEU A 227 -17.31 14.92 35.86
N LEU A 228 -18.10 13.85 35.83
CA LEU A 228 -18.53 13.27 34.57
C LEU A 228 -19.82 13.94 34.15
N LEU A 229 -19.83 14.48 32.94
CA LEU A 229 -20.97 15.22 32.44
C LEU A 229 -21.72 14.53 31.33
N ASN A 230 -23.02 14.44 31.52
CA ASN A 230 -23.95 13.84 30.57
C ASN A 230 -23.67 12.38 30.22
N GLY A 231 -23.20 11.59 31.18
CA GLY A 231 -22.94 10.18 30.92
C GLY A 231 -24.19 9.37 31.18
N SER A 232 -24.05 8.05 31.27
CA SER A 232 -25.18 7.20 31.58
C SER A 232 -25.28 6.90 33.05
N LEU A 233 -26.50 6.63 33.50
CA LEU A 233 -26.79 6.41 34.90
C LEU A 233 -26.93 4.95 35.24
N ALA A 234 -26.67 4.64 36.50
CA ALA A 234 -26.90 3.30 37.00
C ALA A 234 -28.39 3.05 37.09
N GLU A 235 -28.75 1.78 37.02
CA GLU A 235 -30.14 1.34 37.02
C GLU A 235 -30.92 1.60 38.30
N GLU A 236 -30.38 1.20 39.45
CA GLU A 236 -31.11 1.31 40.71
C GLU A 236 -30.42 2.19 41.72
N GLU A 237 -29.17 1.84 42.01
CA GLU A 237 -28.45 2.43 43.12
C GLU A 237 -27.10 2.93 42.71
N VAL A 238 -26.54 3.83 43.50
CA VAL A 238 -25.24 4.38 43.21
C VAL A 238 -24.20 3.29 43.30
N VAL A 239 -23.26 3.27 42.37
CA VAL A 239 -22.22 2.26 42.43
C VAL A 239 -20.84 2.86 42.39
N ILE A 240 -19.91 2.14 42.99
CA ILE A 240 -18.55 2.60 43.08
C ILE A 240 -17.59 1.56 42.56
N ARG A 241 -16.67 1.97 41.71
CA ARG A 241 -15.69 1.03 41.20
C ARG A 241 -14.27 1.50 41.35
N SER A 242 -13.36 0.55 41.44
CA SER A 242 -11.95 0.85 41.53
C SER A 242 -11.17 -0.40 41.30
N ASP A 243 -10.07 -0.28 40.57
CA ASP A 243 -9.28 -1.44 40.25
C ASP A 243 -8.87 -2.19 41.50
N ASN A 244 -8.43 -1.46 42.52
CA ASN A 244 -8.07 -2.08 43.78
C ASN A 244 -8.25 -1.11 44.92
N PHE A 245 -9.39 -1.19 45.57
CA PHE A 245 -9.75 -0.29 46.67
C PHE A 245 -8.71 -0.15 47.76
N THR A 246 -7.91 -1.17 48.02
CA THR A 246 -6.92 -1.06 49.05
C THR A 246 -5.71 -0.30 48.55
N ASN A 247 -5.56 -0.23 47.22
CA ASN A 247 -4.47 0.54 46.66
C ASN A 247 -4.91 1.95 46.32
N ASN A 248 -4.40 2.92 47.08
CA ASN A 248 -4.88 4.28 46.94
C ASN A 248 -4.33 4.96 45.70
N ALA A 249 -3.39 4.29 45.04
CA ALA A 249 -2.78 4.79 43.84
C ALA A 249 -3.72 4.56 42.67
N LYS A 250 -4.73 3.72 42.87
CA LYS A 250 -5.73 3.47 41.86
C LYS A 250 -6.82 4.51 42.00
N THR A 251 -7.45 4.83 40.89
CA THR A 251 -8.54 5.79 40.91
C THR A 251 -9.87 5.13 41.21
N ILE A 252 -10.83 5.96 41.58
CA ILE A 252 -12.17 5.54 41.93
C ILE A 252 -13.21 6.19 41.06
N ILE A 253 -14.04 5.40 40.42
CA ILE A 253 -15.08 5.96 39.57
C ILE A 253 -16.43 5.70 40.16
N VAL A 254 -17.19 6.76 40.35
CA VAL A 254 -18.48 6.65 40.95
C VAL A 254 -19.58 6.98 39.97
N GLN A 255 -20.51 6.06 39.80
CA GLN A 255 -21.58 6.27 38.86
C GLN A 255 -22.86 6.45 39.62
N LEU A 256 -23.59 7.51 39.28
CA LEU A 256 -24.74 7.89 40.07
C LEU A 256 -25.98 7.17 39.61
N LYS A 257 -26.96 7.03 40.50
CA LYS A 257 -28.20 6.39 40.10
C LYS A 257 -29.12 7.43 39.48
N GLU A 258 -28.85 8.70 39.78
CA GLU A 258 -29.69 9.80 39.34
C GLU A 258 -28.85 11.03 39.17
N SER A 259 -29.02 11.71 38.06
CA SER A 259 -28.10 12.77 37.71
C SER A 259 -28.43 14.01 38.48
N VAL A 260 -27.47 14.91 38.55
CA VAL A 260 -27.74 16.19 39.18
C VAL A 260 -27.48 17.36 38.26
N GLU A 261 -28.53 18.14 38.06
CA GLU A 261 -28.50 19.32 37.22
C GLU A 261 -27.44 20.30 37.66
N ILE A 262 -26.75 20.85 36.69
CA ILE A 262 -25.88 21.97 36.94
C ILE A 262 -25.93 22.89 35.76
N ASN A 263 -26.06 24.17 36.02
CA ASN A 263 -26.15 25.13 34.94
C ASN A 263 -24.94 26.01 34.95
N CYS A 264 -24.51 26.47 33.79
CA CYS A 264 -23.42 27.43 33.74
C CYS A 264 -23.64 28.51 32.72
N THR A 265 -22.99 29.65 32.95
CA THR A 265 -23.15 30.74 32.03
C THR A 265 -22.07 31.79 32.06
N ARG A 266 -22.03 32.53 30.95
CA ARG A 266 -21.17 33.69 30.72
C ARG A 266 -22.16 34.87 30.57
N PRO A 267 -22.28 35.68 31.61
CA PRO A 267 -23.20 36.79 31.74
C PRO A 267 -22.71 38.11 31.19
N ASN A 268 -22.41 38.11 29.90
CA ASN A 268 -22.10 39.33 29.14
C ASN A 268 -22.21 39.08 27.64
N ASN A 269 -22.04 40.15 26.86
CA ASN A 269 -22.08 40.08 25.40
C ASN A 269 -20.69 40.43 24.88
N ASN A 270 -20.28 39.82 23.77
CA ASN A 270 -18.96 40.13 23.19
C ASN A 270 -18.99 40.44 21.70
N THR A 271 -18.09 41.33 21.27
CA THR A 271 -18.01 41.73 19.89
C THR A 271 -16.89 40.98 19.26
N ARG A 272 -17.19 40.27 18.18
CA ARG A 272 -16.13 39.58 17.44
C ARG A 272 -15.32 40.60 16.68
N LYS A 273 -14.01 40.45 16.76
CA LYS A 273 -13.04 41.25 16.04
C LYS A 273 -12.04 40.40 15.31
N SER A 274 -11.90 40.63 14.02
CA SER A 274 -10.93 39.86 13.28
C SER A 274 -9.69 40.69 13.05
N ILE A 275 -8.55 40.03 12.95
CA ILE A 275 -7.31 40.70 12.63
C ILE A 275 -6.63 39.99 11.49
N HIS A 276 -6.47 40.69 10.39
CA HIS A 276 -5.89 40.06 9.22
C HIS A 276 -4.39 40.03 9.28
N ILE A 277 -3.87 39.07 10.02
CA ILE A 277 -2.44 38.88 10.19
C ILE A 277 -1.75 38.61 8.87
N GLY A 278 -2.41 37.87 8.01
CA GLY A 278 -1.79 37.61 6.73
C GLY A 278 -2.71 36.84 5.81
N PRO A 279 -2.15 36.26 4.75
CA PRO A 279 -2.81 35.48 3.71
C PRO A 279 -3.62 34.31 4.25
N GLY A 280 -4.93 34.43 4.22
CA GLY A 280 -5.78 33.34 4.68
C GLY A 280 -5.65 33.22 6.18
N ARG A 281 -5.09 34.26 6.79
CA ARG A 281 -4.77 34.25 8.18
C ARG A 281 -5.62 35.26 8.90
N ALA A 282 -6.86 34.87 9.18
CA ALA A 282 -7.71 35.70 10.00
C ALA A 282 -7.68 35.23 11.44
N PHE A 283 -7.11 36.06 12.29
CA PHE A 283 -7.10 35.82 13.71
C PHE A 283 -8.28 36.44 14.36
N TYR A 284 -8.92 35.71 15.24
CA TYR A 284 -10.10 36.25 15.88
C TYR A 284 -9.93 36.47 17.36
N THR A 285 -10.48 37.58 17.82
CA THR A 285 -10.43 37.99 19.21
C THR A 285 -11.67 38.79 19.50
N THR A 286 -11.73 39.34 20.69
CA THR A 286 -12.88 40.13 21.05
C THR A 286 -12.53 41.59 20.95
N GLY A 287 -13.32 42.31 20.19
CA GLY A 287 -13.10 43.73 19.96
C GLY A 287 -13.71 44.57 21.05
N GLU A 288 -14.78 44.06 21.67
CA GLU A 288 -15.43 44.83 22.72
C GLU A 288 -16.28 43.98 23.63
N ILE A 289 -16.26 44.31 24.90
CA ILE A 289 -17.16 43.69 25.83
C ILE A 289 -18.35 44.59 26.01
N ILE A 290 -19.51 44.04 25.77
CA ILE A 290 -20.73 44.78 25.90
C ILE A 290 -21.52 44.39 27.12
N GLY A 291 -21.82 45.39 27.93
CA GLY A 291 -22.43 45.18 29.24
C GLY A 291 -21.34 45.06 30.30
N ASP A 292 -21.77 44.98 31.54
CA ASP A 292 -20.83 44.92 32.64
C ASP A 292 -20.12 43.58 32.63
N ILE A 293 -18.89 43.57 33.12
CA ILE A 293 -18.14 42.34 33.17
C ILE A 293 -18.55 41.52 34.35
N ARG A 294 -19.35 40.48 34.14
CA ARG A 294 -19.76 39.71 35.28
C ARG A 294 -19.06 38.38 35.24
N GLN A 295 -18.82 37.81 36.41
CA GLN A 295 -18.01 36.61 36.48
C GLN A 295 -18.78 35.42 35.95
N ALA A 296 -18.15 34.63 35.10
CA ALA A 296 -18.75 33.41 34.62
C ALA A 296 -18.93 32.47 35.77
N HIS A 297 -20.05 31.77 35.80
CA HIS A 297 -20.35 30.95 36.96
C HIS A 297 -21.30 29.81 36.66
N CYS A 298 -21.39 28.88 37.61
CA CYS A 298 -22.32 27.78 37.56
C CYS A 298 -23.25 27.75 38.77
N ASN A 299 -24.37 27.06 38.66
CA ASN A 299 -25.30 26.94 39.78
C ASN A 299 -25.73 25.48 39.98
N ILE A 300 -25.73 25.05 41.25
CA ILE A 300 -26.13 23.69 41.58
C ILE A 300 -26.88 23.58 42.91
N SER A 301 -27.91 22.73 42.96
CA SER A 301 -28.66 22.53 44.21
C SER A 301 -27.82 21.93 45.31
N ARG A 302 -27.77 22.63 46.43
CA ARG A 302 -26.97 22.24 47.57
C ARG A 302 -27.51 20.98 48.19
N ALA A 303 -28.82 20.92 48.28
CA ALA A 303 -29.50 19.78 48.85
C ALA A 303 -29.31 18.55 48.02
N LYS A 304 -29.44 18.66 46.71
CA LYS A 304 -29.28 17.48 45.89
C LYS A 304 -27.89 16.93 46.03
N TRP A 305 -26.91 17.82 45.97
CA TRP A 305 -25.54 17.40 46.05
C TRP A 305 -25.29 16.68 47.36
N ASN A 306 -25.83 17.21 48.44
CA ASN A 306 -25.61 16.64 49.77
C ASN A 306 -26.12 15.23 49.84
N ASP A 307 -27.35 15.03 49.41
CA ASP A 307 -27.96 13.73 49.49
C ASP A 307 -27.32 12.69 48.61
N THR A 308 -26.79 13.11 47.47
CA THR A 308 -26.07 12.13 46.69
C THR A 308 -24.84 11.69 47.44
N LEU A 309 -24.16 12.62 48.07
CA LEU A 309 -22.96 12.24 48.78
C LEU A 309 -23.29 11.28 49.87
N LYS A 310 -24.44 11.47 50.52
CA LYS A 310 -24.85 10.56 51.58
C LYS A 310 -24.81 9.14 51.09
N GLN A 311 -25.42 8.92 49.94
CA GLN A 311 -25.51 7.61 49.35
C GLN A 311 -24.14 7.06 49.03
N ILE A 312 -23.28 7.92 48.51
CA ILE A 312 -21.95 7.53 48.13
C ILE A 312 -21.13 7.10 49.30
N VAL A 313 -21.23 7.85 50.38
CA VAL A 313 -20.52 7.60 51.61
C VAL A 313 -20.87 6.28 52.20
N ILE A 314 -22.14 5.94 52.13
CA ILE A 314 -22.57 4.64 52.56
C ILE A 314 -21.83 3.57 51.82
N LYS A 315 -21.76 3.69 50.52
CA LYS A 315 -21.07 2.70 49.72
C LYS A 315 -19.58 2.72 50.01
N LEU A 316 -19.04 3.88 50.33
CA LEU A 316 -17.64 3.97 50.63
C LEU A 316 -17.33 3.16 51.85
N ARG A 317 -18.21 3.22 52.86
CA ARG A 317 -17.97 2.46 54.06
C ARG A 317 -18.17 0.99 53.79
N GLU A 318 -19.08 0.66 52.87
CA GLU A 318 -19.27 -0.75 52.57
C GLU A 318 -17.98 -1.33 52.05
N GLN A 319 -17.24 -0.51 51.32
CA GLN A 319 -15.93 -0.91 50.89
C GLN A 319 -14.87 -0.80 51.97
N PHE A 320 -15.01 0.19 52.86
CA PHE A 320 -14.01 0.43 53.89
C PHE A 320 -14.52 0.46 55.32
N GLU A 321 -14.90 -0.72 55.83
CA GLU A 321 -15.30 -0.88 57.24
C GLU A 321 -16.22 0.23 57.72
N ASN A 322 -15.83 0.90 58.79
CA ASN A 322 -16.59 2.02 59.31
C ASN A 322 -15.57 3.05 59.70
N LYS A 323 -15.25 3.92 58.75
CA LYS A 323 -14.20 4.90 58.94
C LYS A 323 -14.72 6.32 58.82
N THR A 324 -13.81 7.25 59.03
CA THR A 324 -14.06 8.67 58.87
C THR A 324 -13.98 9.07 57.40
N ILE A 325 -15.09 9.46 56.79
CA ILE A 325 -15.08 9.78 55.36
C ILE A 325 -15.00 11.27 55.04
N VAL A 326 -13.91 11.67 54.38
CA VAL A 326 -13.64 13.09 54.16
C VAL A 326 -13.67 13.55 52.71
N PHE A 327 -14.26 14.72 52.48
CA PHE A 327 -14.19 15.38 51.18
C PHE A 327 -13.50 16.73 51.26
N ASN A 328 -12.29 16.79 50.71
CA ASN A 328 -11.43 17.96 50.72
C ASN A 328 -11.12 18.39 49.29
N HIS A 329 -10.46 19.53 49.12
CA HIS A 329 -10.14 20.00 47.78
C HIS A 329 -8.78 19.43 47.39
N SER A 330 -8.43 19.47 46.11
CA SER A 330 -7.20 18.83 45.69
C SER A 330 -5.97 19.62 46.12
N SER A 331 -4.79 19.06 45.86
CA SER A 331 -3.54 19.57 46.40
C SER A 331 -3.15 20.96 45.91
N GLY A 332 -3.79 21.44 44.83
CA GLY A 332 -3.52 22.80 44.35
C GLY A 332 -2.46 22.79 43.24
N GLY A 333 -2.29 23.94 42.59
CA GLY A 333 -1.31 24.06 41.50
C GLY A 333 -1.96 24.33 40.14
N ASP A 334 -1.37 23.74 39.11
CA ASP A 334 -1.79 23.89 37.72
C ASP A 334 -3.29 23.74 37.51
N PRO A 335 -4.01 24.82 37.16
CA PRO A 335 -5.45 24.91 36.90
C PRO A 335 -5.96 23.83 35.96
N GLU A 336 -5.12 23.39 35.02
CA GLU A 336 -5.52 22.44 33.99
C GLU A 336 -5.73 21.04 34.54
N ILE A 337 -5.06 20.71 35.63
CA ILE A 337 -5.18 19.39 36.21
C ILE A 337 -5.79 19.49 37.61
N VAL A 338 -5.80 20.69 38.16
CA VAL A 338 -6.25 20.92 39.52
C VAL A 338 -7.67 21.42 39.59
N MET A 339 -8.04 22.33 38.71
CA MET A 339 -9.41 22.85 38.74
C MET A 339 -10.37 21.97 37.95
N HIS A 340 -11.66 22.12 38.23
CA HIS A 340 -12.67 21.37 37.49
C HIS A 340 -12.62 21.97 36.09
N SER A 341 -12.65 21.13 35.06
CA SER A 341 -12.57 21.65 33.71
C SER A 341 -13.55 21.03 32.72
N PHE A 342 -14.12 21.88 31.86
CA PHE A 342 -14.96 21.44 30.79
C PHE A 342 -15.13 22.43 29.66
N ASN A 343 -15.34 21.88 28.48
CA ASN A 343 -15.59 22.63 27.26
C ASN A 343 -17.06 22.82 27.02
N CYS A 344 -17.54 24.04 27.15
CA CYS A 344 -18.92 24.33 26.89
C CYS A 344 -19.07 25.12 25.63
N GLY A 345 -19.44 24.44 24.57
CA GLY A 345 -19.83 25.10 23.34
C GLY A 345 -18.64 25.78 22.68
N GLY A 346 -17.45 25.24 22.88
CA GLY A 346 -16.28 25.81 22.29
C GLY A 346 -15.52 26.67 23.29
N GLU A 347 -16.15 27.02 24.40
CA GLU A 347 -15.44 27.80 25.38
C GLU A 347 -14.99 26.91 26.50
N PHE A 348 -13.88 27.27 27.11
CA PHE A 348 -13.35 26.43 28.16
C PHE A 348 -13.45 27.07 29.51
N PHE A 349 -14.13 26.35 30.39
CA PHE A 349 -14.32 26.82 31.73
C PHE A 349 -13.60 25.98 32.75
N TYR A 350 -13.03 26.68 33.72
CA TYR A 350 -12.31 26.05 34.81
C TYR A 350 -12.93 26.49 36.11
N CYS A 351 -13.47 25.56 36.89
CA CYS A 351 -14.03 26.00 38.16
C CYS A 351 -13.39 25.51 39.45
N ASN A 352 -13.75 26.17 40.55
CA ASN A 352 -13.22 25.86 41.86
C ASN A 352 -14.17 24.87 42.50
N SER A 353 -13.89 23.59 42.31
CA SER A 353 -14.72 22.53 42.88
C SER A 353 -14.69 22.41 44.40
N THR A 354 -13.89 23.21 45.06
CA THR A 354 -13.82 23.12 46.52
C THR A 354 -15.20 23.22 47.14
N GLN A 355 -16.07 24.02 46.56
CA GLN A 355 -17.38 24.23 47.16
C GLN A 355 -18.13 22.93 47.34
N LEU A 356 -17.87 21.97 46.45
CA LEU A 356 -18.57 20.70 46.44
C LEU A 356 -17.93 19.71 47.37
N PHE A 357 -16.67 19.95 47.66
CA PHE A 357 -15.84 19.08 48.46
C PHE A 357 -15.22 19.76 49.65
N ASN A 358 -16.04 20.02 50.66
CA ASN A 358 -15.64 20.73 51.86
C ASN A 358 -16.45 20.24 53.04
N SER A 359 -16.38 18.94 53.34
CA SER A 359 -17.20 18.39 54.41
C SER A 359 -16.80 16.97 54.78
N THR A 360 -17.31 16.51 55.91
CA THR A 360 -17.08 15.14 56.32
C THR A 360 -18.36 14.42 56.69
N TRP A 361 -18.31 13.11 56.52
CA TRP A 361 -19.43 12.21 56.73
C TRP A 361 -18.87 11.01 57.44
N ASN A 362 -18.48 11.23 58.68
CA ASN A 362 -17.91 10.18 59.51
C ASN A 362 -18.90 9.47 60.40
N ASN A 363 -20.15 9.91 60.38
CA ASN A 363 -21.18 9.32 61.22
C ASN A 363 -22.51 10.04 61.10
N ASN A 364 -23.57 9.41 61.59
CA ASN A 364 -24.91 9.97 61.55
C ASN A 364 -24.94 11.47 61.82
N THR A 365 -25.72 12.20 61.01
CA THR A 365 -25.83 13.64 61.17
C THR A 365 -27.18 14.15 60.65
N THR A 371 -26.28 25.45 55.75
CA THR A 371 -25.09 26.29 55.91
C THR A 371 -25.32 27.71 55.40
N GLU A 372 -25.32 27.86 54.07
CA GLU A 372 -25.54 29.18 53.47
C GLU A 372 -26.21 29.08 52.11
N GLY A 373 -27.45 29.52 52.04
CA GLY A 373 -28.25 29.43 50.81
C GLY A 373 -28.75 28.02 50.57
N ASN A 374 -29.43 27.85 49.45
CA ASN A 374 -29.98 26.56 49.06
C ASN A 374 -29.29 26.01 47.82
N THR A 375 -28.65 26.87 47.08
CA THR A 375 -27.90 26.50 45.90
C THR A 375 -26.54 27.08 46.03
N ILE A 376 -25.58 26.41 45.42
CA ILE A 376 -24.23 26.87 45.37
C ILE A 376 -23.94 27.54 44.06
N THR A 377 -23.47 28.76 44.14
CA THR A 377 -23.00 29.44 42.96
C THR A 377 -21.52 29.32 42.90
N LEU A 378 -21.03 28.71 41.84
CA LEU A 378 -19.62 28.48 41.72
C LEU A 378 -19.02 29.14 40.51
N PRO A 379 -18.24 30.19 40.72
CA PRO A 379 -17.57 30.99 39.72
C PRO A 379 -16.40 30.26 39.12
N CYS A 380 -16.15 30.58 37.86
CA CYS A 380 -15.08 29.96 37.15
C CYS A 380 -14.29 30.94 36.33
N ARG A 381 -13.17 30.47 35.82
CA ARG A 381 -12.31 31.22 34.96
C ARG A 381 -12.36 30.69 33.55
N ILE A 382 -12.07 31.56 32.60
CA ILE A 382 -12.03 31.16 31.20
C ILE A 382 -10.62 31.23 30.71
N LYS A 383 -10.23 30.23 29.96
CA LYS A 383 -8.89 30.20 29.41
C LYS A 383 -8.99 29.98 27.91
N GLN A 384 -8.29 30.81 27.13
CA GLN A 384 -8.42 30.70 25.69
C GLN A 384 -7.36 29.80 25.06
N ILE A 385 -6.26 29.59 25.78
CA ILE A 385 -5.18 28.77 25.25
C ILE A 385 -5.21 27.44 25.95
N ILE A 386 -5.51 26.39 25.23
CA ILE A 386 -5.70 25.11 25.85
C ILE A 386 -4.65 24.09 25.53
N ASN A 387 -4.22 23.34 26.53
CA ASN A 387 -3.22 22.32 26.31
C ASN A 387 -3.87 20.98 26.42
N MET A 388 -4.66 20.64 25.41
CA MET A 388 -5.37 19.38 25.37
C MET A 388 -4.43 18.18 25.44
N TRP A 389 -4.74 17.25 26.32
CA TRP A 389 -4.00 16.00 26.44
C TRP A 389 -2.53 16.23 26.78
N GLN A 390 -2.23 17.41 27.31
CA GLN A 390 -0.88 17.80 27.68
C GLN A 390 0.17 17.49 26.60
N GLU A 391 -0.13 17.83 25.35
CA GLU A 391 0.77 17.55 24.25
C GLU A 391 1.80 18.66 24.12
N VAL A 392 3.03 18.38 24.56
CA VAL A 392 4.08 19.36 24.48
C VAL A 392 4.44 19.67 23.05
N GLY A 393 4.31 20.93 22.69
CA GLY A 393 4.64 21.38 21.36
C GLY A 393 3.40 21.83 20.61
N LYS A 394 2.23 21.33 21.00
CA LYS A 394 1.03 21.65 20.27
C LYS A 394 -0.01 22.28 21.15
N ALA A 395 -0.11 23.59 21.04
CA ALA A 395 -1.02 24.36 21.86
C ALA A 395 -2.17 24.80 21.01
N MET A 396 -3.37 24.78 21.56
CA MET A 396 -4.52 25.20 20.79
C MET A 396 -5.14 26.46 21.29
N TYR A 397 -5.54 27.30 20.38
CA TYR A 397 -6.20 28.52 20.76
C TYR A 397 -7.63 28.48 20.33
N ALA A 398 -8.52 28.90 21.21
CA ALA A 398 -9.93 28.93 20.91
C ALA A 398 -10.44 30.37 20.87
N PRO A 399 -11.13 30.75 19.79
CA PRO A 399 -11.73 32.05 19.54
C PRO A 399 -12.99 32.21 20.35
N PRO A 400 -13.38 33.45 20.64
CA PRO A 400 -14.57 33.85 21.34
C PRO A 400 -15.77 33.64 20.43
N ILE A 401 -16.94 33.46 21.06
CA ILE A 401 -18.18 33.22 20.33
C ILE A 401 -19.26 34.27 20.59
N ARG A 402 -18.83 35.50 20.89
CA ARG A 402 -19.73 36.65 21.02
C ARG A 402 -20.75 36.65 22.16
N GLY A 403 -20.39 36.13 23.33
CA GLY A 403 -21.22 36.31 24.51
C GLY A 403 -22.42 35.40 24.49
N GLN A 404 -23.32 35.64 25.46
CA GLN A 404 -24.50 34.84 25.68
C GLN A 404 -24.17 33.37 25.79
N ILE A 405 -23.29 33.03 26.71
CA ILE A 405 -22.94 31.62 26.77
C ILE A 405 -23.75 30.96 27.83
N ARG A 406 -24.50 29.95 27.46
CA ARG A 406 -25.44 29.34 28.37
C ARG A 406 -25.54 27.86 28.18
N CYS A 407 -25.11 27.11 29.18
CA CYS A 407 -25.14 25.67 29.07
C CYS A 407 -25.79 25.06 30.26
N SER A 408 -26.23 23.83 30.09
CA SER A 408 -26.63 23.04 31.22
C SER A 408 -26.22 21.62 31.00
N SER A 409 -25.93 20.94 32.09
CA SER A 409 -25.45 19.59 31.99
C SER A 409 -25.87 18.77 33.17
N ASN A 410 -25.61 17.49 33.10
CA ASN A 410 -26.00 16.61 34.16
C ASN A 410 -24.79 15.93 34.76
N ILE A 411 -24.52 16.13 36.04
CA ILE A 411 -23.42 15.39 36.59
C ILE A 411 -23.89 14.00 36.80
N THR A 412 -23.17 13.05 36.24
CA THR A 412 -23.60 11.68 36.28
C THR A 412 -22.59 10.77 36.98
N GLY A 413 -21.48 11.34 37.44
CA GLY A 413 -20.52 10.51 38.16
C GLY A 413 -19.27 11.27 38.60
N LEU A 414 -18.52 10.66 39.50
CA LEU A 414 -17.36 11.31 40.09
C LEU A 414 -16.04 10.63 39.84
N LEU A 415 -14.97 11.41 39.71
CA LEU A 415 -13.65 10.82 39.64
C LEU A 415 -12.85 11.11 40.89
N LEU A 416 -12.84 10.16 41.79
CA LEU A 416 -12.24 10.33 43.10
C LEU A 416 -10.99 9.51 43.29
N THR A 417 -10.11 10.01 44.13
CA THR A 417 -8.94 9.26 44.51
C THR A 417 -8.79 9.32 46.02
N ARG A 418 -8.03 8.41 46.57
CA ARG A 418 -7.85 8.42 48.00
C ARG A 418 -6.44 8.82 48.35
N ASP A 419 -6.32 9.64 49.39
CA ASP A 419 -5.02 10.12 49.81
C ASP A 419 -4.08 9.02 50.24
N GLY A 420 -2.83 9.15 49.80
CA GLY A 420 -1.81 8.18 50.14
C GLY A 420 -1.36 8.39 51.58
N GLY A 421 -0.92 7.31 52.23
CA GLY A 421 -0.51 7.37 53.62
C GLY A 421 -1.73 7.52 54.52
N ILE A 422 -1.48 7.81 55.79
CA ILE A 422 -2.57 7.99 56.72
C ILE A 422 -2.11 8.75 57.95
N ASN A 423 -3.05 9.42 58.61
CA ASN A 423 -2.77 10.19 59.82
C ASN A 423 -3.16 9.44 61.10
N GLU A 424 -3.27 8.11 60.98
CA GLU A 424 -3.66 7.18 62.02
C GLU A 424 -4.94 7.51 62.77
N ASN A 425 -5.90 8.15 62.10
CA ASN A 425 -7.14 8.50 62.76
C ASN A 425 -8.32 7.68 62.26
N GLY A 426 -8.06 6.61 61.51
CA GLY A 426 -9.14 5.83 60.93
C GLY A 426 -9.85 6.65 59.87
N THR A 427 -9.08 7.51 59.21
CA THR A 427 -9.63 8.48 58.29
C THR A 427 -9.21 8.26 56.86
N GLU A 428 -10.20 8.26 55.99
CA GLU A 428 -9.95 8.11 54.58
C GLU A 428 -10.45 9.34 53.87
N ILE A 429 -9.53 10.03 53.23
CA ILE A 429 -9.86 11.26 52.54
C ILE A 429 -9.96 11.04 51.05
N PHE A 430 -11.09 11.41 50.51
CA PHE A 430 -11.31 11.25 49.09
C PHE A 430 -11.40 12.59 48.42
N ARG A 431 -10.74 12.71 47.28
CA ARG A 431 -10.67 14.01 46.64
C ARG A 431 -10.82 13.91 45.15
N PRO A 432 -11.30 14.97 44.51
CA PRO A 432 -11.39 15.13 43.07
C PRO A 432 -10.04 14.84 42.48
N GLY A 433 -9.96 13.87 41.59
CA GLY A 433 -8.66 13.54 41.07
C GLY A 433 -8.68 12.90 39.70
N GLY A 434 -7.88 11.85 39.57
CA GLY A 434 -7.73 11.14 38.32
C GLY A 434 -6.73 11.90 37.48
N GLY A 435 -7.22 12.62 36.49
CA GLY A 435 -6.33 13.39 35.62
C GLY A 435 -6.15 12.74 34.27
N ASP A 436 -6.37 11.44 34.21
CA ASP A 436 -6.26 10.75 32.95
C ASP A 436 -7.62 10.58 32.32
N MET A 437 -7.80 11.25 31.19
CA MET A 437 -9.11 11.40 30.58
C MET A 437 -9.64 10.07 30.08
N ARG A 438 -8.77 9.08 29.92
CA ARG A 438 -9.17 7.80 29.39
C ARG A 438 -10.03 7.05 30.37
N ASP A 439 -10.07 7.52 31.61
CA ASP A 439 -11.00 7.01 32.59
C ASP A 439 -12.40 7.44 32.24
N ASN A 440 -12.50 8.61 31.61
CA ASN A 440 -13.82 9.09 31.24
C ASN A 440 -14.52 8.04 30.42
N TRP A 441 -13.76 7.37 29.59
CA TRP A 441 -14.34 6.37 28.73
C TRP A 441 -14.70 5.12 29.46
N ARG A 442 -13.95 4.83 30.51
CA ARG A 442 -14.10 3.61 31.27
C ARG A 442 -15.44 3.59 31.94
N SER A 443 -15.92 4.79 32.31
CA SER A 443 -17.23 4.96 32.93
C SER A 443 -18.41 4.72 31.98
N GLU A 444 -18.16 4.48 30.69
CA GLU A 444 -19.21 4.16 29.75
C GLU A 444 -19.00 2.79 29.13
N LEU A 445 -17.74 2.39 29.03
CA LEU A 445 -17.40 1.11 28.45
C LEU A 445 -17.34 -0.05 29.41
N TYR A 446 -17.64 0.18 30.68
CA TYR A 446 -17.57 -0.87 31.71
C TYR A 446 -18.49 -2.07 31.46
N LYS A 447 -19.45 -1.96 30.56
CA LYS A 447 -20.32 -3.08 30.23
C LYS A 447 -19.87 -3.92 29.06
N TYR A 448 -18.95 -3.41 28.23
CA TYR A 448 -18.70 -4.08 26.96
C TYR A 448 -17.42 -4.90 26.82
N LYS A 449 -17.47 -5.89 25.91
CA LYS A 449 -16.33 -6.75 25.61
C LYS A 449 -16.37 -7.20 24.18
N VAL A 450 -15.24 -7.17 23.50
CA VAL A 450 -15.23 -7.49 22.08
C VAL A 450 -14.78 -8.91 21.83
N VAL A 451 -15.59 -9.69 21.14
CA VAL A 451 -15.16 -11.01 20.75
C VAL A 451 -15.35 -11.26 19.28
N LYS A 452 -14.83 -12.38 18.84
CA LYS A 452 -14.97 -12.79 17.47
C LYS A 452 -15.50 -14.20 17.40
N ILE A 453 -16.31 -14.48 16.41
CA ILE A 453 -16.97 -15.77 16.35
C ILE A 453 -16.36 -16.64 15.28
N GLU A 454 -16.13 -17.91 15.62
CA GLU A 454 -15.61 -18.90 14.66
C GLU A 454 -16.63 -19.99 14.42
N PRO A 455 -17.33 -19.94 13.29
CA PRO A 455 -18.39 -20.81 12.81
C PRO A 455 -18.04 -22.28 12.79
N LEU A 456 -16.82 -22.56 12.38
CA LEU A 456 -16.35 -23.91 12.13
C LEU A 456 -16.08 -24.77 13.36
N GLY A 457 -16.53 -26.02 13.33
CA GLY A 457 -16.17 -26.99 14.35
C GLY A 457 -16.37 -28.45 13.91
N VAL A 458 -15.76 -29.37 14.65
CA VAL A 458 -15.82 -30.79 14.33
C VAL A 458 -16.44 -31.59 15.46
N ALA A 459 -16.96 -32.78 15.14
CA ALA A 459 -17.58 -33.62 16.16
C ALA A 459 -17.61 -35.07 15.67
N PRO A 460 -17.68 -36.04 16.57
CA PRO A 460 -17.62 -37.46 16.30
C PRO A 460 -18.96 -38.01 15.77
N THR A 461 -18.97 -39.33 15.54
CA THR A 461 -20.11 -40.12 15.06
C THR A 461 -21.27 -39.75 16.00
N LYS A 462 -22.52 -39.97 15.56
CA LYS A 462 -22.85 -40.80 14.42
C LYS A 462 -22.59 -40.17 13.06
N ALA A 463 -22.71 -41.03 12.03
CA ALA A 463 -22.76 -40.71 10.59
C ALA A 463 -21.56 -41.28 9.83
N LYS A 464 -21.59 -41.11 8.52
CA LYS A 464 -20.56 -41.63 7.62
C LYS A 464 -20.61 -40.93 6.27
N ARG A 465 -19.49 -40.86 5.55
CA ARG A 465 -19.47 -40.11 4.31
C ARG A 465 -20.32 -40.78 3.22
N ARG A 466 -20.19 -42.09 3.08
CA ARG A 466 -20.91 -42.79 2.01
C ARG A 466 -20.14 -42.76 0.69
N VAL A 467 -19.23 -43.71 0.53
CA VAL A 467 -18.35 -43.73 -0.64
C VAL A 467 -18.33 -45.10 -1.29
N VAL A 468 -17.74 -45.17 -2.48
CA VAL A 468 -17.65 -46.41 -3.23
C VAL A 468 -16.25 -47.00 -3.07
N GLN A 469 -16.16 -48.26 -2.68
CA GLN A 469 -14.87 -48.93 -2.64
C GLN A 469 -14.95 -50.14 -3.57
N ARG A 470 -13.80 -50.50 -4.16
CA ARG A 470 -12.53 -49.81 -3.95
C ARG A 470 -12.34 -48.68 -4.96
N GLY B 10 -26.69 -12.35 14.95
CA GLY B 10 -25.98 -12.68 16.17
C GLY B 10 -26.42 -14.02 16.71
N PHE B 11 -26.23 -15.05 15.90
CA PHE B 11 -26.64 -16.43 16.22
C PHE B 11 -25.93 -17.23 17.33
N LEU B 12 -25.91 -16.72 18.55
CA LEU B 12 -25.28 -17.48 19.60
C LEU B 12 -26.25 -18.07 20.59
N GLY B 13 -27.54 -18.16 20.24
CA GLY B 13 -28.55 -18.64 21.16
C GLY B 13 -28.19 -20.00 21.74
N ALA B 14 -27.57 -20.86 20.90
CA ALA B 14 -27.18 -22.22 21.23
C ALA B 14 -26.10 -22.29 22.30
N ALA B 15 -25.39 -21.19 22.55
CA ALA B 15 -24.33 -21.14 23.54
C ALA B 15 -24.81 -21.52 24.92
N GLY B 16 -26.09 -21.33 25.22
CA GLY B 16 -26.63 -21.65 26.53
C GLY B 16 -27.03 -23.09 26.68
N SER B 17 -26.79 -23.89 25.65
CA SER B 17 -27.10 -25.28 25.72
C SER B 17 -25.87 -26.14 25.53
N THR B 18 -26.11 -27.42 25.60
CA THR B 18 -25.10 -28.42 25.38
C THR B 18 -25.07 -28.74 23.93
N MET B 19 -24.07 -29.50 23.52
CA MET B 19 -23.90 -29.78 22.11
C MET B 19 -25.11 -30.48 21.57
N GLY B 20 -25.65 -31.43 22.33
CA GLY B 20 -26.90 -32.02 21.96
C GLY B 20 -27.91 -30.98 22.34
N ALA B 21 -28.80 -30.64 21.41
CA ALA B 21 -29.74 -29.52 21.54
C ALA B 21 -29.21 -28.47 20.62
N ALA B 22 -27.97 -28.01 20.87
CA ALA B 22 -27.36 -27.04 19.99
C ALA B 22 -27.37 -27.57 18.56
N SER B 23 -27.10 -28.87 18.42
CA SER B 23 -27.11 -29.57 17.15
C SER B 23 -28.48 -29.63 16.48
N MET B 24 -29.53 -29.34 17.24
CA MET B 24 -30.86 -29.30 16.69
C MET B 24 -31.19 -27.89 16.27
N THR B 25 -30.36 -26.94 16.72
CA THR B 25 -30.63 -25.54 16.49
C THR B 25 -29.68 -24.95 15.49
N LEU B 26 -28.64 -25.70 15.13
CA LEU B 26 -27.73 -25.22 14.11
C LEU B 26 -28.43 -25.06 12.78
N THR B 27 -29.39 -25.95 12.51
CA THR B 27 -30.15 -25.88 11.27
C THR B 27 -31.27 -24.91 11.41
N VAL B 28 -31.63 -24.62 12.66
CA VAL B 28 -32.63 -23.61 12.94
C VAL B 28 -32.04 -22.23 12.69
N GLN B 29 -30.77 -22.06 13.04
CA GLN B 29 -30.09 -20.82 12.78
C GLN B 29 -30.07 -20.52 11.31
N ALA B 30 -29.68 -21.51 10.51
CA ALA B 30 -29.63 -21.40 9.05
C ALA B 30 -29.27 -20.00 8.57
N ARG B 31 -30.25 -19.09 8.64
CA ARG B 31 -30.04 -17.72 8.21
C ARG B 31 -28.72 -17.19 8.74
N LEU B 32 -27.83 -16.82 7.83
CA LEU B 32 -26.51 -16.31 8.18
C LEU B 32 -26.48 -15.45 9.44
N LEU B 33 -25.34 -15.45 10.11
CA LEU B 33 -25.15 -14.72 11.36
C LEU B 33 -25.31 -13.21 11.19
N LEU B 34 -25.38 -12.76 9.94
CA LEU B 34 -25.54 -11.40 9.46
C LEU B 34 -25.03 -11.39 8.03
N SER B 35 -24.59 -10.22 7.54
CA SER B 35 -24.23 -10.09 6.14
C SER B 35 -25.52 -10.42 5.36
N GLY B 36 -25.46 -10.78 4.10
CA GLY B 36 -26.69 -11.06 3.39
C GLY B 36 -27.55 -9.80 3.29
N ILE B 37 -28.66 -9.79 4.02
CA ILE B 37 -29.54 -8.64 4.07
C ILE B 37 -28.85 -7.43 4.64
N VAL B 38 -27.83 -7.65 5.47
CA VAL B 38 -27.03 -6.57 6.00
C VAL B 38 -26.27 -5.94 4.86
N GLN B 39 -25.80 -6.78 3.92
CA GLN B 39 -25.09 -6.26 2.77
C GLN B 39 -26.07 -5.49 1.88
N GLN B 40 -27.34 -5.91 1.87
CA GLN B 40 -28.37 -5.18 1.15
C GLN B 40 -28.58 -3.81 1.79
N GLN B 41 -28.53 -3.76 3.12
CA GLN B 41 -28.62 -2.51 3.82
C GLN B 41 -27.36 -1.71 3.53
N ASN B 42 -26.25 -2.41 3.42
CA ASN B 42 -25.01 -1.77 3.09
C ASN B 42 -25.07 -1.23 1.68
N ASN B 43 -25.83 -1.86 0.77
CA ASN B 43 -25.96 -1.33 -0.59
C ASN B 43 -26.52 0.07 -0.54
N LEU B 44 -27.48 0.27 0.34
CA LEU B 44 -28.03 1.59 0.52
C LEU B 44 -26.94 2.54 1.00
N LEU B 45 -26.07 2.01 1.86
CA LEU B 45 -24.97 2.78 2.38
C LEU B 45 -23.87 2.97 1.35
N ARG B 46 -23.76 2.04 0.40
CA ARG B 46 -22.79 2.11 -0.66
C ARG B 46 -23.15 3.24 -1.58
N ALA B 47 -24.45 3.50 -1.74
CA ALA B 47 -24.87 4.67 -2.49
C ALA B 47 -24.37 5.91 -1.77
N ILE B 48 -24.58 5.94 -0.45
CA ILE B 48 -24.13 7.05 0.38
C ILE B 48 -22.64 7.27 0.31
N GLU B 49 -21.86 6.18 0.23
CA GLU B 49 -20.41 6.26 0.09
C GLU B 49 -19.92 7.33 -0.90
N ALA B 50 -20.72 7.71 -1.91
CA ALA B 50 -20.33 8.77 -2.84
C ALA B 50 -20.12 10.08 -2.08
N GLN B 51 -20.98 10.33 -1.10
CA GLN B 51 -20.88 11.48 -0.22
C GLN B 51 -19.65 11.34 0.64
N GLN B 52 -19.39 10.11 1.04
CA GLN B 52 -18.26 9.79 1.89
C GLN B 52 -16.96 9.73 1.08
N ARG B 53 -17.09 9.73 -0.24
CA ARG B 53 -15.96 9.85 -1.14
C ARG B 53 -15.60 11.32 -1.22
N MET B 54 -16.60 12.15 -1.51
CA MET B 54 -16.43 13.59 -1.61
C MET B 54 -15.90 14.15 -0.31
N LEU B 55 -16.32 13.55 0.80
CA LEU B 55 -15.83 13.81 2.14
C LEU B 55 -14.33 14.04 2.23
N GLN B 56 -13.57 13.20 1.51
CA GLN B 56 -12.11 13.15 1.49
C GLN B 56 -11.62 12.16 2.54
N LEU B 57 -10.31 12.01 2.62
CA LEU B 57 -9.69 11.08 3.55
C LEU B 57 -9.79 11.54 5.00
N THR B 58 -10.47 10.76 5.82
CA THR B 58 -10.62 11.09 7.22
C THR B 58 -10.57 9.83 8.05
N VAL B 59 -10.12 9.97 9.29
CA VAL B 59 -10.00 8.83 10.20
C VAL B 59 -11.13 7.83 10.10
N TRP B 60 -12.24 8.11 10.75
CA TRP B 60 -13.34 7.19 10.70
C TRP B 60 -13.53 6.57 9.35
N GLY B 61 -13.36 7.36 8.30
CA GLY B 61 -13.54 6.82 6.96
C GLY B 61 -12.52 5.73 6.72
N ILE B 62 -11.30 5.97 7.17
CA ILE B 62 -10.23 5.04 7.00
C ILE B 62 -10.50 3.77 7.76
N LYS B 63 -10.94 3.92 9.00
CA LYS B 63 -11.27 2.78 9.82
C LYS B 63 -12.32 1.94 9.16
N GLN B 64 -13.33 2.58 8.60
CA GLN B 64 -14.40 1.88 7.94
C GLN B 64 -13.90 1.04 6.81
N LEU B 65 -13.05 1.63 5.99
CA LEU B 65 -12.49 0.90 4.88
C LEU B 65 -11.79 -0.35 5.38
N GLN B 66 -11.00 -0.19 6.42
CA GLN B 66 -10.27 -1.30 7.00
C GLN B 66 -11.20 -2.34 7.58
N ALA B 67 -12.30 -1.87 8.18
CA ALA B 67 -13.29 -2.75 8.77
C ALA B 67 -13.96 -3.60 7.73
N ARG B 68 -14.25 -3.01 6.58
CA ARG B 68 -14.86 -3.77 5.51
C ARG B 68 -13.93 -4.86 5.04
N VAL B 69 -12.67 -4.51 4.86
CA VAL B 69 -11.68 -5.46 4.42
C VAL B 69 -11.58 -6.62 5.37
N LEU B 70 -11.54 -6.32 6.66
CA LEU B 70 -11.43 -7.36 7.68
C LEU B 70 -12.61 -8.28 7.66
N ALA B 71 -13.80 -7.71 7.62
CA ALA B 71 -15.01 -8.50 7.65
C ALA B 71 -15.00 -9.50 6.52
N VAL B 72 -14.71 -9.01 5.33
CA VAL B 72 -14.70 -9.85 4.15
C VAL B 72 -13.67 -10.94 4.24
N GLU B 73 -12.49 -10.59 4.71
CA GLU B 73 -11.44 -11.57 4.88
C GLU B 73 -11.86 -12.70 5.78
N ARG B 74 -12.58 -12.38 6.85
CA ARG B 74 -13.00 -13.45 7.73
C ARG B 74 -13.99 -14.34 7.07
N TYR B 75 -14.95 -13.74 6.39
CA TYR B 75 -15.96 -14.51 5.71
C TYR B 75 -15.38 -15.52 4.75
N LEU B 76 -14.49 -15.06 3.90
CA LEU B 76 -13.91 -15.95 2.91
C LEU B 76 -13.01 -17.00 3.47
N GLY B 77 -12.25 -16.68 4.50
CA GLY B 77 -11.40 -17.68 5.11
C GLY B 77 -12.22 -18.83 5.64
N ASP B 78 -13.35 -18.50 6.25
CA ASP B 78 -14.17 -19.54 6.83
C ASP B 78 -14.81 -20.38 5.74
N GLN B 79 -15.25 -19.72 4.68
CA GLN B 79 -15.87 -20.41 3.59
C GLN B 79 -14.91 -21.32 2.86
N GLN B 80 -13.69 -20.84 2.68
CA GLN B 80 -12.69 -21.53 1.89
C GLN B 80 -12.60 -22.97 2.27
N LEU B 81 -12.38 -23.22 3.54
CA LEU B 81 -12.20 -24.58 3.99
C LEU B 81 -13.35 -25.47 3.64
N LEU B 82 -14.56 -24.95 3.70
CA LEU B 82 -15.69 -25.79 3.39
C LEU B 82 -15.65 -26.24 1.96
N GLY B 83 -15.17 -25.37 1.08
CA GLY B 83 -15.05 -25.73 -0.31
C GLY B 83 -14.02 -26.81 -0.49
N ILE B 84 -12.86 -26.63 0.10
CA ILE B 84 -11.76 -27.55 -0.09
C ILE B 84 -12.07 -28.91 0.45
N TRP B 85 -12.88 -28.95 1.50
CA TRP B 85 -13.25 -30.18 2.16
C TRP B 85 -14.24 -31.03 1.39
N GLY B 86 -14.82 -30.50 0.31
CA GLY B 86 -15.74 -31.29 -0.46
C GLY B 86 -17.10 -31.32 0.19
N CYS B 87 -17.25 -30.51 1.23
CA CYS B 87 -18.48 -30.47 2.00
C CYS B 87 -19.34 -29.29 1.61
N SER B 88 -18.69 -28.23 1.18
CA SER B 88 -19.43 -27.06 0.74
C SER B 88 -20.35 -26.62 1.84
N GLY B 89 -21.64 -26.61 1.58
CA GLY B 89 -22.56 -26.30 2.62
C GLY B 89 -23.93 -25.98 2.03
N LYS B 90 -25.01 -26.37 2.74
CA LYS B 90 -25.01 -27.31 3.90
C LYS B 90 -24.33 -26.79 5.16
N LEU B 91 -24.97 -27.05 6.27
CA LEU B 91 -24.44 -26.68 7.56
C LEU B 91 -23.88 -27.87 8.29
N ILE B 92 -24.32 -29.04 7.90
CA ILE B 92 -23.87 -30.26 8.50
C ILE B 92 -23.45 -31.20 7.43
N CYS B 93 -22.20 -31.60 7.47
CA CYS B 93 -21.74 -32.62 6.54
C CYS B 93 -20.90 -33.65 7.21
N THR B 94 -20.56 -34.67 6.46
CA THR B 94 -19.79 -35.76 7.03
C THR B 94 -18.55 -35.97 6.21
N THR B 95 -17.59 -36.68 6.78
CA THR B 95 -16.37 -36.96 6.08
C THR B 95 -15.83 -38.29 6.56
N ALA B 96 -15.19 -39.03 5.69
CA ALA B 96 -14.72 -40.35 6.10
C ALA B 96 -13.35 -40.36 6.78
N VAL B 97 -13.26 -39.69 7.91
CA VAL B 97 -12.06 -39.70 8.70
C VAL B 97 -12.35 -40.34 10.02
N PRO B 98 -11.85 -41.53 10.26
CA PRO B 98 -12.01 -42.28 11.47
C PRO B 98 -11.58 -41.42 12.63
N TRP B 99 -12.38 -41.40 13.68
CA TRP B 99 -12.05 -40.55 14.79
C TRP B 99 -10.92 -41.17 15.57
N ASN B 100 -9.70 -40.76 15.28
CA ASN B 100 -8.58 -41.31 15.99
C ASN B 100 -8.72 -40.99 17.45
N ALA B 101 -8.81 -42.04 18.27
CA ALA B 101 -8.97 -41.94 19.71
C ALA B 101 -7.78 -41.27 20.39
N SER B 102 -6.68 -41.12 19.68
CA SER B 102 -5.52 -40.42 20.18
C SER B 102 -5.91 -38.99 20.54
N TRP B 103 -6.86 -38.42 19.79
CA TRP B 103 -7.31 -37.09 20.02
C TRP B 103 -8.09 -37.02 21.30
N SER B 104 -9.04 -37.92 21.43
CA SER B 104 -9.90 -37.91 22.58
C SER B 104 -10.55 -39.25 22.78
N ASN B 105 -10.99 -39.49 23.99
CA ASN B 105 -11.60 -40.75 24.35
C ASN B 105 -12.62 -40.48 25.40
N LYS B 106 -13.84 -40.28 24.94
CA LYS B 106 -14.93 -39.93 25.82
C LYS B 106 -16.23 -40.44 25.27
N SER B 107 -17.11 -40.93 26.14
CA SER B 107 -18.39 -41.46 25.70
C SER B 107 -19.20 -40.43 25.00
N LEU B 108 -19.88 -40.87 23.95
CA LEU B 108 -20.68 -39.98 23.13
C LEU B 108 -21.74 -39.33 23.93
N ASP B 109 -22.22 -40.01 24.96
CA ASP B 109 -23.24 -39.45 25.79
C ASP B 109 -22.69 -38.24 26.51
N ARG B 110 -21.43 -38.33 26.92
CA ARG B 110 -20.80 -37.21 27.58
C ARG B 110 -20.40 -36.14 26.58
N ILE B 111 -20.03 -36.54 25.39
CA ILE B 111 -19.65 -35.57 24.39
C ILE B 111 -20.79 -34.72 23.92
N TRP B 112 -21.93 -35.32 23.73
CA TRP B 112 -23.08 -34.54 23.32
C TRP B 112 -23.88 -33.99 24.50
N ASN B 113 -23.91 -34.69 25.63
CA ASN B 113 -24.71 -34.24 26.77
C ASN B 113 -23.84 -33.77 27.93
N ASN B 114 -24.26 -32.69 28.57
CA ASN B 114 -23.52 -32.08 29.67
C ASN B 114 -22.19 -31.55 29.14
N MET B 115 -22.25 -31.01 27.93
CA MET B 115 -21.11 -30.53 27.20
C MET B 115 -21.36 -29.24 26.45
N THR B 116 -21.09 -28.09 27.07
CA THR B 116 -21.22 -26.83 26.36
C THR B 116 -20.32 -26.84 25.15
N TRP B 117 -20.86 -26.46 24.01
CA TRP B 117 -20.08 -26.51 22.80
C TRP B 117 -18.76 -25.78 22.90
N MET B 118 -18.83 -24.55 23.36
CA MET B 118 -17.63 -23.78 23.55
C MET B 118 -16.63 -24.49 24.44
N GLU B 119 -17.09 -24.94 25.59
CA GLU B 119 -16.22 -25.65 26.49
C GLU B 119 -15.55 -26.82 25.80
N TRP B 120 -16.29 -27.50 24.95
CA TRP B 120 -15.73 -28.64 24.27
C TRP B 120 -14.50 -28.25 23.49
N GLU B 121 -14.56 -27.06 22.90
CA GLU B 121 -13.49 -26.61 22.03
C GLU B 121 -12.20 -26.51 22.80
N ARG B 122 -12.28 -26.27 24.09
CA ARG B 122 -11.08 -26.08 24.88
C ARG B 122 -10.19 -27.29 24.79
N GLU B 123 -10.81 -28.45 24.61
CA GLU B 123 -10.08 -29.70 24.64
C GLU B 123 -9.79 -30.25 23.26
N ILE B 124 -10.24 -29.57 22.22
CA ILE B 124 -9.97 -30.04 20.87
C ILE B 124 -8.89 -29.25 20.13
N ASP B 125 -8.60 -28.03 20.60
CA ASP B 125 -7.69 -27.09 19.94
C ASP B 125 -6.34 -27.58 19.43
N ASN B 126 -5.61 -28.36 20.22
CA ASN B 126 -4.34 -28.89 19.73
C ASN B 126 -4.48 -30.04 18.74
N TYR B 127 -5.70 -30.42 18.41
CA TYR B 127 -5.91 -31.49 17.46
C TYR B 127 -6.63 -31.03 16.21
N THR B 128 -7.39 -29.96 16.32
CA THR B 128 -8.06 -29.35 15.19
C THR B 128 -7.22 -29.18 13.94
N SER B 129 -6.00 -28.69 14.13
CA SER B 129 -5.10 -28.51 13.01
C SER B 129 -4.88 -29.77 12.21
N GLU B 130 -4.59 -30.88 12.88
CA GLU B 130 -4.37 -32.12 12.17
C GLU B 130 -5.65 -32.57 11.54
N ILE B 131 -6.72 -32.48 12.31
CA ILE B 131 -7.98 -32.97 11.85
C ILE B 131 -8.35 -32.39 10.52
N TYR B 132 -8.07 -31.11 10.34
CA TYR B 132 -8.29 -30.49 9.06
C TYR B 132 -7.50 -31.16 7.98
N THR B 133 -6.26 -31.51 8.29
CA THR B 133 -5.37 -32.11 7.33
C THR B 133 -5.87 -33.44 6.86
N LEU B 134 -6.28 -34.26 7.81
CA LEU B 134 -6.73 -35.59 7.45
C LEU B 134 -8.00 -35.57 6.63
N ILE B 135 -8.85 -34.62 6.95
CA ILE B 135 -10.01 -34.36 6.14
C ILE B 135 -9.60 -34.03 4.72
N GLU B 136 -8.79 -33.03 4.57
CA GLU B 136 -8.32 -32.68 3.26
C GLU B 136 -7.76 -33.85 2.50
N GLU B 137 -6.60 -34.31 2.97
CA GLU B 137 -5.84 -35.36 2.34
C GLU B 137 -6.48 -36.72 2.34
N SER B 138 -7.64 -36.88 2.96
CA SER B 138 -8.34 -38.10 2.72
C SER B 138 -9.58 -37.84 1.93
N GLN B 139 -10.46 -37.08 2.53
CA GLN B 139 -11.75 -36.87 1.93
C GLN B 139 -11.74 -36.38 0.53
N ASN B 140 -10.93 -35.39 0.21
CA ASN B 140 -11.05 -34.86 -1.11
C ASN B 140 -9.89 -35.28 -1.95
N GLN B 141 -8.74 -35.39 -1.35
CA GLN B 141 -7.59 -35.82 -2.10
C GLN B 141 -7.87 -37.13 -2.81
N GLN B 142 -8.41 -38.09 -2.07
CA GLN B 142 -8.59 -39.43 -2.56
C GLN B 142 -9.87 -39.54 -3.33
N GLU B 143 -10.96 -39.24 -2.66
CA GLU B 143 -12.26 -39.40 -3.26
C GLU B 143 -12.41 -38.72 -4.58
N LYS B 144 -11.79 -37.57 -4.73
CA LYS B 144 -11.91 -36.90 -5.99
C LYS B 144 -11.43 -37.77 -7.10
N ASN B 145 -10.36 -38.52 -6.87
CA ASN B 145 -9.80 -39.30 -7.94
C ASN B 145 -10.71 -40.48 -8.23
N GLU B 146 -11.21 -41.08 -7.16
CA GLU B 146 -12.00 -42.29 -7.27
C GLU B 146 -13.21 -42.08 -8.12
N GLN B 147 -13.82 -40.91 -8.06
CA GLN B 147 -14.88 -40.64 -8.99
C GLN B 147 -14.34 -40.60 -10.41
N GLU B 148 -13.21 -39.93 -10.64
CA GLU B 148 -12.69 -39.87 -11.99
C GLU B 148 -12.33 -41.25 -12.44
N LEU B 149 -11.72 -42.00 -11.52
CA LEU B 149 -11.24 -43.33 -11.83
C LEU B 149 -12.37 -44.25 -12.25
N LEU B 150 -13.54 -44.06 -11.65
CA LEU B 150 -14.72 -44.79 -12.07
C LEU B 150 -15.15 -44.37 -13.46
N GLU B 151 -15.12 -43.06 -13.69
CA GLU B 151 -15.49 -42.49 -14.97
C GLU B 151 -14.53 -42.84 -16.10
N LEU B 152 -13.31 -43.25 -15.76
CA LEU B 152 -12.40 -43.78 -16.75
C LEU B 152 -12.91 -45.10 -17.37
N ASP B 153 -13.69 -45.87 -16.61
CA ASP B 153 -14.19 -47.15 -17.10
C ASP B 153 -15.59 -47.08 -17.68
N THR C 1 -48.86 -28.11 -17.13
CA THR C 1 -49.10 -27.23 -15.99
C THR C 1 -49.11 -25.77 -16.40
N GLU C 2 -50.29 -25.17 -16.40
CA GLU C 2 -50.43 -23.78 -16.81
C GLU C 2 -49.70 -22.87 -15.87
N LYS C 3 -49.64 -23.26 -14.61
CA LYS C 3 -48.95 -22.49 -13.60
C LYS C 3 -47.45 -22.53 -13.82
N LEU C 4 -46.89 -21.35 -13.94
CA LEU C 4 -45.48 -21.22 -14.22
C LEU C 4 -44.74 -21.09 -12.93
N TRP C 5 -43.49 -21.47 -12.95
CA TRP C 5 -42.69 -21.44 -11.75
C TRP C 5 -41.55 -20.49 -11.91
N VAL C 6 -41.11 -19.95 -10.80
CA VAL C 6 -40.03 -18.98 -10.82
C VAL C 6 -38.70 -19.64 -11.06
N THR C 7 -37.95 -19.11 -12.02
CA THR C 7 -36.60 -19.54 -12.26
C THR C 7 -35.65 -18.38 -12.26
N VAL C 8 -34.56 -18.54 -11.54
CA VAL C 8 -33.58 -17.51 -11.43
C VAL C 8 -32.51 -17.63 -12.47
N TYR C 9 -32.20 -16.54 -13.12
CA TYR C 9 -31.12 -16.52 -14.07
C TYR C 9 -30.00 -15.63 -13.59
N TYR C 10 -28.79 -16.16 -13.62
CA TYR C 10 -27.67 -15.35 -13.22
C TYR C 10 -26.71 -15.10 -14.35
N GLY C 11 -26.37 -13.83 -14.52
CA GLY C 11 -25.48 -13.39 -15.59
C GLY C 11 -26.31 -12.74 -16.67
N VAL C 12 -27.39 -12.13 -16.25
CA VAL C 12 -28.32 -11.45 -17.12
C VAL C 12 -27.86 -10.05 -17.49
N PRO C 13 -27.62 -9.77 -18.78
CA PRO C 13 -27.18 -8.51 -19.38
C PRO C 13 -28.11 -7.34 -19.19
N VAL C 14 -28.15 -6.78 -18.01
CA VAL C 14 -28.89 -5.57 -17.79
C VAL C 14 -28.11 -4.61 -16.97
N TRP C 15 -28.50 -3.36 -17.05
CA TRP C 15 -27.74 -2.32 -16.44
C TRP C 15 -28.59 -1.19 -15.96
N LYS C 16 -28.04 -0.42 -15.05
CA LYS C 16 -28.71 0.74 -14.53
C LYS C 16 -27.73 1.87 -14.49
N GLU C 17 -28.16 3.07 -14.80
CA GLU C 17 -27.23 4.16 -14.72
C GLU C 17 -26.90 4.42 -13.29
N ALA C 18 -25.62 4.61 -13.00
CA ALA C 18 -25.25 4.81 -11.61
C ALA C 18 -23.95 5.56 -11.47
N THR C 19 -23.85 6.31 -10.38
CA THR C 19 -22.66 7.09 -10.12
C THR C 19 -21.54 6.21 -9.65
N THR C 20 -20.36 6.44 -10.20
CA THR C 20 -19.17 5.72 -9.76
C THR C 20 -17.93 6.51 -10.13
N THR C 21 -16.77 5.95 -9.82
CA THR C 21 -15.51 6.60 -10.12
C THR C 21 -14.69 5.79 -11.09
N LEU C 22 -14.18 6.43 -12.11
CA LEU C 22 -13.53 5.73 -13.20
C LEU C 22 -12.05 5.55 -12.97
N PHE C 23 -11.43 4.65 -13.71
CA PHE C 23 -9.99 4.42 -13.55
C PHE C 23 -9.24 5.14 -14.68
N CYS C 24 -8.49 6.18 -14.31
CA CYS C 24 -7.77 7.01 -15.24
C CYS C 24 -6.61 6.25 -15.82
N ALA C 25 -6.45 6.33 -17.14
CA ALA C 25 -5.26 5.81 -17.77
C ALA C 25 -4.59 6.89 -18.62
N SER C 26 -3.47 7.39 -18.15
CA SER C 26 -2.77 8.51 -18.78
C SER C 26 -1.89 8.00 -19.87
N ASP C 27 -2.50 7.50 -20.93
CA ASP C 27 -1.81 6.83 -22.03
C ASP C 27 -0.49 7.46 -22.43
N ALA C 28 0.48 6.55 -22.69
CA ALA C 28 1.80 6.85 -23.24
C ALA C 28 2.66 7.68 -22.31
N LYS C 29 2.53 7.46 -21.00
CA LYS C 29 3.43 8.09 -20.04
C LYS C 29 3.97 7.09 -19.02
N GLU C 34 13.80 11.63 -15.69
CA GLU C 34 13.37 12.84 -16.39
C GLU C 34 12.34 12.52 -17.45
N VAL C 35 11.19 13.17 -17.36
CA VAL C 35 10.03 12.79 -18.17
C VAL C 35 9.44 14.03 -18.88
N HIS C 36 9.01 15.05 -18.11
CA HIS C 36 8.32 15.03 -16.81
C HIS C 36 7.48 16.30 -16.77
N ASN C 37 6.54 16.51 -15.86
CA ASN C 37 6.22 15.57 -14.80
C ASN C 37 4.69 15.52 -14.68
N VAL C 38 4.01 15.75 -15.81
CA VAL C 38 2.56 15.88 -15.93
C VAL C 38 2.24 15.01 -17.15
N TRP C 39 0.98 14.69 -17.47
CA TRP C 39 -0.23 15.04 -16.72
C TRP C 39 -0.34 14.24 -15.44
N ALA C 40 -1.24 13.25 -15.44
CA ALA C 40 -1.36 12.39 -14.27
C ALA C 40 -0.40 11.24 -14.45
N THR C 41 0.87 11.58 -14.27
CA THR C 41 1.95 10.62 -14.32
C THR C 41 2.14 10.02 -12.94
N HIS C 42 1.47 10.60 -11.96
CA HIS C 42 1.52 10.13 -10.59
C HIS C 42 0.13 10.28 -10.00
N ALA C 43 -0.83 9.61 -10.66
CA ALA C 43 -2.19 9.56 -10.16
C ALA C 43 -3.09 8.91 -11.21
N CYS C 44 -2.47 8.12 -12.09
CA CYS C 44 -3.19 7.53 -13.21
C CYS C 44 -2.32 6.52 -13.97
N VAL C 45 -2.92 5.39 -14.24
CA VAL C 45 -2.28 4.25 -14.89
C VAL C 45 -1.39 4.78 -16.01
N PRO C 46 -0.11 4.38 -16.06
CA PRO C 46 0.92 4.77 -17.02
C PRO C 46 0.54 4.71 -18.50
N THR C 47 -0.11 3.64 -18.95
CA THR C 47 -0.42 3.53 -20.37
C THR C 47 -1.52 2.51 -20.62
N ASP C 48 -2.42 2.83 -21.55
CA ASP C 48 -3.48 1.90 -21.96
C ASP C 48 -3.88 2.11 -23.44
N PRO C 49 -2.94 2.21 -24.38
CA PRO C 49 -3.12 2.34 -25.83
C PRO C 49 -3.51 1.04 -26.54
N ASN C 50 -4.81 0.82 -26.64
CA ASN C 50 -5.58 -0.09 -27.49
C ASN C 50 -6.90 -0.17 -26.76
N PRO C 51 -7.94 0.58 -27.17
CA PRO C 51 -9.39 0.43 -26.87
C PRO C 51 -10.12 -0.65 -27.65
N GLN C 52 -11.07 -1.25 -26.93
CA GLN C 52 -11.90 -2.34 -27.41
C GLN C 52 -13.31 -1.83 -27.57
N GLU C 53 -14.05 -2.40 -28.52
CA GLU C 53 -15.42 -1.97 -28.70
C GLU C 53 -16.33 -3.08 -29.18
N VAL C 54 -17.52 -3.13 -28.58
CA VAL C 54 -18.54 -4.12 -28.92
C VAL C 54 -19.83 -3.47 -29.33
N VAL C 55 -20.24 -3.75 -30.55
CA VAL C 55 -21.45 -3.14 -31.08
C VAL C 55 -22.69 -3.91 -30.72
N LEU C 56 -23.70 -3.20 -30.25
CA LEU C 56 -24.93 -3.84 -29.87
C LEU C 56 -25.92 -3.72 -31.01
N GLU C 57 -26.76 -4.73 -31.13
CA GLU C 57 -27.73 -4.82 -32.23
C GLU C 57 -29.00 -4.04 -31.92
N ASN C 58 -30.08 -4.76 -31.60
CA ASN C 58 -31.37 -4.11 -31.48
C ASN C 58 -31.59 -3.47 -30.13
N VAL C 59 -30.88 -2.38 -29.86
CA VAL C 59 -31.02 -1.73 -28.56
C VAL C 59 -31.11 -0.24 -28.68
N THR C 60 -31.64 0.38 -27.65
CA THR C 60 -31.69 1.83 -27.58
C THR C 60 -31.33 2.29 -26.20
N GLU C 61 -30.99 3.57 -26.08
CA GLU C 61 -30.72 4.12 -24.76
C GLU C 61 -30.79 5.62 -24.73
N HIS C 62 -31.21 6.16 -23.60
CA HIS C 62 -31.39 7.59 -23.47
C HIS C 62 -30.15 8.25 -22.87
N PHE C 63 -29.63 9.24 -23.57
CA PHE C 63 -28.45 9.95 -23.15
C PHE C 63 -28.78 11.37 -22.72
N ASN C 64 -28.02 11.89 -21.78
CA ASN C 64 -28.19 13.26 -21.33
C ASN C 64 -26.89 13.90 -20.97
N MET C 65 -26.25 14.53 -21.96
CA MET C 65 -24.96 15.16 -21.77
C MET C 65 -24.89 16.09 -20.59
N TRP C 66 -25.99 16.75 -20.27
CA TRP C 66 -25.89 17.93 -19.47
C TRP C 66 -25.92 17.58 -18.01
N LYS C 67 -26.34 16.35 -17.71
CA LYS C 67 -26.33 15.83 -16.36
C LYS C 67 -25.44 14.60 -16.24
N ASN C 68 -24.31 14.60 -16.93
CA ASN C 68 -23.46 13.43 -16.91
C ASN C 68 -22.29 13.45 -15.96
N ASN C 69 -22.43 12.72 -14.86
CA ASN C 69 -21.41 12.41 -13.84
C ASN C 69 -19.92 12.55 -14.24
N MET C 70 -19.54 12.04 -15.41
CA MET C 70 -18.16 12.02 -15.86
C MET C 70 -17.56 13.40 -15.98
N VAL C 71 -18.42 14.40 -16.17
CA VAL C 71 -17.94 15.77 -16.16
C VAL C 71 -17.56 16.20 -14.78
N GLU C 72 -18.34 15.78 -13.79
CA GLU C 72 -18.08 16.20 -12.46
C GLU C 72 -16.80 15.58 -12.03
N GLN C 73 -16.53 14.39 -12.57
CA GLN C 73 -15.27 13.74 -12.32
C GLN C 73 -14.14 14.65 -12.71
N MET C 74 -14.01 14.91 -14.00
CA MET C 74 -12.89 15.68 -14.48
C MET C 74 -12.82 17.05 -13.83
N GLN C 75 -13.98 17.59 -13.50
CA GLN C 75 -14.01 18.91 -12.90
C GLN C 75 -13.34 18.92 -11.55
N GLU C 76 -13.57 17.89 -10.76
CA GLU C 76 -12.92 17.79 -9.48
C GLU C 76 -11.51 17.28 -9.63
N ASP C 77 -11.38 16.19 -10.38
CA ASP C 77 -10.13 15.51 -10.56
C ASP C 77 -9.04 16.39 -11.10
N ILE C 78 -9.33 17.19 -12.12
CA ILE C 78 -8.28 18.02 -12.65
C ILE C 78 -7.83 19.06 -11.66
N ILE C 79 -8.78 19.68 -10.97
CA ILE C 79 -8.38 20.68 -10.01
C ILE C 79 -7.55 20.05 -8.95
N SER C 80 -7.98 18.88 -8.51
CA SER C 80 -7.36 18.20 -7.40
C SER C 80 -5.92 17.88 -7.68
N LEU C 81 -5.68 17.29 -8.84
CA LEU C 81 -4.38 16.80 -9.25
C LEU C 81 -3.43 17.96 -9.50
N TRP C 82 -3.92 18.96 -10.22
CA TRP C 82 -3.12 20.15 -10.50
C TRP C 82 -2.70 20.84 -9.22
N ASP C 83 -3.62 20.89 -8.27
CA ASP C 83 -3.37 21.49 -6.99
C ASP C 83 -2.27 20.64 -6.35
N GLN C 84 -2.53 19.34 -6.27
CA GLN C 84 -1.64 18.44 -5.60
C GLN C 84 -0.20 18.67 -5.97
N SER C 85 0.05 18.83 -7.26
CA SER C 85 1.41 18.89 -7.75
C SER C 85 2.15 20.11 -7.24
N LEU C 86 1.42 21.09 -6.75
CA LEU C 86 2.05 22.31 -6.31
C LEU C 86 2.32 22.38 -4.82
N LYS C 87 1.85 21.41 -4.06
CA LYS C 87 2.00 21.47 -2.61
C LYS C 87 3.44 21.60 -2.14
N PRO C 88 4.41 20.87 -2.72
CA PRO C 88 5.80 20.90 -2.29
C PRO C 88 6.61 22.02 -2.92
N CYS C 89 5.94 22.91 -3.63
CA CYS C 89 6.68 23.95 -4.34
C CYS C 89 6.78 25.24 -3.54
N VAL C 90 7.53 26.19 -4.09
CA VAL C 90 7.89 27.41 -3.38
C VAL C 90 6.77 28.42 -3.28
N LYS C 91 6.59 28.94 -2.09
CA LYS C 91 5.64 30.01 -1.87
C LYS C 91 6.41 31.32 -1.76
N LEU C 92 6.12 32.22 -2.68
CA LEU C 92 6.85 33.47 -2.82
C LEU C 92 6.35 34.57 -1.89
N THR C 93 6.47 34.33 -0.59
CA THR C 93 6.03 35.31 0.39
C THR C 93 6.88 36.57 0.47
N PRO C 94 8.22 36.49 0.46
CA PRO C 94 9.11 37.64 0.45
C PRO C 94 8.82 38.56 -0.70
N LEU C 95 8.35 37.98 -1.79
CA LEU C 95 8.15 38.68 -3.02
C LEU C 95 7.09 39.78 -2.88
N CYS C 96 6.17 39.61 -1.92
CA CYS C 96 5.12 40.57 -1.63
C CYS C 96 5.58 41.96 -1.20
N VAL C 97 6.86 42.11 -0.87
CA VAL C 97 7.49 43.39 -0.61
C VAL C 97 7.12 44.44 -1.66
N THR C 98 6.87 45.67 -1.20
CA THR C 98 6.55 46.77 -2.09
C THR C 98 7.61 46.96 -3.15
N LEU C 99 7.19 46.81 -4.39
CA LEU C 99 8.02 46.93 -5.56
C LEU C 99 8.09 48.37 -6.02
N ASN C 100 9.17 48.74 -6.69
CA ASN C 100 9.29 50.06 -7.34
C ASN C 100 9.79 49.90 -8.77
N CYS C 101 9.10 50.49 -9.75
CA CYS C 101 9.45 50.16 -11.13
C CYS C 101 9.37 51.29 -12.13
N LYS C 102 9.60 50.93 -13.39
CA LYS C 102 9.76 51.90 -14.45
C LYS C 102 9.37 51.26 -15.78
N ASP C 103 8.69 51.99 -16.65
CA ASP C 103 8.30 51.37 -17.91
C ASP C 103 9.57 51.00 -18.64
N VAL C 104 9.59 49.83 -19.24
CA VAL C 104 10.70 49.43 -20.11
C VAL C 104 10.75 50.27 -21.37
N ASN C 105 11.96 50.63 -21.79
CA ASN C 105 12.14 51.50 -22.93
C ASN C 105 11.58 50.86 -24.20
N ALA C 106 10.87 51.64 -25.00
CA ALA C 106 10.47 51.20 -26.32
C ALA C 106 11.68 51.07 -27.23
N GLY C 120 1.94 51.66 -24.19
CA GLY C 120 2.18 51.41 -22.78
C GLY C 120 3.06 50.18 -22.73
N GLU C 121 3.56 49.83 -21.55
CA GLU C 121 4.64 48.84 -21.54
C GLU C 121 4.80 48.09 -20.23
N ILE C 122 5.42 46.91 -20.34
CA ILE C 122 5.86 46.12 -19.20
C ILE C 122 6.91 46.90 -18.43
N LYS C 123 7.17 46.52 -17.19
CA LYS C 123 8.07 47.34 -16.42
C LYS C 123 9.23 46.60 -15.77
N ASN C 124 10.32 47.34 -15.61
CA ASN C 124 11.61 46.88 -15.11
C ASN C 124 11.69 47.18 -13.64
N CYS C 125 11.36 46.21 -12.79
CA CYS C 125 11.29 46.53 -11.38
C CYS C 125 12.45 46.13 -10.50
N SER C 126 12.58 46.86 -9.39
CA SER C 126 13.58 46.62 -8.38
C SER C 126 12.87 46.53 -7.06
N PHE C 127 13.48 45.90 -6.09
CA PHE C 127 12.82 45.74 -4.81
C PHE C 127 13.75 45.16 -3.79
N ASN C 128 13.54 45.54 -2.55
CA ASN C 128 14.31 45.04 -1.43
C ASN C 128 13.91 43.61 -1.12
N ILE C 129 14.86 42.74 -0.80
CA ILE C 129 14.48 41.38 -0.41
C ILE C 129 15.46 40.71 0.50
N THR C 130 14.94 40.07 1.54
CA THR C 130 15.85 39.45 2.49
C THR C 130 16.14 38.03 2.06
N THR C 131 17.42 37.74 1.82
CA THR C 131 17.84 36.39 1.42
C THR C 131 19.24 36.07 1.93
N SER C 132 19.68 34.83 1.69
CA SER C 132 20.96 34.36 2.21
C SER C 132 21.02 34.55 3.72
N ILE C 133 21.93 35.42 4.16
CA ILE C 133 22.11 35.70 5.58
C ILE C 133 21.29 36.94 5.94
N ARG C 134 21.79 37.71 6.89
CA ARG C 134 21.13 38.95 7.28
C ARG C 134 21.13 39.93 6.11
N ASP C 135 20.55 41.10 6.34
CA ASP C 135 20.40 42.12 5.29
C ASP C 135 19.57 41.65 4.10
N GLU C 136 19.82 42.28 2.95
CA GLU C 136 18.92 42.22 1.81
C GLU C 136 19.64 42.68 0.55
N VAL C 137 19.05 42.40 -0.61
CA VAL C 137 19.56 42.91 -1.89
C VAL C 137 18.46 43.66 -2.63
N GLN C 138 18.68 44.95 -2.83
CA GLN C 138 17.67 45.86 -3.37
C GLN C 138 17.59 45.90 -4.89
N LYS C 139 18.68 46.28 -5.54
CA LYS C 139 18.66 46.50 -6.99
C LYS C 139 18.39 45.20 -7.73
N GLU C 140 17.17 45.08 -8.27
CA GLU C 140 16.80 43.91 -9.07
C GLU C 140 16.41 44.26 -10.49
N TYR C 141 16.33 43.23 -11.34
CA TYR C 141 15.85 43.36 -12.71
C TYR C 141 14.70 42.37 -12.94
N ALA C 142 13.55 42.68 -12.35
CA ALA C 142 12.31 41.95 -12.57
C ALA C 142 11.37 42.50 -13.65
N LEU C 143 11.32 41.85 -14.81
CA LEU C 143 10.48 42.33 -15.87
C LEU C 143 9.07 41.82 -15.71
N PHE C 144 8.19 42.69 -15.23
CA PHE C 144 6.82 42.28 -14.98
C PHE C 144 5.86 42.90 -15.94
N TYR C 145 4.81 42.18 -16.24
CA TYR C 145 3.84 42.67 -17.17
C TYR C 145 2.83 43.50 -16.44
N LYS C 146 2.32 44.52 -17.10
CA LYS C 146 1.46 45.49 -16.44
C LYS C 146 0.30 44.85 -15.71
N LEU C 147 -0.23 43.77 -16.28
CA LEU C 147 -1.38 43.11 -15.72
C LEU C 147 -1.04 42.09 -14.64
N ASP C 148 0.16 42.15 -14.11
CA ASP C 148 0.50 41.44 -12.91
C ASP C 148 0.64 42.35 -11.70
N VAL C 149 0.61 43.67 -11.89
CA VAL C 149 0.86 44.53 -10.72
C VAL C 149 -0.27 45.51 -10.48
N VAL C 150 -0.35 46.02 -9.25
CA VAL C 150 -1.37 47.01 -8.91
C VAL C 150 -0.81 48.29 -8.32
N PRO C 151 -0.77 49.37 -9.09
CA PRO C 151 -0.28 50.72 -8.76
C PRO C 151 -0.93 51.27 -7.50
N ILE C 152 -0.12 51.85 -6.61
CA ILE C 152 -0.62 52.40 -5.36
C ILE C 152 -0.23 53.86 -5.19
N ASP C 153 -1.15 54.66 -4.67
CA ASP C 153 -0.88 56.05 -4.32
C ASP C 153 -0.67 56.98 -5.50
N ASN C 154 -1.77 57.47 -6.07
CA ASN C 154 -1.69 58.49 -7.10
C ASN C 154 -0.86 58.00 -8.29
N ASN C 155 0.20 58.74 -8.61
CA ASN C 155 1.04 58.40 -9.75
C ASN C 155 2.41 57.88 -9.34
N ASN C 156 2.54 57.40 -8.10
CA ASN C 156 3.81 56.89 -7.65
C ASN C 156 4.11 55.57 -8.34
N THR C 157 5.40 55.33 -8.54
CA THR C 157 5.89 54.11 -9.17
C THR C 157 6.02 52.93 -8.22
N SER C 158 5.46 53.05 -7.03
CA SER C 158 5.56 51.98 -6.08
C SER C 158 4.29 51.16 -5.95
N TYR C 159 4.46 49.83 -6.01
CA TYR C 159 3.32 48.93 -5.87
C TYR C 159 3.63 47.46 -5.72
N ARG C 160 2.57 46.66 -5.61
CA ARG C 160 2.71 45.25 -5.32
C ARG C 160 1.86 44.40 -6.24
N LEU C 161 2.12 43.11 -6.20
CA LEU C 161 1.52 42.15 -7.09
C LEU C 161 0.03 42.02 -6.84
N ILE C 162 -0.71 41.71 -7.91
CA ILE C 162 -2.17 41.62 -7.92
C ILE C 162 -2.77 41.52 -6.52
N SER C 163 -3.02 40.32 -6.03
CA SER C 163 -3.75 40.14 -4.80
C SER C 163 -3.01 39.29 -3.83
N CYS C 164 -1.81 39.76 -3.44
CA CYS C 164 -1.00 39.14 -2.39
C CYS C 164 -1.72 38.96 -1.06
N ASP C 165 -2.72 39.78 -0.81
CA ASP C 165 -3.55 39.69 0.37
C ASP C 165 -4.24 38.32 0.52
N THR C 166 -4.39 37.61 -0.61
CA THR C 166 -4.94 36.28 -0.63
C THR C 166 -3.92 35.23 -1.05
N SER C 167 -2.65 35.43 -0.65
CA SER C 167 -1.50 34.53 -0.92
C SER C 167 -1.06 34.66 -2.35
N VAL C 168 -1.76 33.99 -3.27
CA VAL C 168 -1.50 34.00 -4.72
C VAL C 168 -0.03 33.92 -5.11
N ILE C 169 0.76 33.25 -4.31
CA ILE C 169 2.18 33.19 -4.52
C ILE C 169 2.75 31.82 -4.71
N THR C 170 2.00 30.90 -5.26
CA THR C 170 2.65 29.60 -5.41
C THR C 170 3.34 29.52 -6.75
N GLN C 171 4.66 29.45 -6.71
CA GLN C 171 5.40 29.32 -7.96
C GLN C 171 5.37 27.93 -8.45
N ALA C 172 4.84 27.74 -9.64
CA ALA C 172 4.82 26.42 -10.22
C ALA C 172 6.23 25.91 -10.35
N CYS C 173 6.45 24.71 -9.87
CA CYS C 173 7.78 24.13 -9.97
C CYS C 173 8.31 24.25 -11.38
N PRO C 174 9.55 24.73 -11.54
CA PRO C 174 10.30 24.84 -12.79
C PRO C 174 10.30 23.56 -13.59
N LYS C 175 10.32 22.43 -12.91
CA LYS C 175 10.32 21.15 -13.56
C LYS C 175 8.97 20.70 -14.05
N ILE C 176 7.88 21.26 -13.51
CA ILE C 176 6.56 20.77 -13.87
C ILE C 176 6.14 21.39 -15.19
N SER C 177 5.85 20.53 -16.15
CA SER C 177 5.26 20.96 -17.41
C SER C 177 3.79 21.24 -17.32
N PHE C 178 3.27 21.89 -18.35
CA PHE C 178 1.88 22.22 -18.46
C PHE C 178 1.20 21.49 -19.59
N GLU C 179 1.99 20.81 -20.42
CA GLU C 179 1.50 20.23 -21.66
C GLU C 179 0.33 19.30 -21.44
N PRO C 180 -0.80 19.53 -22.11
CA PRO C 180 -1.95 18.67 -22.13
C PRO C 180 -1.67 17.46 -22.98
N ILE C 181 -1.97 16.30 -22.44
CA ILE C 181 -1.68 15.04 -23.10
C ILE C 181 -2.94 14.23 -23.18
N PRO C 182 -3.03 13.28 -24.10
CA PRO C 182 -4.16 12.41 -24.28
C PRO C 182 -4.29 11.51 -23.10
N ILE C 183 -5.45 11.57 -22.47
CA ILE C 183 -5.78 10.67 -21.40
C ILE C 183 -7.05 9.92 -21.68
N HIS C 184 -7.14 8.74 -21.13
CA HIS C 184 -8.32 7.94 -21.36
C HIS C 184 -8.98 7.59 -20.06
N TYR C 185 -10.30 7.44 -20.10
CA TYR C 185 -10.98 6.90 -18.94
C TYR C 185 -11.54 5.53 -19.24
N CYS C 186 -11.43 4.63 -18.28
CA CYS C 186 -12.16 3.37 -18.36
C CYS C 186 -12.95 3.07 -17.11
N ALA C 187 -13.80 2.05 -17.20
CA ALA C 187 -14.62 1.70 -16.05
C ALA C 187 -14.05 0.52 -15.27
N PRO C 188 -14.19 0.56 -13.95
CA PRO C 188 -13.78 -0.45 -12.98
C PRO C 188 -14.65 -1.66 -13.12
N ALA C 189 -14.22 -2.75 -12.52
CA ALA C 189 -14.95 -3.99 -12.63
C ALA C 189 -16.37 -3.79 -12.13
N GLY C 190 -17.32 -4.31 -12.89
CA GLY C 190 -18.72 -4.23 -12.51
C GLY C 190 -19.44 -3.09 -13.21
N PHE C 191 -18.69 -2.24 -13.91
CA PHE C 191 -19.29 -1.14 -14.64
C PHE C 191 -18.91 -1.18 -16.09
N ALA C 192 -19.68 -0.49 -16.91
CA ALA C 192 -19.40 -0.46 -18.32
C ALA C 192 -19.65 0.92 -18.89
N ILE C 193 -18.83 1.29 -19.86
CA ILE C 193 -19.02 2.55 -20.53
C ILE C 193 -19.76 2.37 -21.82
N LEU C 194 -20.84 3.10 -21.97
CA LEU C 194 -21.68 2.94 -23.12
C LEU C 194 -21.59 4.17 -23.98
N LYS C 195 -21.46 3.97 -25.27
CA LYS C 195 -21.31 5.07 -26.19
C LYS C 195 -22.33 5.00 -27.31
N CYS C 196 -22.88 6.16 -27.64
CA CYS C 196 -23.83 6.24 -28.73
C CYS C 196 -23.13 6.37 -30.07
N ASN C 197 -23.24 5.33 -30.88
CA ASN C 197 -22.64 5.33 -32.21
C ASN C 197 -23.50 5.96 -33.27
N ASP C 198 -23.58 7.27 -33.30
CA ASP C 198 -24.49 7.94 -34.22
C ASP C 198 -24.04 9.33 -34.56
N LYS C 199 -23.88 9.57 -35.85
CA LYS C 199 -23.58 10.90 -36.32
C LYS C 199 -24.81 11.74 -36.12
N THR C 200 -24.59 13.04 -35.97
CA THR C 200 -25.63 14.06 -35.75
C THR C 200 -26.26 13.99 -34.35
N PHE C 201 -25.83 13.06 -33.49
CA PHE C 201 -26.41 12.96 -32.17
C PHE C 201 -26.48 14.29 -31.45
N ASN C 202 -27.69 14.61 -31.02
CA ASN C 202 -28.07 15.88 -30.43
C ASN C 202 -27.38 16.22 -29.14
N GLY C 203 -27.02 15.21 -28.39
CA GLY C 203 -26.39 15.38 -27.09
C GLY C 203 -27.44 15.18 -26.01
N LYS C 204 -28.68 15.06 -26.46
CA LYS C 204 -29.80 14.98 -25.54
C LYS C 204 -30.92 14.20 -26.19
N GLY C 205 -31.30 13.11 -25.55
CA GLY C 205 -32.36 12.26 -26.06
C GLY C 205 -31.86 10.84 -26.33
N PRO C 206 -32.72 10.00 -26.92
CA PRO C 206 -32.53 8.60 -27.26
C PRO C 206 -31.59 8.41 -28.42
N CYS C 207 -30.75 7.39 -28.34
CA CYS C 207 -29.88 6.98 -29.42
C CYS C 207 -30.22 5.59 -29.87
N LYS C 208 -30.34 5.40 -31.17
CA LYS C 208 -30.80 4.14 -31.72
C LYS C 208 -29.67 3.20 -32.11
N ASN C 209 -28.44 3.60 -31.81
CA ASN C 209 -27.30 2.80 -32.22
C ASN C 209 -26.16 3.00 -31.25
N VAL C 210 -26.02 2.07 -30.32
CA VAL C 210 -25.04 2.19 -29.27
C VAL C 210 -24.09 1.02 -29.27
N SER C 211 -22.95 1.24 -28.65
CA SER C 211 -21.93 0.24 -28.51
C SER C 211 -21.15 0.47 -27.25
N THR C 212 -20.59 -0.58 -26.68
CA THR C 212 -19.88 -0.42 -25.42
C THR C 212 -18.43 -0.28 -25.70
N VAL C 213 -17.73 0.46 -24.88
CA VAL C 213 -16.30 0.61 -25.08
C VAL C 213 -15.54 0.34 -23.83
N GLN C 214 -14.34 -0.16 -23.98
CA GLN C 214 -13.53 -0.44 -22.82
C GLN C 214 -13.05 0.84 -22.20
N CYS C 215 -12.68 1.79 -23.03
CA CYS C 215 -12.35 3.10 -22.54
C CYS C 215 -12.85 4.15 -23.47
N THR C 216 -12.69 5.40 -23.08
CA THR C 216 -13.11 6.49 -23.94
C THR C 216 -12.04 6.74 -24.95
N HIS C 217 -12.33 7.60 -25.90
CA HIS C 217 -11.30 8.01 -26.83
C HIS C 217 -10.41 9.03 -26.16
N GLY C 218 -9.35 9.42 -26.83
CA GLY C 218 -8.36 10.28 -26.21
C GLY C 218 -8.95 11.63 -25.89
N ILE C 219 -8.83 12.03 -24.65
CA ILE C 219 -9.25 13.36 -24.24
C ILE C 219 -8.08 14.25 -24.06
N ARG C 220 -8.26 15.49 -24.44
CA ARG C 220 -7.18 16.43 -24.30
C ARG C 220 -7.61 17.55 -23.37
N PRO C 221 -7.18 17.51 -22.11
CA PRO C 221 -7.52 18.40 -20.99
C PRO C 221 -7.02 19.83 -21.14
N VAL C 222 -7.40 20.49 -22.21
CA VAL C 222 -6.90 21.83 -22.45
C VAL C 222 -7.69 22.88 -21.74
N VAL C 223 -7.06 23.56 -20.82
CA VAL C 223 -7.70 24.65 -20.15
C VAL C 223 -7.70 25.86 -21.01
N SER C 224 -8.86 26.23 -21.49
CA SER C 224 -9.01 27.43 -22.28
C SER C 224 -10.42 27.92 -22.17
N THR C 225 -10.61 29.21 -22.44
CA THR C 225 -11.94 29.76 -22.24
C THR C 225 -12.41 30.46 -23.47
N GLN C 226 -13.74 30.43 -23.66
CA GLN C 226 -14.46 31.10 -24.74
C GLN C 226 -14.10 30.52 -26.10
N LEU C 227 -13.36 29.42 -26.09
CA LEU C 227 -12.79 28.87 -27.31
C LEU C 227 -12.39 27.43 -27.09
N LEU C 228 -12.91 26.52 -27.89
CA LEU C 228 -12.59 25.11 -27.72
C LEU C 228 -11.47 24.72 -28.64
N LEU C 229 -10.36 24.30 -28.04
CA LEU C 229 -9.17 23.99 -28.80
C LEU C 229 -8.78 22.53 -28.81
N ASN C 230 -8.37 22.08 -29.99
CA ASN C 230 -7.82 20.76 -30.21
C ASN C 230 -8.72 19.60 -29.80
N GLY C 231 -10.04 19.75 -29.96
CA GLY C 231 -10.97 18.70 -29.57
C GLY C 231 -11.35 17.83 -30.76
N SER C 232 -12.42 17.08 -30.63
CA SER C 232 -12.91 16.24 -31.72
C SER C 232 -13.83 17.01 -32.65
N LEU C 233 -13.91 16.55 -33.89
CA LEU C 233 -14.67 17.25 -34.93
C LEU C 233 -15.96 16.55 -35.25
N ALA C 234 -16.91 17.33 -35.75
CA ALA C 234 -18.12 16.77 -36.34
C ALA C 234 -17.80 16.24 -37.73
N GLU C 235 -18.61 15.29 -38.17
CA GLU C 235 -18.34 14.52 -39.37
C GLU C 235 -19.02 15.01 -40.64
N GLU C 236 -20.27 15.45 -40.54
CA GLU C 236 -21.02 15.91 -41.70
C GLU C 236 -21.08 17.41 -41.77
N GLU C 237 -21.89 17.98 -40.90
CA GLU C 237 -22.13 19.41 -40.86
C GLU C 237 -21.95 19.92 -39.46
N VAL C 238 -21.58 21.19 -39.34
CA VAL C 238 -21.39 21.79 -38.05
C VAL C 238 -22.61 21.55 -37.19
N VAL C 239 -22.42 21.29 -35.90
CA VAL C 239 -23.56 21.14 -35.01
C VAL C 239 -23.57 22.07 -33.83
N ILE C 240 -24.77 22.28 -33.32
CA ILE C 240 -25.01 23.16 -32.18
C ILE C 240 -25.82 22.47 -31.12
N ARG C 241 -25.27 22.33 -29.93
CA ARG C 241 -25.97 21.61 -28.88
C ARG C 241 -26.38 22.54 -27.75
N SER C 242 -27.51 22.24 -27.14
CA SER C 242 -27.97 23.03 -26.01
C SER C 242 -28.94 22.27 -25.15
N ASP C 243 -28.89 22.52 -23.86
CA ASP C 243 -29.83 21.90 -22.94
C ASP C 243 -31.24 22.40 -23.19
N ASN C 244 -31.36 23.69 -23.44
CA ASN C 244 -32.66 24.31 -23.62
C ASN C 244 -32.51 25.59 -24.41
N PHE C 245 -32.70 25.51 -25.72
CA PHE C 245 -32.56 26.66 -26.58
C PHE C 245 -33.47 27.81 -26.15
N THR C 246 -34.61 27.45 -25.58
CA THR C 246 -35.58 28.41 -25.11
C THR C 246 -34.96 29.22 -24.00
N ASN C 247 -34.19 28.53 -23.14
CA ASN C 247 -33.58 29.17 -22.01
C ASN C 247 -32.35 29.94 -22.40
N ASN C 248 -32.44 31.27 -22.38
CA ASN C 248 -31.34 32.13 -22.84
C ASN C 248 -30.20 32.25 -21.84
N ALA C 249 -30.32 31.63 -20.68
CA ALA C 249 -29.33 31.79 -19.64
C ALA C 249 -28.28 30.70 -19.71
N LYS C 250 -28.42 29.74 -20.61
CA LYS C 250 -27.45 28.67 -20.62
C LYS C 250 -26.58 28.74 -21.86
N THR C 251 -25.34 28.28 -21.70
CA THR C 251 -24.35 28.35 -22.76
C THR C 251 -24.56 27.25 -23.77
N ILE C 252 -24.39 27.58 -25.05
CA ILE C 252 -24.51 26.60 -26.09
C ILE C 252 -23.16 26.20 -26.57
N ILE C 253 -23.07 24.98 -27.07
CA ILE C 253 -21.81 24.46 -27.54
C ILE C 253 -21.83 24.16 -29.01
N VAL C 254 -20.88 24.75 -29.71
CA VAL C 254 -20.83 24.63 -31.14
C VAL C 254 -19.64 23.81 -31.55
N GLN C 255 -19.87 22.79 -32.33
CA GLN C 255 -18.77 21.90 -32.70
C GLN C 255 -18.58 21.93 -34.19
N LEU C 256 -17.37 22.27 -34.62
CA LEU C 256 -17.09 22.49 -36.02
C LEU C 256 -17.03 21.21 -36.79
N LYS C 257 -17.38 21.27 -38.08
CA LYS C 257 -17.29 20.09 -38.93
C LYS C 257 -15.86 19.84 -39.37
N GLU C 258 -15.02 20.89 -39.30
CA GLU C 258 -13.58 20.81 -39.51
C GLU C 258 -12.89 21.99 -38.91
N SER C 259 -11.66 21.79 -38.48
CA SER C 259 -11.02 22.77 -37.64
C SER C 259 -10.54 24.00 -38.38
N VAL C 260 -10.34 25.07 -37.63
CA VAL C 260 -9.70 26.26 -38.16
C VAL C 260 -8.39 26.54 -37.46
N GLU C 261 -7.30 26.41 -38.20
CA GLU C 261 -5.96 26.48 -37.60
C GLU C 261 -5.55 27.89 -37.26
N ILE C 262 -4.94 28.04 -36.10
CA ILE C 262 -4.52 29.34 -35.64
C ILE C 262 -3.15 29.29 -35.06
N ASN C 263 -2.33 30.25 -35.43
CA ASN C 263 -0.95 30.23 -35.03
C ASN C 263 -0.70 31.39 -34.11
N CYS C 264 -0.29 31.10 -32.89
CA CYS C 264 -0.08 32.16 -31.93
C CYS C 264 1.39 32.38 -31.79
N THR C 265 1.76 33.58 -31.39
CA THR C 265 3.15 33.98 -31.56
C THR C 265 3.84 34.19 -30.26
N ARG C 266 4.88 35.00 -30.34
CA ARG C 266 5.83 35.16 -29.30
C ARG C 266 6.25 36.58 -29.01
N PRO C 267 6.58 36.83 -27.74
CA PRO C 267 7.10 38.04 -27.14
C PRO C 267 8.53 38.25 -27.58
N ASN C 268 9.14 39.28 -27.05
CA ASN C 268 10.55 39.50 -27.19
C ASN C 268 11.28 38.26 -26.69
N ASN C 269 12.38 37.91 -27.35
CA ASN C 269 13.22 36.82 -26.87
C ASN C 269 13.84 37.20 -25.57
N ASN C 270 13.89 36.26 -24.64
CA ASN C 270 14.34 36.67 -23.34
C ASN C 270 15.01 35.57 -22.56
N THR C 271 15.66 35.98 -21.47
CA THR C 271 16.44 35.08 -20.67
C THR C 271 15.92 35.06 -19.27
N ARG C 272 15.89 33.87 -18.68
CA ARG C 272 15.38 33.69 -17.35
C ARG C 272 16.46 33.87 -16.32
N LYS C 273 16.18 34.64 -15.29
CA LYS C 273 17.13 34.88 -14.24
C LYS C 273 16.69 34.19 -12.98
N SER C 274 17.67 33.71 -12.23
CA SER C 274 17.46 32.96 -11.02
C SER C 274 17.76 33.83 -9.81
N ILE C 275 16.80 33.94 -8.90
CA ILE C 275 17.00 34.70 -7.70
C ILE C 275 16.87 33.88 -6.44
N HIS C 276 17.94 33.89 -5.66
CA HIS C 276 17.98 33.23 -4.37
C HIS C 276 17.12 33.94 -3.37
N ILE C 277 16.13 33.24 -2.82
CA ILE C 277 15.27 33.90 -1.86
C ILE C 277 15.18 33.18 -0.52
N GLY C 278 15.81 32.02 -0.41
CA GLY C 278 15.72 31.28 0.85
C GLY C 278 16.64 30.06 0.93
N PRO C 279 16.41 29.16 1.88
CA PRO C 279 17.30 28.01 2.07
C PRO C 279 17.12 26.97 1.00
N GLY C 280 17.46 27.30 -0.23
CA GLY C 280 17.08 26.46 -1.36
C GLY C 280 15.86 26.97 -2.10
N ARG C 281 15.21 27.98 -1.55
CA ARG C 281 14.09 28.59 -2.21
C ARG C 281 14.57 29.35 -3.41
N ALA C 282 14.01 29.05 -4.57
CA ALA C 282 14.44 29.73 -5.76
C ALA C 282 13.29 30.43 -6.43
N PHE C 283 13.52 31.67 -6.81
CA PHE C 283 12.54 32.45 -7.51
C PHE C 283 13.01 32.79 -8.88
N TYR C 284 12.17 32.53 -9.85
CA TYR C 284 12.59 32.79 -11.20
C TYR C 284 11.84 33.94 -11.79
N THR C 285 12.53 34.70 -12.60
CA THR C 285 11.92 35.83 -13.28
C THR C 285 12.60 36.09 -14.59
N THR C 286 12.18 37.14 -15.27
CA THR C 286 12.82 37.50 -16.51
C THR C 286 13.56 38.81 -16.30
N GLY C 287 14.85 38.79 -16.61
CA GLY C 287 15.67 39.96 -16.41
C GLY C 287 16.27 40.52 -17.70
N GLU C 288 16.38 39.70 -18.73
CA GLU C 288 17.11 40.16 -19.91
C GLU C 288 16.36 40.01 -21.19
N ILE C 289 16.31 41.09 -21.96
CA ILE C 289 15.66 41.05 -23.26
C ILE C 289 16.69 41.03 -24.34
N ILE C 290 16.56 40.08 -25.24
CA ILE C 290 17.47 39.92 -26.33
C ILE C 290 16.78 40.37 -27.59
N GLY C 291 17.32 41.42 -28.19
CA GLY C 291 16.82 41.92 -29.47
C GLY C 291 15.68 42.89 -29.22
N ASP C 292 14.80 43.02 -30.21
CA ASP C 292 13.73 44.00 -30.13
C ASP C 292 12.58 43.52 -29.28
N ILE C 293 11.77 44.46 -28.80
CA ILE C 293 10.58 44.09 -28.08
C ILE C 293 9.44 43.79 -29.04
N ARG C 294 8.85 42.62 -28.87
CA ARG C 294 7.81 42.18 -29.77
C ARG C 294 6.49 41.93 -29.08
N GLN C 295 5.43 42.22 -29.79
CA GLN C 295 4.06 42.01 -29.38
C GLN C 295 3.54 40.60 -29.60
N ALA C 296 3.12 39.96 -28.51
CA ALA C 296 2.58 38.62 -28.58
C ALA C 296 1.17 38.70 -29.12
N HIS C 297 0.83 37.80 -30.02
CA HIS C 297 -0.47 37.82 -30.67
C HIS C 297 -0.76 36.50 -31.37
N CYS C 298 -1.97 36.33 -31.88
CA CYS C 298 -2.24 35.18 -32.71
C CYS C 298 -2.75 35.59 -34.08
N ASN C 299 -2.37 34.84 -35.10
CA ASN C 299 -2.87 35.10 -36.44
C ASN C 299 -3.75 33.98 -36.95
N ILE C 300 -4.84 34.38 -37.60
CA ILE C 300 -5.83 33.44 -38.12
C ILE C 300 -6.39 33.87 -39.45
N SER C 301 -6.60 32.93 -40.36
CA SER C 301 -7.12 33.32 -41.67
C SER C 301 -8.47 33.95 -41.53
N ARG C 302 -8.61 35.14 -42.09
CA ARG C 302 -9.83 35.91 -41.99
C ARG C 302 -10.89 35.25 -42.80
N ALA C 303 -10.51 34.88 -44.01
CA ALA C 303 -11.41 34.20 -44.91
C ALA C 303 -11.89 32.88 -44.33
N LYS C 304 -10.97 32.10 -43.76
CA LYS C 304 -11.37 30.82 -43.23
C LYS C 304 -12.33 30.98 -42.07
N TRP C 305 -12.05 31.94 -41.21
CA TRP C 305 -12.94 32.20 -40.09
C TRP C 305 -14.33 32.50 -40.62
N ASN C 306 -14.39 33.32 -41.66
CA ASN C 306 -15.64 33.71 -42.27
C ASN C 306 -16.36 32.49 -42.82
N ASP C 307 -15.58 31.57 -43.38
CA ASP C 307 -16.11 30.35 -43.98
C ASP C 307 -16.84 29.50 -42.99
N THR C 308 -16.20 29.23 -41.86
CA THR C 308 -16.79 28.35 -40.88
C THR C 308 -17.77 29.07 -40.02
N LEU C 309 -17.61 30.38 -39.90
CA LEU C 309 -18.57 31.15 -39.19
C LEU C 309 -19.87 31.09 -39.92
N LYS C 310 -19.81 31.20 -41.24
CA LYS C 310 -20.98 31.05 -42.07
C LYS C 310 -21.66 29.73 -41.83
N GLN C 311 -20.87 28.67 -41.77
CA GLN C 311 -21.40 27.35 -41.52
C GLN C 311 -22.23 27.32 -40.26
N ILE C 312 -21.70 27.95 -39.21
CA ILE C 312 -22.38 28.00 -37.94
C ILE C 312 -23.67 28.74 -38.06
N VAL C 313 -23.61 29.90 -38.70
CA VAL C 313 -24.75 30.77 -38.86
C VAL C 313 -25.91 30.06 -39.45
N ILE C 314 -25.64 29.17 -40.40
CA ILE C 314 -26.66 28.38 -41.01
C ILE C 314 -27.47 27.66 -39.96
N LYS C 315 -26.78 27.05 -39.00
CA LYS C 315 -27.48 26.26 -38.00
C LYS C 315 -28.12 27.12 -36.94
N LEU C 316 -27.53 28.28 -36.69
CA LEU C 316 -28.15 29.21 -35.78
C LEU C 316 -29.49 29.64 -36.31
N ARG C 317 -29.56 29.82 -37.62
CA ARG C 317 -30.81 30.13 -38.26
C ARG C 317 -31.79 28.99 -38.12
N GLU C 318 -31.28 27.76 -38.22
CA GLU C 318 -32.15 26.62 -38.07
C GLU C 318 -32.80 26.64 -36.70
N GLN C 319 -32.12 27.21 -35.70
CA GLN C 319 -32.73 27.31 -34.38
C GLN C 319 -33.79 28.35 -34.01
N PHE C 320 -33.92 29.38 -34.84
CA PHE C 320 -35.01 30.33 -34.72
C PHE C 320 -35.48 30.85 -36.06
N GLU C 321 -36.23 30.02 -36.78
CA GLU C 321 -36.77 30.42 -38.08
C GLU C 321 -35.62 30.73 -39.02
N ASN C 322 -35.16 31.98 -38.97
CA ASN C 322 -34.17 32.50 -39.89
C ASN C 322 -33.78 33.93 -39.52
N LYS C 323 -33.98 34.28 -38.25
CA LYS C 323 -33.69 35.63 -37.78
C LYS C 323 -32.23 35.96 -37.99
N THR C 324 -31.94 37.25 -38.18
CA THR C 324 -30.59 37.69 -38.45
C THR C 324 -29.70 37.38 -37.25
N ILE C 325 -28.42 37.14 -37.50
CA ILE C 325 -27.51 36.69 -36.46
C ILE C 325 -26.47 37.76 -36.16
N VAL C 326 -26.29 38.07 -34.88
CA VAL C 326 -25.32 39.08 -34.51
C VAL C 326 -24.28 38.55 -33.58
N PHE C 327 -23.03 38.87 -33.86
CA PHE C 327 -21.95 38.52 -32.98
C PHE C 327 -21.33 39.76 -32.45
N ASN C 328 -21.44 39.92 -31.15
CA ASN C 328 -20.83 41.03 -30.47
C ASN C 328 -19.72 40.47 -29.64
N HIS C 329 -18.68 41.27 -29.48
CA HIS C 329 -17.62 40.93 -28.57
C HIS C 329 -18.12 40.85 -27.14
N SER C 330 -17.26 40.38 -26.26
CA SER C 330 -17.60 40.25 -24.86
C SER C 330 -18.19 41.49 -24.27
N SER C 331 -19.01 41.31 -23.25
CA SER C 331 -19.72 42.41 -22.60
C SER C 331 -18.77 43.40 -21.91
N GLY C 332 -17.56 42.96 -21.59
CA GLY C 332 -16.58 43.85 -20.96
C GLY C 332 -16.39 43.55 -19.49
N GLY C 333 -15.19 43.83 -18.99
CA GLY C 333 -14.85 43.58 -17.60
C GLY C 333 -13.42 43.08 -17.46
N ASP C 334 -13.19 42.30 -16.41
CA ASP C 334 -11.89 41.70 -16.14
C ASP C 334 -11.42 40.88 -17.33
N PRO C 335 -10.25 41.20 -17.92
CA PRO C 335 -9.55 40.53 -19.00
C PRO C 335 -9.45 39.03 -18.81
N GLU C 336 -9.39 38.59 -17.55
CA GLU C 336 -9.25 37.18 -17.24
C GLU C 336 -10.59 36.46 -17.35
N ILE C 337 -11.63 37.23 -17.56
CA ILE C 337 -12.96 36.72 -17.78
C ILE C 337 -13.39 36.88 -19.22
N VAL C 338 -13.09 38.03 -19.79
CA VAL C 338 -13.66 38.37 -21.08
C VAL C 338 -12.76 38.15 -22.28
N MET C 339 -11.45 38.05 -22.07
CA MET C 339 -10.58 37.71 -23.18
C MET C 339 -10.57 36.22 -23.28
N HIS C 340 -10.05 35.63 -24.34
CA HIS C 340 -10.03 34.17 -24.40
C HIS C 340 -8.69 33.69 -23.85
N SER C 341 -8.70 32.86 -22.81
CA SER C 341 -7.42 32.38 -22.32
C SER C 341 -6.84 31.36 -23.24
N PHE C 342 -5.53 31.24 -23.19
CA PHE C 342 -4.81 30.40 -24.11
C PHE C 342 -3.48 29.88 -23.61
N ASN C 343 -3.33 28.57 -23.61
CA ASN C 343 -2.11 27.90 -23.19
C ASN C 343 -1.17 27.56 -24.33
N CYS C 344 0.11 27.83 -24.14
CA CYS C 344 1.07 27.53 -25.19
C CYS C 344 2.48 27.69 -24.69
N GLY C 345 3.25 26.61 -24.75
CA GLY C 345 4.60 26.62 -24.26
C GLY C 345 4.68 26.62 -22.75
N GLY C 346 3.55 26.48 -22.08
CA GLY C 346 3.53 26.55 -20.64
C GLY C 346 3.40 27.97 -20.15
N GLU C 347 3.00 28.89 -21.02
CA GLU C 347 2.80 30.24 -20.56
C GLU C 347 1.37 30.62 -20.87
N PHE C 348 0.91 31.71 -20.27
CA PHE C 348 -0.51 31.98 -20.32
C PHE C 348 -0.83 33.24 -21.07
N PHE C 349 -1.61 33.07 -22.12
CA PHE C 349 -2.05 34.16 -22.92
C PHE C 349 -3.50 34.51 -22.70
N TYR C 350 -3.78 35.79 -22.78
CA TYR C 350 -5.14 36.28 -22.78
C TYR C 350 -5.34 37.14 -24.00
N CYS C 351 -6.08 36.66 -24.98
CA CYS C 351 -6.13 37.46 -26.21
C CYS C 351 -7.47 38.08 -26.50
N ASN C 352 -7.42 39.24 -27.14
CA ASN C 352 -8.64 39.89 -27.59
C ASN C 352 -9.22 39.21 -28.80
N SER C 353 -10.49 38.85 -28.69
CA SER C 353 -11.25 38.13 -29.69
C SER C 353 -12.24 38.98 -30.50
N THR C 354 -12.33 40.29 -30.22
CA THR C 354 -13.31 41.17 -30.86
C THR C 354 -13.41 41.01 -32.37
N GLN C 355 -12.27 40.93 -33.05
CA GLN C 355 -12.28 40.81 -34.50
C GLN C 355 -12.98 39.57 -35.02
N LEU C 356 -13.05 38.55 -34.19
CA LEU C 356 -13.69 37.32 -34.55
C LEU C 356 -15.18 37.35 -34.32
N PHE C 357 -15.64 38.26 -33.47
CA PHE C 357 -17.03 38.38 -33.11
C PHE C 357 -17.47 39.80 -33.33
N ASN C 358 -17.43 40.19 -34.59
CA ASN C 358 -17.79 41.52 -35.01
C ASN C 358 -18.44 41.44 -36.36
N SER C 359 -19.61 40.81 -36.40
CA SER C 359 -20.29 40.65 -37.68
C SER C 359 -21.77 40.40 -37.52
N THR C 360 -22.52 40.74 -38.56
CA THR C 360 -23.94 40.46 -38.57
C THR C 360 -24.22 39.67 -39.81
N TRP C 361 -25.22 38.81 -39.74
CA TRP C 361 -25.56 38.00 -40.86
C TRP C 361 -27.04 38.07 -41.15
N ASN C 362 -27.37 38.11 -42.42
CA ASN C 362 -28.74 38.25 -42.85
C ASN C 362 -28.95 37.46 -44.14
N ASN C 363 -29.96 37.81 -44.91
CA ASN C 363 -30.29 37.07 -46.12
C ASN C 363 -29.20 37.13 -47.21
N ASN C 364 -28.24 38.04 -47.05
CA ASN C 364 -27.16 38.19 -48.00
C ASN C 364 -25.83 37.90 -47.31
N GLU C 372 -9.92 45.47 -45.84
CA GLU C 372 -9.81 44.21 -45.12
C GLU C 372 -8.48 43.54 -45.39
N GLY C 373 -8.12 42.55 -44.56
CA GLY C 373 -6.83 41.87 -44.71
C GLY C 373 -7.02 40.44 -45.20
N ASN C 374 -5.98 39.63 -45.03
CA ASN C 374 -6.06 38.22 -45.37
C ASN C 374 -6.22 37.38 -44.12
N THR C 375 -5.53 37.82 -43.08
CA THR C 375 -5.55 37.20 -41.79
C THR C 375 -5.85 38.25 -40.76
N ILE C 376 -6.27 37.82 -39.59
CA ILE C 376 -6.49 38.73 -38.49
C ILE C 376 -5.45 38.59 -37.42
N THR C 377 -4.96 39.74 -36.98
CA THR C 377 -4.04 39.82 -35.85
C THR C 377 -4.81 40.02 -34.56
N LEU C 378 -4.60 39.12 -33.63
CA LEU C 378 -5.24 39.20 -32.35
C LEU C 378 -4.23 39.39 -31.23
N PRO C 379 -4.07 40.62 -30.76
CA PRO C 379 -3.17 41.02 -29.68
C PRO C 379 -3.46 40.22 -28.42
N CYS C 380 -2.39 39.72 -27.80
CA CYS C 380 -2.53 39.00 -26.54
C CYS C 380 -1.74 39.62 -25.41
N ARG C 381 -2.23 39.47 -24.20
CA ARG C 381 -1.48 39.89 -23.05
C ARG C 381 -0.81 38.66 -22.50
N ILE C 382 0.36 38.81 -21.92
CA ILE C 382 0.99 37.66 -21.28
C ILE C 382 1.06 37.79 -19.79
N LYS C 383 0.35 36.92 -19.09
CA LYS C 383 0.31 37.02 -17.64
C LYS C 383 1.20 36.02 -16.96
N GLN C 384 1.53 36.32 -15.71
CA GLN C 384 2.27 35.43 -14.88
C GLN C 384 1.50 35.03 -13.62
N ILE C 385 0.77 35.95 -13.01
CA ILE C 385 -0.04 35.55 -11.85
C ILE C 385 -1.37 35.06 -12.33
N ILE C 386 -1.57 33.76 -12.23
CA ILE C 386 -2.76 33.13 -12.77
C ILE C 386 -3.71 32.59 -11.75
N ASN C 387 -4.96 33.02 -11.80
CA ASN C 387 -5.94 32.50 -10.87
C ASN C 387 -6.74 31.41 -11.53
N MET C 388 -6.33 30.19 -11.25
CA MET C 388 -6.91 29.05 -11.90
C MET C 388 -8.28 28.76 -11.33
N TRP C 389 -9.26 28.74 -12.23
CA TRP C 389 -10.64 28.37 -11.95
C TRP C 389 -11.33 29.29 -10.96
N GLN C 390 -10.89 30.54 -10.85
CA GLN C 390 -11.50 31.49 -9.94
C GLN C 390 -11.48 31.01 -8.49
N GLU C 391 -10.44 30.30 -8.09
CA GLU C 391 -10.32 29.88 -6.71
C GLU C 391 -9.96 31.06 -5.83
N VAL C 392 -10.35 31.00 -4.57
CA VAL C 392 -10.09 32.11 -3.69
C VAL C 392 -8.75 32.04 -3.00
N GLY C 393 -7.81 32.82 -3.51
CA GLY C 393 -6.50 32.97 -2.93
C GLY C 393 -5.51 31.90 -3.35
N LYS C 394 -5.90 31.03 -4.29
CA LYS C 394 -5.00 29.96 -4.69
C LYS C 394 -4.29 30.22 -6.00
N ALA C 395 -4.05 31.47 -6.34
CA ALA C 395 -3.47 31.74 -7.63
C ALA C 395 -2.01 31.36 -7.63
N MET C 396 -1.50 31.15 -8.82
CA MET C 396 -0.15 30.69 -8.96
C MET C 396 0.70 31.65 -9.73
N TYR C 397 1.99 31.39 -9.72
CA TYR C 397 2.91 32.16 -10.50
C TYR C 397 3.57 31.29 -11.51
N ALA C 398 3.43 31.66 -12.76
CA ALA C 398 4.04 30.91 -13.82
C ALA C 398 5.41 31.46 -14.07
N PRO C 399 6.46 30.63 -13.97
CA PRO C 399 7.83 30.96 -14.26
C PRO C 399 7.92 31.11 -15.75
N PRO C 400 8.80 31.97 -16.22
CA PRO C 400 9.05 32.29 -17.60
C PRO C 400 9.83 31.24 -18.34
N ILE C 401 9.50 31.12 -19.62
CA ILE C 401 10.15 30.18 -20.51
C ILE C 401 11.19 30.90 -21.36
N ARG C 402 12.42 30.40 -21.32
CA ARG C 402 13.52 31.01 -22.05
C ARG C 402 13.29 30.98 -23.53
N GLY C 403 13.62 32.10 -24.18
CA GLY C 403 13.52 32.14 -25.62
C GLY C 403 12.11 32.53 -26.03
N GLN C 404 11.75 32.19 -27.24
CA GLN C 404 10.43 32.52 -27.76
C GLN C 404 9.58 31.29 -27.92
N ILE C 405 8.27 31.47 -27.90
CA ILE C 405 7.38 30.34 -28.00
C ILE C 405 6.54 30.40 -29.24
N ARG C 406 6.76 29.46 -30.12
CA ARG C 406 5.93 29.30 -31.29
C ARG C 406 5.02 28.11 -31.13
N CYS C 407 3.73 28.35 -31.29
CA CYS C 407 2.76 27.28 -31.17
C CYS C 407 1.59 27.54 -32.05
N SER C 408 0.96 26.48 -32.50
CA SER C 408 -0.21 26.63 -33.31
C SER C 408 -1.19 25.54 -32.97
N SER C 409 -2.46 25.85 -33.07
CA SER C 409 -3.47 24.89 -32.66
C SER C 409 -4.65 24.88 -33.58
N ASN C 410 -5.62 24.04 -33.27
CA ASN C 410 -6.79 23.93 -34.11
C ASN C 410 -8.05 24.30 -33.38
N ILE C 411 -8.72 25.36 -33.81
CA ILE C 411 -9.98 25.67 -33.20
C ILE C 411 -10.96 24.66 -33.64
N THR C 412 -11.59 24.02 -32.69
CA THR C 412 -12.55 22.99 -33.02
C THR C 412 -13.96 23.32 -32.57
N GLY C 413 -14.12 24.33 -31.73
CA GLY C 413 -15.49 24.73 -31.42
C GLY C 413 -15.61 26.01 -30.61
N LEU C 414 -16.86 26.41 -30.40
CA LEU C 414 -17.16 27.65 -29.69
C LEU C 414 -18.17 27.52 -28.59
N LEU C 415 -17.97 28.34 -27.57
CA LEU C 415 -18.89 28.45 -26.48
C LEU C 415 -19.60 29.78 -26.61
N LEU C 416 -20.91 29.75 -26.85
CA LEU C 416 -21.65 30.99 -27.08
C LEU C 416 -22.85 31.19 -26.17
N THR C 417 -23.22 32.45 -25.97
CA THR C 417 -24.38 32.74 -25.15
C THR C 417 -25.32 33.68 -25.84
N ARG C 418 -26.58 33.30 -25.88
CA ARG C 418 -27.61 34.19 -26.36
C ARG C 418 -27.95 35.26 -25.36
N ASP C 419 -27.96 36.49 -25.82
CA ASP C 419 -28.24 37.64 -24.98
C ASP C 419 -29.68 37.62 -24.44
N GLY C 420 -29.82 37.56 -23.13
CA GLY C 420 -31.14 37.53 -22.50
C GLY C 420 -31.93 38.83 -22.66
N GLY C 421 -31.25 39.92 -23.01
CA GLY C 421 -31.88 41.22 -23.15
C GLY C 421 -32.18 41.61 -24.60
N ILE C 422 -32.48 40.64 -25.47
CA ILE C 422 -32.87 40.93 -26.86
C ILE C 422 -34.28 41.43 -27.00
N ASN C 423 -34.42 42.68 -27.39
CA ASN C 423 -35.72 43.31 -27.48
C ASN C 423 -35.97 43.80 -28.90
N GLU C 424 -35.05 43.50 -29.81
CA GLU C 424 -35.24 43.85 -31.20
C GLU C 424 -35.71 42.63 -31.96
N ASN C 425 -36.87 42.76 -32.57
CA ASN C 425 -37.44 41.70 -33.36
C ASN C 425 -36.78 41.53 -34.71
N GLY C 426 -36.62 40.27 -35.09
CA GLY C 426 -35.99 39.90 -36.35
C GLY C 426 -34.52 39.52 -36.22
N THR C 427 -34.00 39.47 -34.99
CA THR C 427 -32.59 39.18 -34.82
C THR C 427 -32.33 38.41 -33.55
N GLU C 428 -31.25 37.64 -33.56
CA GLU C 428 -30.80 36.85 -32.42
C GLU C 428 -29.34 37.14 -32.19
N ILE C 429 -29.03 37.49 -30.96
CA ILE C 429 -27.74 38.06 -30.62
C ILE C 429 -26.92 37.17 -29.72
N PHE C 430 -25.68 36.97 -30.14
CA PHE C 430 -24.75 36.12 -29.43
C PHE C 430 -23.48 36.83 -29.03
N ARG C 431 -22.98 36.45 -27.89
CA ARG C 431 -21.69 36.89 -27.42
C ARG C 431 -20.93 35.67 -27.02
N PRO C 432 -19.61 35.72 -26.99
CA PRO C 432 -18.75 34.69 -26.50
C PRO C 432 -19.38 34.20 -25.21
N GLY C 433 -19.35 32.90 -25.01
CA GLY C 433 -20.17 32.22 -24.02
C GLY C 433 -19.58 32.37 -22.65
N GLY C 434 -19.82 31.40 -21.78
CA GLY C 434 -19.28 31.52 -20.45
C GLY C 434 -19.63 30.34 -19.58
N GLY C 435 -19.40 30.50 -18.30
CA GLY C 435 -19.60 29.40 -17.37
C GLY C 435 -18.26 28.83 -16.98
N ASP C 436 -18.31 27.75 -16.23
CA ASP C 436 -17.10 27.11 -15.78
C ASP C 436 -16.56 26.13 -16.79
N MET C 437 -15.59 25.37 -16.35
CA MET C 437 -14.88 24.51 -17.24
C MET C 437 -15.63 23.24 -17.52
N ARG C 438 -16.74 23.00 -16.82
CA ARG C 438 -17.48 21.76 -17.00
C ARG C 438 -17.88 21.64 -18.43
N ASP C 439 -18.23 22.79 -19.01
CA ASP C 439 -18.65 22.86 -20.38
C ASP C 439 -17.49 22.49 -21.27
N ASN C 440 -16.29 22.87 -20.86
CA ASN C 440 -15.10 22.59 -21.62
C ASN C 440 -14.84 21.08 -21.74
N TRP C 441 -15.20 20.33 -20.71
CA TRP C 441 -15.05 18.88 -20.74
C TRP C 441 -16.18 18.21 -21.49
N ARG C 442 -17.36 18.80 -21.44
CA ARG C 442 -18.47 18.32 -22.24
C ARG C 442 -18.17 18.19 -23.71
N SER C 443 -17.24 19.00 -24.23
CA SER C 443 -16.99 19.01 -25.65
C SER C 443 -16.42 17.69 -26.11
N GLU C 444 -15.93 16.88 -25.18
CA GLU C 444 -15.48 15.56 -25.52
C GLU C 444 -16.43 14.54 -24.94
N LEU C 445 -16.79 14.72 -23.69
CA LEU C 445 -17.71 13.77 -23.07
C LEU C 445 -19.15 14.09 -23.34
N TYR C 446 -19.58 13.81 -24.54
CA TYR C 446 -20.96 14.07 -24.89
C TYR C 446 -21.59 12.89 -25.56
N LYS C 447 -21.03 11.72 -25.35
CA LYS C 447 -21.60 10.53 -25.92
C LYS C 447 -21.36 9.32 -25.05
N TYR C 448 -20.97 9.56 -23.81
CA TYR C 448 -20.61 8.45 -22.94
C TYR C 448 -21.53 8.33 -21.76
N LYS C 449 -21.85 7.10 -21.38
CA LYS C 449 -22.56 6.89 -20.13
C LYS C 449 -21.83 5.87 -19.30
N VAL C 450 -21.98 5.95 -17.99
CA VAL C 450 -21.44 4.90 -17.13
C VAL C 450 -22.51 4.21 -16.34
N VAL C 451 -22.62 2.92 -16.56
CA VAL C 451 -23.71 2.17 -15.99
C VAL C 451 -23.19 1.00 -15.20
N LYS C 452 -23.94 0.59 -14.19
CA LYS C 452 -23.57 -0.58 -13.41
C LYS C 452 -24.25 -1.79 -13.95
N ILE C 453 -23.56 -2.90 -13.90
CA ILE C 453 -24.14 -4.15 -14.31
C ILE C 453 -24.94 -4.77 -13.20
N GLU C 454 -26.07 -5.38 -13.57
CA GLU C 454 -26.93 -6.07 -12.61
C GLU C 454 -27.19 -7.51 -13.01
N PRO C 455 -26.30 -8.41 -12.62
CA PRO C 455 -26.27 -9.84 -12.97
C PRO C 455 -27.51 -10.67 -12.65
N LEU C 456 -28.26 -10.33 -11.63
CA LEU C 456 -29.31 -11.23 -11.19
C LEU C 456 -30.66 -10.90 -11.81
N GLY C 457 -31.30 -11.89 -12.42
CA GLY C 457 -32.61 -11.65 -13.00
C GLY C 457 -33.55 -12.81 -12.72
N VAL C 458 -34.85 -12.55 -12.72
CA VAL C 458 -35.82 -13.57 -12.38
C VAL C 458 -36.99 -13.58 -13.33
N ALA C 459 -37.31 -14.76 -13.85
CA ALA C 459 -38.37 -14.89 -14.84
C ALA C 459 -39.06 -16.23 -14.68
N PRO C 460 -40.34 -16.31 -15.04
CA PRO C 460 -41.18 -17.49 -14.97
C PRO C 460 -40.92 -18.45 -16.12
N THR C 461 -41.09 -19.74 -15.83
CA THR C 461 -41.04 -20.78 -16.85
C THR C 461 -41.72 -22.05 -16.40
N LYS C 462 -42.03 -22.92 -17.34
CA LYS C 462 -42.80 -24.11 -16.98
C LYS C 462 -41.99 -25.29 -16.45
N ALA C 463 -41.30 -25.07 -15.32
CA ALA C 463 -40.53 -26.14 -14.71
C ALA C 463 -40.38 -25.89 -13.25
N LYS C 464 -40.53 -26.92 -12.45
CA LYS C 464 -40.45 -26.77 -11.01
C LYS C 464 -39.18 -27.35 -10.47
N ARG C 465 -38.58 -26.66 -9.52
CA ARG C 465 -37.45 -27.20 -8.77
C ARG C 465 -37.84 -28.45 -8.03
N ARG C 466 -37.32 -29.58 -8.48
CA ARG C 466 -37.69 -30.88 -7.94
C ARG C 466 -37.01 -31.09 -6.60
N VAL C 467 -37.76 -31.64 -5.65
CA VAL C 467 -37.20 -31.90 -4.34
C VAL C 467 -36.26 -33.07 -4.39
N VAL C 468 -35.40 -33.14 -3.39
CA VAL C 468 -34.43 -34.23 -3.27
C VAL C 468 -33.47 -34.24 -4.47
N ALA D 1 0.59 -4.09 -36.63
CA ALA D 1 -0.29 -4.73 -37.59
C ALA D 1 -1.04 -5.88 -36.92
N VAL D 2 -2.34 -5.70 -36.75
CA VAL D 2 -3.14 -6.67 -36.04
C VAL D 2 -4.37 -7.11 -36.82
N GLY D 3 -4.57 -8.42 -36.88
CA GLY D 3 -5.68 -9.00 -37.62
C GLY D 3 -6.81 -9.41 -36.70
N ILE D 4 -8.01 -9.54 -37.26
CA ILE D 4 -9.18 -9.87 -36.45
C ILE D 4 -9.89 -11.12 -36.91
N GLY D 5 -10.25 -11.98 -35.98
CA GLY D 5 -10.94 -13.23 -36.30
C GLY D 5 -12.44 -13.12 -36.14
N ALA D 6 -13.02 -14.09 -35.45
CA ALA D 6 -14.47 -14.27 -35.39
C ALA D 6 -14.98 -14.30 -33.96
N VAL D 7 -16.30 -14.35 -33.81
CA VAL D 7 -16.91 -14.46 -32.50
C VAL D 7 -17.46 -15.88 -32.30
N PHE D 8 -17.47 -16.42 -31.06
CA PHE D 8 -16.97 -15.88 -29.77
C PHE D 8 -17.51 -14.53 -29.35
N LEU D 9 -18.82 -14.45 -29.12
CA LEU D 9 -19.45 -13.17 -28.82
C LEU D 9 -18.93 -12.60 -27.53
N GLY D 10 -18.67 -11.30 -27.52
CA GLY D 10 -18.10 -10.65 -26.36
C GLY D 10 -19.09 -9.97 -25.43
N PHE D 11 -18.52 -9.14 -24.57
CA PHE D 11 -19.18 -8.46 -23.48
C PHE D 11 -20.43 -7.71 -23.86
N LEU D 12 -21.53 -8.12 -23.25
CA LEU D 12 -22.87 -7.58 -23.45
C LEU D 12 -23.43 -7.67 -24.86
N GLY D 13 -22.88 -8.51 -25.72
CA GLY D 13 -23.38 -8.60 -27.09
C GLY D 13 -24.82 -9.04 -27.13
N ALA D 14 -25.21 -9.78 -26.11
CA ALA D 14 -26.54 -10.32 -25.98
C ALA D 14 -27.64 -9.28 -25.81
N ALA D 15 -27.32 -8.04 -25.53
CA ALA D 15 -28.33 -7.02 -25.32
C ALA D 15 -29.32 -6.93 -26.49
N GLY D 16 -28.88 -7.24 -27.71
CA GLY D 16 -29.77 -7.19 -28.87
C GLY D 16 -30.89 -8.23 -28.81
N SER D 17 -30.64 -9.33 -28.15
CA SER D 17 -31.64 -10.34 -27.89
C SER D 17 -32.60 -9.70 -26.86
N THR D 18 -33.87 -10.13 -26.77
CA THR D 18 -34.53 -11.40 -27.17
C THR D 18 -34.16 -12.49 -26.18
N MET D 19 -34.91 -12.55 -25.10
CA MET D 19 -34.53 -13.38 -23.98
C MET D 19 -34.40 -14.84 -24.29
N GLY D 20 -35.14 -15.32 -25.30
CA GLY D 20 -35.00 -16.67 -25.83
C GLY D 20 -33.57 -16.99 -26.23
N ALA D 21 -32.89 -16.01 -26.80
CA ALA D 21 -31.51 -16.16 -27.23
C ALA D 21 -30.54 -15.76 -26.13
N ALA D 22 -30.99 -14.86 -25.24
CA ALA D 22 -30.18 -14.41 -24.12
C ALA D 22 -29.84 -15.48 -23.10
N SER D 23 -30.47 -16.66 -23.17
CA SER D 23 -30.10 -17.74 -22.28
C SER D 23 -28.71 -18.21 -22.63
N MET D 24 -28.25 -17.86 -23.80
CA MET D 24 -26.92 -18.18 -24.22
C MET D 24 -26.05 -17.09 -23.66
N THR D 25 -24.74 -17.30 -23.66
CA THR D 25 -23.73 -16.28 -23.33
C THR D 25 -23.80 -15.81 -21.90
N LEU D 26 -24.50 -16.54 -21.03
CA LEU D 26 -24.65 -16.10 -19.65
C LEU D 26 -23.31 -16.08 -19.00
N THR D 27 -22.44 -16.95 -19.47
CA THR D 27 -21.09 -16.99 -19.04
C THR D 27 -20.26 -15.86 -19.55
N VAL D 28 -20.49 -15.46 -20.77
CA VAL D 28 -19.78 -14.33 -21.34
C VAL D 28 -20.01 -13.10 -20.55
N GLN D 29 -21.23 -12.92 -20.12
CA GLN D 29 -21.55 -11.77 -19.33
C GLN D 29 -20.90 -11.87 -17.96
N ALA D 30 -21.22 -12.94 -17.24
CA ALA D 30 -20.81 -13.11 -15.85
C ALA D 30 -19.32 -13.11 -15.66
N ARG D 31 -18.59 -13.66 -16.61
CA ARG D 31 -17.17 -13.87 -16.44
C ARG D 31 -16.38 -12.60 -16.26
N LEU D 32 -16.92 -11.47 -16.64
CA LEU D 32 -16.15 -10.26 -16.60
C LEU D 32 -16.56 -9.37 -15.45
N LEU D 33 -17.32 -9.90 -14.52
CA LEU D 33 -17.76 -9.10 -13.40
C LEU D 33 -16.65 -8.63 -12.48
N LEU D 34 -15.56 -9.38 -12.39
CA LEU D 34 -14.45 -8.92 -11.57
C LEU D 34 -13.25 -8.40 -12.33
N SER D 35 -13.40 -8.07 -13.61
CA SER D 35 -12.27 -7.49 -14.31
C SER D 35 -12.61 -6.82 -15.63
N GLY D 36 -12.14 -5.59 -15.78
CA GLY D 36 -12.19 -4.89 -17.06
C GLY D 36 -10.87 -5.04 -17.80
N ILE D 37 -9.95 -5.84 -17.23
CA ILE D 37 -8.64 -6.06 -17.80
C ILE D 37 -8.38 -7.54 -17.90
N VAL D 38 -9.44 -8.30 -18.15
CA VAL D 38 -9.34 -9.74 -18.14
C VAL D 38 -8.18 -10.14 -18.99
N GLN D 39 -7.38 -11.07 -18.47
CA GLN D 39 -6.26 -11.73 -19.13
C GLN D 39 -4.97 -11.06 -18.76
N GLN D 40 -3.88 -11.70 -19.12
CA GLN D 40 -2.56 -11.20 -18.80
C GLN D 40 -2.43 -9.77 -19.30
N GLN D 41 -2.95 -9.51 -20.51
CA GLN D 41 -2.99 -8.16 -21.04
C GLN D 41 -1.64 -7.51 -20.93
N ASN D 42 -0.67 -8.13 -21.58
CA ASN D 42 0.67 -7.61 -21.59
C ASN D 42 0.64 -6.18 -22.04
N ASN D 43 1.43 -5.37 -21.36
CA ASN D 43 1.50 -3.92 -21.57
C ASN D 43 0.27 -3.19 -21.02
N LEU D 44 -0.46 -3.83 -20.13
CA LEU D 44 -1.53 -3.21 -19.38
C LEU D 44 -1.45 -3.60 -17.93
N LEU D 45 -1.65 -4.89 -17.67
CA LEU D 45 -1.57 -5.45 -16.33
C LEU D 45 -0.29 -5.13 -15.61
N ARG D 46 0.81 -5.16 -16.33
CA ARG D 46 2.09 -4.77 -15.79
C ARG D 46 2.04 -3.36 -15.25
N ALA D 47 1.31 -2.49 -15.93
CA ALA D 47 1.22 -1.10 -15.51
C ALA D 47 0.22 -0.98 -14.38
N ILE D 48 -0.79 -1.84 -14.41
CA ILE D 48 -1.80 -1.87 -13.38
C ILE D 48 -1.18 -2.17 -12.03
N GLU D 49 -0.30 -3.15 -11.99
CA GLU D 49 0.37 -3.46 -10.76
C GLU D 49 1.39 -2.39 -10.41
N ALA D 50 2.12 -1.89 -11.41
CA ALA D 50 3.10 -0.85 -11.17
C ALA D 50 2.45 0.33 -10.48
N GLN D 51 1.22 0.65 -10.87
CA GLN D 51 0.53 1.78 -10.29
C GLN D 51 0.24 1.56 -8.82
N GLN D 52 0.00 0.31 -8.45
CA GLN D 52 -0.39 0.03 -7.09
C GLN D 52 0.84 0.01 -6.20
N ARG D 53 2.01 0.03 -6.81
CA ARG D 53 3.26 0.19 -6.08
C ARG D 53 3.48 1.65 -5.74
N MET D 54 2.71 2.53 -6.37
CA MET D 54 2.94 3.96 -6.26
C MET D 54 1.96 4.58 -5.27
N LEU D 55 1.36 3.74 -4.44
CA LEU D 55 0.35 4.21 -3.48
C LEU D 55 1.04 4.73 -2.24
N GLN D 56 1.83 5.78 -2.41
CA GLN D 56 2.22 6.64 -1.31
C GLN D 56 1.34 7.89 -1.31
N LEU D 57 0.57 8.07 -2.37
CA LEU D 57 -0.36 9.19 -2.46
C LEU D 57 -1.52 9.04 -1.48
N THR D 58 -2.13 10.17 -1.10
CA THR D 58 -3.27 10.15 -0.19
C THR D 58 -4.50 10.71 -0.89
N VAL D 59 -5.68 10.39 -0.38
CA VAL D 59 -6.92 10.88 -0.97
C VAL D 59 -7.16 10.14 -2.27
N TRP D 60 -6.43 10.56 -3.30
CA TRP D 60 -6.58 10.07 -4.63
C TRP D 60 -6.29 8.60 -4.69
N GLY D 61 -5.13 8.23 -4.17
CA GLY D 61 -4.72 6.85 -4.21
C GLY D 61 -5.74 5.97 -3.51
N ILE D 62 -6.19 6.41 -2.35
CA ILE D 62 -7.10 5.62 -1.52
C ILE D 62 -8.45 5.40 -2.16
N LYS D 63 -8.91 6.35 -2.97
CA LYS D 63 -10.12 6.15 -3.74
C LYS D 63 -10.11 4.89 -4.57
N GLN D 64 -8.94 4.46 -5.01
CA GLN D 64 -8.83 3.26 -5.82
C GLN D 64 -9.04 2.04 -4.96
N LEU D 65 -8.63 2.13 -3.70
CA LEU D 65 -8.85 1.04 -2.80
C LEU D 65 -10.29 0.90 -2.49
N GLN D 66 -10.97 2.03 -2.37
CA GLN D 66 -12.38 2.01 -2.08
C GLN D 66 -13.06 1.28 -3.22
N ALA D 67 -12.68 1.67 -4.44
CA ALA D 67 -13.27 1.07 -5.62
C ALA D 67 -13.10 -0.42 -5.64
N ARG D 68 -11.88 -0.88 -5.40
CA ARG D 68 -11.61 -2.31 -5.43
C ARG D 68 -12.40 -3.06 -4.37
N VAL D 69 -12.47 -2.52 -3.15
CA VAL D 69 -13.18 -3.18 -2.10
C VAL D 69 -14.65 -3.26 -2.38
N LEU D 70 -15.20 -2.20 -2.94
CA LEU D 70 -16.60 -2.20 -3.25
C LEU D 70 -16.93 -3.15 -4.36
N ALA D 71 -16.00 -3.34 -5.29
CA ALA D 71 -16.20 -4.31 -6.35
C ALA D 71 -16.28 -5.69 -5.77
N VAL D 72 -15.38 -5.98 -4.85
CA VAL D 72 -15.36 -7.27 -4.21
C VAL D 72 -16.60 -7.50 -3.42
N GLU D 73 -17.01 -6.49 -2.66
CA GLU D 73 -18.19 -6.62 -1.85
C GLU D 73 -19.43 -6.77 -2.68
N ARG D 74 -19.50 -6.06 -3.79
CA ARG D 74 -20.67 -6.13 -4.63
C ARG D 74 -20.81 -7.57 -5.13
N TYR D 75 -19.70 -8.14 -5.56
CA TYR D 75 -19.70 -9.49 -6.05
C TYR D 75 -20.17 -10.44 -5.00
N LEU D 76 -19.57 -10.33 -3.83
CA LEU D 76 -19.85 -11.25 -2.77
C LEU D 76 -21.25 -11.14 -2.28
N GLY D 77 -21.83 -9.95 -2.33
CA GLY D 77 -23.21 -9.81 -1.92
C GLY D 77 -24.10 -10.72 -2.74
N ASP D 78 -23.82 -10.78 -4.03
CA ASP D 78 -24.64 -11.61 -4.90
C ASP D 78 -24.41 -13.07 -4.63
N GLN D 79 -23.17 -13.41 -4.32
CA GLN D 79 -22.83 -14.77 -4.05
C GLN D 79 -23.52 -15.27 -2.79
N GLN D 80 -23.67 -14.41 -1.79
CA GLN D 80 -24.36 -14.79 -0.58
C GLN D 80 -25.81 -15.03 -0.84
N LEU D 81 -26.40 -14.17 -1.66
CA LEU D 81 -27.80 -14.29 -1.97
C LEU D 81 -28.10 -15.58 -2.68
N LEU D 82 -27.23 -15.95 -3.61
CA LEU D 82 -27.43 -17.19 -4.31
C LEU D 82 -27.25 -18.36 -3.38
N GLY D 83 -26.30 -18.25 -2.46
CA GLY D 83 -26.09 -19.30 -1.49
C GLY D 83 -27.35 -19.54 -0.68
N ILE D 84 -27.98 -18.46 -0.24
CA ILE D 84 -29.20 -18.52 0.54
C ILE D 84 -30.30 -19.22 -0.22
N TRP D 85 -30.39 -18.95 -1.50
CA TRP D 85 -31.40 -19.56 -2.33
C TRP D 85 -31.12 -20.98 -2.74
N GLY D 86 -29.92 -21.49 -2.49
CA GLY D 86 -29.62 -22.86 -2.87
C GLY D 86 -29.18 -22.91 -4.33
N CYS D 87 -28.70 -21.79 -4.82
CA CYS D 87 -28.21 -21.67 -6.18
C CYS D 87 -26.72 -21.41 -6.21
N SER D 88 -25.95 -22.36 -5.69
CA SER D 88 -24.51 -22.15 -5.53
C SER D 88 -23.74 -22.38 -6.83
N GLY D 89 -24.44 -22.87 -7.85
CA GLY D 89 -23.80 -23.24 -9.09
C GLY D 89 -24.85 -23.87 -10.01
N LYS D 90 -25.10 -23.18 -11.12
CA LYS D 90 -24.68 -21.78 -11.21
C LYS D 90 -25.64 -20.93 -12.01
N LEU D 91 -25.46 -20.93 -13.32
CA LEU D 91 -26.11 -20.00 -14.20
C LEU D 91 -27.62 -19.98 -14.07
N ILE D 92 -28.24 -21.16 -14.12
CA ILE D 92 -29.68 -21.24 -14.08
C ILE D 92 -30.10 -22.06 -12.88
N CYS D 93 -31.03 -21.51 -12.10
CA CYS D 93 -31.50 -22.19 -10.92
C CYS D 93 -32.98 -21.99 -10.69
N THR D 94 -33.73 -23.06 -10.82
CA THR D 94 -35.17 -23.02 -10.63
C THR D 94 -35.54 -23.14 -9.17
N THR D 95 -36.63 -22.47 -8.79
CA THR D 95 -37.12 -22.47 -7.43
C THR D 95 -38.40 -23.29 -7.36
N ALA D 96 -38.99 -23.34 -6.18
CA ALA D 96 -40.27 -23.97 -6.02
C ALA D 96 -41.34 -22.94 -5.68
N VAL D 97 -41.14 -21.69 -6.10
CA VAL D 97 -42.15 -20.70 -5.89
C VAL D 97 -42.90 -20.52 -7.19
N PRO D 98 -44.20 -20.72 -7.20
CA PRO D 98 -45.07 -20.53 -8.33
C PRO D 98 -45.24 -19.07 -8.63
N TRP D 99 -45.17 -18.73 -9.89
CA TRP D 99 -45.30 -17.36 -10.32
C TRP D 99 -46.66 -16.79 -10.03
N ASN D 100 -46.69 -15.68 -9.31
CA ASN D 100 -47.92 -14.97 -9.03
C ASN D 100 -48.29 -14.12 -10.23
N ALA D 101 -49.42 -14.45 -10.85
CA ALA D 101 -49.92 -13.73 -12.03
C ALA D 101 -50.13 -12.24 -11.76
N SER D 102 -50.27 -11.86 -10.50
CA SER D 102 -50.45 -10.48 -10.11
C SER D 102 -49.27 -9.65 -10.61
N TRP D 103 -48.09 -10.26 -10.58
CA TRP D 103 -46.88 -9.59 -11.00
C TRP D 103 -46.95 -9.35 -12.48
N SER D 104 -47.27 -10.40 -13.23
CA SER D 104 -47.50 -10.27 -14.67
C SER D 104 -48.16 -11.48 -15.26
N ASN D 105 -48.90 -11.25 -16.32
CA ASN D 105 -49.67 -12.32 -16.93
C ASN D 105 -49.47 -12.35 -18.43
N LYS D 106 -48.35 -11.82 -18.91
CA LYS D 106 -48.11 -11.86 -20.34
C LYS D 106 -47.78 -13.26 -20.78
N SER D 107 -48.13 -13.57 -22.02
CA SER D 107 -47.93 -14.93 -22.49
C SER D 107 -46.49 -15.32 -22.38
N LEU D 108 -46.30 -16.57 -22.02
CA LEU D 108 -44.99 -17.16 -21.90
C LEU D 108 -44.25 -17.00 -23.22
N ASP D 109 -44.99 -17.19 -24.29
CA ASP D 109 -44.48 -17.03 -25.63
C ASP D 109 -44.07 -15.62 -25.90
N ARG D 110 -44.86 -14.66 -25.45
CA ARG D 110 -44.45 -13.28 -25.58
C ARG D 110 -43.13 -13.06 -24.85
N ILE D 111 -43.02 -13.59 -23.65
CA ILE D 111 -41.85 -13.35 -22.82
C ILE D 111 -40.57 -13.80 -23.47
N TRP D 112 -40.50 -15.07 -23.80
CA TRP D 112 -39.25 -15.59 -24.29
C TRP D 112 -38.96 -15.31 -25.75
N ASN D 113 -39.99 -15.21 -26.58
CA ASN D 113 -39.74 -14.94 -27.97
C ASN D 113 -39.76 -13.47 -28.38
N ASN D 114 -40.36 -12.60 -27.58
CA ASN D 114 -40.48 -11.23 -28.06
C ASN D 114 -40.46 -10.27 -26.90
N MET D 115 -39.35 -10.30 -26.19
CA MET D 115 -39.13 -9.49 -25.03
C MET D 115 -37.68 -9.55 -24.66
N THR D 116 -37.16 -8.43 -24.19
CA THR D 116 -35.76 -8.30 -23.87
C THR D 116 -35.56 -8.04 -22.41
N TRP D 117 -34.52 -8.64 -21.86
CA TRP D 117 -34.23 -8.56 -20.45
C TRP D 117 -34.39 -7.17 -19.89
N MET D 118 -33.94 -6.16 -20.63
CA MET D 118 -34.10 -4.81 -20.11
C MET D 118 -35.55 -4.46 -19.88
N GLU D 119 -36.39 -4.88 -20.79
CA GLU D 119 -37.80 -4.64 -20.66
C GLU D 119 -38.35 -5.37 -19.51
N TRP D 120 -37.94 -6.61 -19.36
CA TRP D 120 -38.44 -7.42 -18.30
C TRP D 120 -38.13 -6.81 -16.97
N GLU D 121 -36.94 -6.22 -16.88
CA GLU D 121 -36.57 -5.51 -15.67
C GLU D 121 -37.55 -4.43 -15.36
N ARG D 122 -37.83 -3.58 -16.35
CA ARG D 122 -38.73 -2.46 -16.14
C ARG D 122 -40.11 -2.91 -15.73
N GLU D 123 -40.56 -4.02 -16.30
CA GLU D 123 -41.91 -4.48 -16.06
C GLU D 123 -42.16 -5.00 -14.66
N ILE D 124 -41.23 -5.74 -14.08
CA ILE D 124 -41.53 -6.32 -12.78
C ILE D 124 -40.65 -5.78 -11.67
N ASP D 125 -39.97 -4.67 -11.93
CA ASP D 125 -39.14 -3.99 -10.95
C ASP D 125 -39.80 -3.79 -9.61
N ASN D 126 -41.03 -3.29 -9.60
CA ASN D 126 -41.75 -3.01 -8.37
C ASN D 126 -42.10 -4.23 -7.53
N TYR D 127 -41.89 -5.42 -8.03
CA TYR D 127 -42.21 -6.59 -7.27
C TYR D 127 -40.99 -7.34 -6.81
N THR D 128 -39.80 -6.89 -7.27
CA THR D 128 -38.55 -7.59 -7.01
C THR D 128 -38.44 -8.00 -5.57
N SER D 129 -38.71 -7.04 -4.69
CA SER D 129 -38.54 -7.14 -3.25
C SER D 129 -39.13 -8.39 -2.62
N GLU D 130 -40.45 -8.51 -2.81
CA GLU D 130 -41.21 -9.63 -2.29
C GLU D 130 -41.01 -10.90 -3.06
N ILE D 131 -40.55 -10.81 -4.30
CA ILE D 131 -40.23 -12.02 -5.01
C ILE D 131 -39.08 -12.70 -4.32
N TYR D 132 -38.08 -11.91 -3.97
CA TYR D 132 -36.92 -12.45 -3.31
C TYR D 132 -37.26 -13.04 -1.98
N THR D 133 -38.10 -12.34 -1.22
CA THR D 133 -38.51 -12.81 0.08
C THR D 133 -39.18 -14.16 -0.03
N LEU D 134 -40.04 -14.31 -1.01
CA LEU D 134 -40.74 -15.54 -1.19
C LEU D 134 -39.82 -16.67 -1.55
N ILE D 135 -38.81 -16.38 -2.37
CA ILE D 135 -37.84 -17.39 -2.68
C ILE D 135 -37.10 -17.83 -1.44
N GLU D 136 -36.79 -16.88 -0.56
CA GLU D 136 -36.16 -17.28 0.68
C GLU D 136 -37.04 -18.22 1.48
N GLU D 137 -38.32 -17.93 1.56
CA GLU D 137 -39.19 -18.77 2.33
C GLU D 137 -39.23 -20.15 1.78
N SER D 138 -39.17 -20.26 0.47
CA SER D 138 -39.15 -21.56 -0.15
C SER D 138 -38.00 -22.36 0.36
N GLN D 139 -36.79 -21.82 0.23
CA GLN D 139 -35.61 -22.55 0.68
C GLN D 139 -35.65 -22.80 2.16
N ASN D 140 -36.28 -21.91 2.92
CA ASN D 140 -36.37 -22.09 4.36
C ASN D 140 -37.21 -23.30 4.67
N GLN D 141 -38.35 -23.39 4.01
CA GLN D 141 -39.24 -24.50 4.25
C GLN D 141 -38.64 -25.77 3.74
N GLN D 142 -37.82 -25.68 2.70
CA GLN D 142 -37.14 -26.84 2.13
C GLN D 142 -36.06 -27.34 3.05
N GLU D 143 -35.42 -26.43 3.77
CA GLU D 143 -34.47 -26.85 4.77
C GLU D 143 -35.13 -27.82 5.72
N LYS D 144 -36.33 -27.46 6.18
CA LYS D 144 -37.06 -28.24 7.17
C LYS D 144 -37.85 -29.41 6.57
N ASN D 145 -38.30 -29.25 5.34
CA ASN D 145 -39.15 -30.26 4.72
C ASN D 145 -38.31 -31.40 4.24
N GLU D 146 -37.10 -31.07 3.77
CA GLU D 146 -36.19 -32.06 3.25
C GLU D 146 -35.58 -32.88 4.37
N GLN D 147 -35.76 -32.43 5.62
CA GLN D 147 -35.45 -33.25 6.79
C GLN D 147 -36.34 -34.49 6.93
N THR E 1 -11.44 -45.00 -24.65
CA THR E 1 -11.44 -44.67 -26.07
C THR E 1 -10.24 -43.80 -26.40
N GLU E 2 -10.15 -43.41 -27.65
CA GLU E 2 -9.07 -42.57 -28.12
C GLU E 2 -9.37 -41.10 -27.83
N LYS E 3 -10.65 -40.76 -27.74
CA LYS E 3 -10.99 -39.41 -27.41
C LYS E 3 -10.56 -39.01 -26.05
N LEU E 4 -10.09 -37.79 -25.93
CA LEU E 4 -9.60 -37.33 -24.66
C LEU E 4 -10.53 -36.21 -24.32
N TRP E 5 -10.76 -35.99 -23.06
CA TRP E 5 -11.60 -34.87 -22.76
C TRP E 5 -10.83 -33.93 -21.85
N VAL E 6 -11.24 -32.67 -21.83
CA VAL E 6 -10.71 -31.69 -20.88
C VAL E 6 -11.21 -31.86 -19.46
N THR E 7 -10.26 -31.87 -18.53
CA THR E 7 -10.54 -31.87 -17.11
C THR E 7 -9.75 -30.77 -16.43
N VAL E 8 -10.33 -30.24 -15.36
CA VAL E 8 -9.70 -29.13 -14.66
C VAL E 8 -9.15 -29.49 -13.31
N TYR E 9 -7.95 -29.00 -13.04
CA TYR E 9 -7.30 -29.21 -11.78
C TYR E 9 -7.14 -27.91 -11.02
N TYR E 10 -7.51 -27.92 -9.74
CA TYR E 10 -7.37 -26.74 -8.91
C TYR E 10 -6.51 -26.97 -7.71
N GLY E 11 -5.43 -26.21 -7.63
CA GLY E 11 -4.44 -26.32 -6.57
C GLY E 11 -3.15 -26.85 -7.18
N VAL E 12 -2.93 -26.47 -8.41
CA VAL E 12 -1.78 -26.88 -9.15
C VAL E 12 -0.61 -25.93 -9.07
N PRO E 13 0.56 -26.39 -8.62
CA PRO E 13 1.82 -25.64 -8.57
C PRO E 13 2.27 -24.99 -9.88
N VAL E 14 2.15 -23.68 -10.00
CA VAL E 14 2.59 -22.98 -11.20
C VAL E 14 3.23 -21.65 -10.91
N TRP E 15 4.41 -21.42 -11.47
CA TRP E 15 5.12 -20.19 -11.19
C TRP E 15 4.92 -19.16 -12.25
N LYS E 16 4.88 -17.93 -11.81
CA LYS E 16 4.90 -16.79 -12.69
C LYS E 16 5.80 -15.78 -12.02
N GLU E 17 6.93 -15.47 -12.61
CA GLU E 17 7.79 -14.48 -12.00
C GLU E 17 7.06 -13.17 -11.88
N ALA E 18 7.04 -12.61 -10.68
CA ALA E 18 6.29 -11.39 -10.48
C ALA E 18 6.81 -10.58 -9.33
N THR E 19 6.44 -9.31 -9.30
CA THR E 19 6.85 -8.44 -8.23
C THR E 19 5.68 -7.85 -7.51
N THR E 20 5.73 -7.87 -6.19
CA THR E 20 4.64 -7.39 -5.37
C THR E 20 5.17 -6.68 -4.14
N THR E 21 4.27 -6.25 -3.30
CA THR E 21 4.65 -5.54 -2.09
C THR E 21 4.95 -6.49 -0.98
N LEU E 22 6.17 -6.42 -0.47
CA LEU E 22 6.57 -7.35 0.55
C LEU E 22 6.18 -6.87 1.91
N PHE E 23 6.09 -7.80 2.84
CA PHE E 23 5.73 -7.50 4.21
C PHE E 23 6.94 -7.45 5.05
N CYS E 24 7.10 -6.38 5.80
CA CYS E 24 8.25 -6.37 6.66
C CYS E 24 7.99 -6.73 8.10
N ALA E 25 8.91 -7.54 8.63
CA ALA E 25 8.89 -7.88 10.04
C ALA E 25 10.18 -7.47 10.75
N SER E 26 10.03 -6.97 11.99
CA SER E 26 11.14 -6.33 12.71
C SER E 26 11.96 -7.19 13.69
N ASP E 27 11.83 -8.51 13.60
CA ASP E 27 12.59 -9.49 14.43
C ASP E 27 12.19 -9.68 15.89
N ALA E 28 12.21 -8.59 16.62
CA ALA E 28 11.85 -8.44 18.03
C ALA E 28 12.66 -7.27 18.55
N GLU E 34 11.60 0.38 22.86
CA GLU E 34 10.99 1.71 22.94
C GLU E 34 12.07 2.76 23.16
N VAL E 35 12.94 2.92 22.16
CA VAL E 35 14.15 3.72 22.21
C VAL E 35 14.03 5.24 22.10
N HIS E 36 13.29 5.75 21.09
CA HIS E 36 12.59 5.01 20.03
C HIS E 36 12.72 5.73 18.66
N ASN E 37 12.19 5.09 17.60
CA ASN E 37 11.97 3.66 17.64
C ASN E 37 12.88 2.93 16.75
N VAL E 38 13.90 3.59 16.21
CA VAL E 38 14.76 2.86 15.31
C VAL E 38 13.97 2.23 14.18
N TRP E 39 12.92 2.93 13.71
CA TRP E 39 12.13 2.47 12.58
C TRP E 39 11.62 1.05 12.81
N ALA E 40 11.89 0.13 11.91
CA ALA E 40 11.57 -1.27 12.10
C ALA E 40 10.18 -1.49 12.68
N THR E 41 10.04 -1.62 14.01
CA THR E 41 8.72 -1.85 14.62
C THR E 41 7.80 -0.70 14.37
N HIS E 42 8.37 0.49 14.22
CA HIS E 42 7.62 1.66 13.83
C HIS E 42 6.76 1.40 12.59
N ALA E 43 7.30 0.66 11.62
CA ALA E 43 6.59 0.37 10.40
C ALA E 43 6.56 -1.13 10.06
N CYS E 44 6.92 -2.00 11.02
CA CYS E 44 6.90 -3.43 10.72
C CYS E 44 6.43 -4.31 11.89
N VAL E 45 6.10 -5.57 11.56
CA VAL E 45 5.47 -6.48 12.50
C VAL E 45 6.49 -7.05 13.45
N PRO E 46 6.34 -6.85 14.75
CA PRO E 46 7.19 -7.34 15.80
C PRO E 46 7.47 -8.84 15.77
N THR E 47 6.44 -9.67 15.67
CA THR E 47 6.65 -11.11 15.87
C THR E 47 7.02 -11.96 14.64
N ASP E 48 8.13 -12.66 14.81
CA ASP E 48 8.94 -13.17 13.72
C ASP E 48 10.30 -13.42 14.38
N PRO E 49 11.43 -13.76 13.62
CA PRO E 49 11.19 -14.29 12.29
C PRO E 49 10.47 -15.63 12.31
N ASN E 50 11.13 -16.63 12.90
CA ASN E 50 10.67 -18.01 12.83
C ASN E 50 10.51 -18.41 11.37
N PRO E 51 11.66 -18.29 10.60
CA PRO E 51 11.51 -18.80 9.23
C PRO E 51 11.62 -20.31 9.18
N GLN E 52 10.70 -20.95 8.47
CA GLN E 52 10.81 -22.37 8.20
C GLN E 52 11.38 -22.58 6.81
N GLU E 53 10.74 -23.43 6.04
CA GLU E 53 11.21 -23.75 4.71
C GLU E 53 10.77 -25.10 4.17
N VAL E 54 10.55 -25.17 2.86
CA VAL E 54 10.21 -26.41 2.18
C VAL E 54 11.20 -26.77 1.10
N VAL E 55 11.85 -27.90 1.24
CA VAL E 55 12.81 -28.34 0.24
C VAL E 55 12.15 -28.82 -1.01
N LEU E 56 12.49 -28.21 -2.14
CA LEU E 56 11.99 -28.67 -3.41
C LEU E 56 12.96 -29.63 -4.09
N GLU E 57 12.44 -30.53 -4.92
CA GLU E 57 13.24 -31.52 -5.62
C GLU E 57 12.97 -31.58 -7.10
N ASN E 58 14.00 -31.89 -7.88
CA ASN E 58 13.86 -32.06 -9.32
C ASN E 58 13.47 -30.80 -10.07
N VAL E 59 13.65 -29.64 -9.45
CA VAL E 59 13.30 -28.41 -10.12
C VAL E 59 14.51 -27.56 -10.33
N THR E 60 14.48 -26.78 -11.40
CA THR E 60 15.52 -25.82 -11.65
C THR E 60 14.89 -24.48 -11.93
N GLU E 61 15.59 -23.42 -11.61
CA GLU E 61 15.03 -22.10 -11.82
C GLU E 61 16.06 -21.06 -12.11
N HIS E 62 15.80 -20.26 -13.12
CA HIS E 62 16.72 -19.23 -13.53
C HIS E 62 16.64 -18.02 -12.62
N PHE E 63 17.73 -17.78 -11.91
CA PHE E 63 17.88 -16.62 -11.05
C PHE E 63 18.68 -15.54 -11.73
N ASN E 64 18.44 -14.31 -11.31
CA ASN E 64 19.20 -13.20 -11.85
C ASN E 64 19.31 -12.09 -10.85
N MET E 65 20.44 -12.04 -10.17
CA MET E 65 20.72 -11.04 -9.16
C MET E 65 20.53 -9.62 -9.66
N TRP E 66 20.74 -9.41 -10.94
CA TRP E 66 20.83 -8.07 -11.46
C TRP E 66 19.51 -7.61 -12.07
N LYS E 67 18.47 -8.42 -11.88
CA LYS E 67 17.13 -8.04 -12.25
C LYS E 67 16.17 -8.27 -11.09
N ASN E 68 16.72 -8.39 -9.90
CA ASN E 68 15.88 -8.71 -8.77
C ASN E 68 15.24 -7.49 -8.16
N ASN E 69 13.92 -7.38 -8.36
CA ASN E 69 13.13 -6.23 -7.90
C ASN E 69 12.93 -6.09 -6.41
N MET E 70 13.37 -7.07 -5.62
CA MET E 70 13.33 -6.95 -4.18
C MET E 70 14.25 -5.82 -3.76
N VAL E 71 15.35 -5.68 -4.49
CA VAL E 71 16.36 -4.68 -4.23
C VAL E 71 15.81 -3.30 -4.37
N GLU E 72 15.15 -3.07 -5.48
CA GLU E 72 14.61 -1.76 -5.75
C GLU E 72 13.49 -1.45 -4.81
N GLN E 73 12.73 -2.48 -4.43
CA GLN E 73 11.70 -2.29 -3.45
C GLN E 73 12.29 -1.74 -2.19
N MET E 74 13.28 -2.43 -1.66
CA MET E 74 13.90 -2.05 -0.42
C MET E 74 14.43 -0.65 -0.46
N GLN E 75 15.09 -0.30 -1.55
CA GLN E 75 15.65 1.02 -1.71
C GLN E 75 14.65 2.11 -1.43
N GLU E 76 13.51 2.02 -2.10
CA GLU E 76 12.45 2.98 -1.89
C GLU E 76 11.94 2.96 -0.48
N ASP E 77 11.83 1.77 0.08
CA ASP E 77 11.29 1.61 1.40
C ASP E 77 12.09 2.37 2.41
N ILE E 78 13.40 2.15 2.40
CA ILE E 78 14.26 2.76 3.37
C ILE E 78 14.33 4.25 3.25
N ILE E 79 14.37 4.74 2.02
CA ILE E 79 14.36 6.17 1.85
C ILE E 79 13.12 6.80 2.41
N SER E 80 11.99 6.15 2.19
CA SER E 80 10.75 6.67 2.72
C SER E 80 10.77 6.74 4.22
N LEU E 81 11.33 5.71 4.84
CA LEU E 81 11.44 5.67 6.26
C LEU E 81 12.18 6.87 6.79
N TRP E 82 13.30 7.20 6.15
CA TRP E 82 14.05 8.35 6.62
C TRP E 82 13.25 9.61 6.54
N ASP E 83 12.50 9.77 5.44
CA ASP E 83 11.70 10.97 5.32
C ASP E 83 10.78 11.12 6.49
N GLN E 84 10.02 10.08 6.77
CA GLN E 84 8.99 10.14 7.77
C GLN E 84 9.58 10.35 9.14
N SER E 85 10.74 9.75 9.40
CA SER E 85 11.39 9.92 10.68
C SER E 85 12.04 11.27 10.83
N LEU E 86 12.10 12.03 9.75
CA LEU E 86 12.64 13.37 9.81
C LEU E 86 11.60 14.46 9.67
N LYS E 87 10.33 14.10 9.49
CA LYS E 87 9.31 15.13 9.34
C LYS E 87 8.95 15.81 10.67
N PRO E 88 8.72 15.00 11.71
CA PRO E 88 8.41 15.53 13.04
C PRO E 88 9.68 15.93 13.77
N CYS E 89 10.49 16.79 13.15
CA CYS E 89 11.72 17.27 13.78
C CYS E 89 11.94 18.76 13.50
N VAL E 90 12.98 19.30 14.12
CA VAL E 90 13.30 20.72 14.01
C VAL E 90 14.10 21.13 12.77
N LYS E 91 13.49 21.92 11.90
CA LYS E 91 14.24 22.44 10.77
C LYS E 91 15.24 23.44 11.29
N LEU E 92 16.45 23.40 10.79
CA LEU E 92 17.45 24.31 11.32
C LEU E 92 17.36 25.69 10.71
N THR E 93 17.10 26.70 11.54
CA THR E 93 17.04 28.05 11.03
C THR E 93 17.47 29.03 12.13
N PRO E 94 18.18 30.09 11.78
CA PRO E 94 18.58 30.49 10.48
C PRO E 94 19.64 29.50 10.12
N LEU E 95 19.65 29.10 8.88
CA LEU E 95 20.51 28.04 8.46
C LEU E 95 21.92 28.54 8.26
N CYS E 96 22.03 29.75 7.75
CA CYS E 96 23.30 30.40 7.68
C CYS E 96 23.22 31.81 8.18
N VAL E 97 24.15 32.12 9.06
CA VAL E 97 24.46 33.46 9.50
C VAL E 97 25.96 33.56 9.50
N THR E 98 26.51 34.75 9.63
CA THR E 98 27.95 34.84 9.65
C THR E 98 28.49 34.13 10.87
N LEU E 99 29.40 33.20 10.62
CA LEU E 99 30.08 32.49 11.68
C LEU E 99 31.49 33.02 11.74
N ASN E 100 32.00 33.37 12.92
CA ASN E 100 33.31 34.02 12.98
C ASN E 100 34.25 33.50 14.04
N CYS E 101 35.18 32.61 13.69
CA CYS E 101 36.06 32.13 14.75
C CYS E 101 37.25 31.31 14.32
N LYS E 102 38.02 30.85 15.29
CA LYS E 102 39.24 30.11 15.00
C LYS E 102 39.23 28.70 15.55
N ASP E 103 40.29 27.94 15.28
CA ASP E 103 40.41 26.57 15.78
C ASP E 103 41.15 26.56 17.12
N VAL E 104 40.92 25.53 17.93
CA VAL E 104 41.56 25.38 19.24
C VAL E 104 40.92 24.27 20.06
N ASN E 105 41.68 23.67 20.97
CA ASN E 105 43.08 24.03 21.20
C ASN E 105 43.89 22.88 21.77
N ALA E 106 45.13 22.76 21.31
CA ALA E 106 46.07 21.80 21.87
C ALA E 106 45.83 20.39 21.36
N GLU E 118 45.51 17.00 14.29
CA GLU E 118 46.08 18.02 13.42
C GLU E 118 45.39 19.38 13.58
N ARG E 119 45.86 20.37 12.83
CA ARG E 119 45.29 21.72 12.87
C ARG E 119 44.02 21.85 12.03
N GLY E 120 43.27 22.92 12.27
CA GLY E 120 42.02 23.16 11.58
C GLY E 120 41.13 21.93 11.50
N GLU E 121 40.81 21.34 12.66
CA GLU E 121 39.90 20.20 12.73
C GLU E 121 38.52 20.55 13.35
N ILE E 122 38.51 21.54 14.24
CA ILE E 122 37.29 21.97 14.89
C ILE E 122 37.36 23.46 15.19
N LYS E 123 36.29 24.17 14.87
CA LYS E 123 36.26 25.59 15.10
C LYS E 123 35.15 25.95 16.05
N ASN E 124 35.39 26.96 16.85
CA ASN E 124 34.47 27.38 17.89
C ASN E 124 33.85 28.74 17.64
N CYS E 125 32.71 28.78 16.95
CA CYS E 125 32.06 30.08 16.78
C CYS E 125 31.02 30.22 17.86
N SER E 126 30.68 31.47 18.25
CA SER E 126 30.71 32.78 17.58
C SER E 126 29.75 32.96 16.42
N PHE E 127 28.47 32.99 16.76
CA PHE E 127 27.44 33.36 15.80
C PHE E 127 26.31 34.13 16.43
N ASN E 128 25.55 34.83 15.59
CA ASN E 128 24.46 35.69 16.02
C ASN E 128 23.12 35.05 15.74
N ILE E 129 22.26 34.93 16.74
CA ILE E 129 20.95 34.35 16.52
C ILE E 129 19.82 35.01 17.29
N THR E 130 18.71 35.24 16.60
CA THR E 130 17.54 35.81 17.25
C THR E 130 16.77 34.72 17.96
N THR E 131 16.58 34.86 19.26
CA THR E 131 15.88 33.82 20.01
C THR E 131 14.37 34.02 19.93
N SER E 132 13.67 33.04 19.35
CA SER E 132 12.22 33.06 19.23
C SER E 132 11.81 34.34 18.54
N ILE E 133 10.88 35.07 19.14
CA ILE E 133 10.52 36.35 18.59
C ILE E 133 10.46 37.31 19.76
N ARG E 134 11.60 37.96 19.97
CA ARG E 134 11.81 38.92 21.01
C ARG E 134 13.04 39.71 20.70
N ASP E 135 13.29 40.80 21.40
CA ASP E 135 14.43 41.63 21.05
C ASP E 135 15.70 41.12 21.69
N GLU E 136 16.07 39.90 21.31
CA GLU E 136 17.26 39.27 21.85
C GLU E 136 18.05 38.55 20.80
N VAL E 137 18.95 39.27 20.14
CA VAL E 137 19.84 38.64 19.20
C VAL E 137 20.91 38.12 20.12
N GLN E 138 20.98 36.81 20.27
CA GLN E 138 21.86 36.22 21.23
C GLN E 138 23.18 35.92 20.55
N LYS E 139 24.26 36.39 21.14
CA LYS E 139 25.56 35.95 20.69
C LYS E 139 25.78 34.60 21.33
N GLU E 140 26.11 33.61 20.54
CA GLU E 140 26.15 32.27 21.07
C GLU E 140 27.23 31.45 20.41
N TYR E 141 27.65 30.37 21.06
CA TYR E 141 28.70 29.58 20.46
C TYR E 141 28.47 28.09 20.51
N ALA E 142 29.00 27.43 19.51
CA ALA E 142 28.91 25.98 19.38
C ALA E 142 30.07 25.43 18.58
N LEU E 143 30.41 24.17 18.80
CA LEU E 143 31.53 23.60 18.08
C LEU E 143 31.12 23.00 16.74
N PHE E 144 31.97 23.21 15.73
CA PHE E 144 31.75 22.61 14.42
C PHE E 144 33.00 22.00 13.83
N TYR E 145 32.81 21.02 12.97
CA TYR E 145 33.93 20.38 12.31
C TYR E 145 34.17 21.05 10.97
N LYS E 146 35.43 21.07 10.56
CA LYS E 146 35.88 21.68 9.32
C LYS E 146 35.06 21.28 8.09
N LEU E 147 34.68 20.01 8.02
CA LEU E 147 33.88 19.49 6.92
C LEU E 147 32.51 20.12 6.80
N ASP E 148 32.01 20.67 7.90
CA ASP E 148 30.70 21.27 7.91
C ASP E 148 30.69 22.72 7.44
N VAL E 149 31.86 23.34 7.25
CA VAL E 149 31.86 24.77 7.02
C VAL E 149 32.67 25.20 5.80
N VAL E 150 32.29 26.34 5.23
CA VAL E 150 32.97 26.92 4.08
C VAL E 150 33.39 28.35 4.35
N PRO E 151 34.67 28.64 4.23
CA PRO E 151 35.30 29.92 4.46
C PRO E 151 34.61 31.03 3.70
N ILE E 152 34.55 32.21 4.31
CA ILE E 152 34.06 33.41 3.68
C ILE E 152 35.10 34.50 3.63
N ASP E 153 35.14 35.21 2.51
CA ASP E 153 36.03 36.33 2.31
C ASP E 153 37.49 35.94 2.44
N ASN E 154 37.96 35.18 1.47
CA ASN E 154 39.32 34.69 1.41
C ASN E 154 39.70 33.83 2.62
N ASN E 155 40.71 34.25 3.37
CA ASN E 155 41.17 33.49 4.53
C ASN E 155 40.75 34.14 5.83
N ASN E 156 39.73 34.98 5.78
CA ASN E 156 39.22 35.57 7.00
C ASN E 156 38.63 34.53 7.90
N THR E 157 38.53 34.87 9.18
CA THR E 157 37.93 34.02 10.20
C THR E 157 36.43 33.79 10.06
N SER E 158 35.78 34.50 9.13
CA SER E 158 34.37 34.30 8.85
C SER E 158 34.14 33.08 7.99
N TYR E 159 32.97 32.44 8.14
CA TYR E 159 32.56 31.33 7.28
C TYR E 159 31.09 30.95 7.51
N ARG E 160 30.57 30.01 6.72
CA ARG E 160 29.20 29.56 6.96
C ARG E 160 28.98 28.11 6.56
N LEU E 161 27.88 27.54 7.02
CA LEU E 161 27.62 26.13 6.87
C LEU E 161 27.57 25.69 5.41
N ILE E 162 28.16 24.53 5.15
CA ILE E 162 28.40 23.94 3.84
C ILE E 162 27.29 23.83 2.81
N SER E 163 26.04 23.64 3.19
CA SER E 163 25.02 23.50 2.15
C SER E 163 23.78 24.30 2.45
N CYS E 164 23.92 25.30 3.30
CA CYS E 164 22.80 26.07 3.80
C CYS E 164 22.13 26.96 2.79
N ASP E 165 22.81 27.27 1.71
CA ASP E 165 22.24 28.11 0.69
C ASP E 165 21.34 27.36 -0.28
N THR E 166 21.50 26.03 -0.33
CA THR E 166 20.76 25.29 -1.32
C THR E 166 19.81 24.26 -0.77
N SER E 167 20.07 23.77 0.43
CA SER E 167 19.24 22.69 0.91
C SER E 167 18.72 22.97 2.30
N VAL E 168 17.53 22.47 2.58
CA VAL E 168 16.98 22.59 3.90
C VAL E 168 17.59 21.52 4.77
N ILE E 169 18.25 21.94 5.84
CA ILE E 169 18.89 20.99 6.71
C ILE E 169 18.06 20.84 7.97
N THR E 170 17.69 19.61 8.27
CA THR E 170 16.92 19.34 9.47
C THR E 170 17.74 18.66 10.52
N GLN E 171 17.40 18.91 11.76
CA GLN E 171 18.04 18.25 12.87
C GLN E 171 17.34 16.96 13.19
N ALA E 172 18.06 15.88 13.11
CA ALA E 172 17.50 14.58 13.42
C ALA E 172 16.96 14.62 14.82
N CYS E 173 15.78 14.05 14.99
CA CYS E 173 15.21 13.98 16.31
C CYS E 173 16.19 13.27 17.24
N PRO E 174 16.58 13.91 18.35
CA PRO E 174 17.52 13.43 19.37
C PRO E 174 17.15 12.07 19.90
N LYS E 175 15.85 11.81 20.00
CA LYS E 175 15.34 10.56 20.47
C LYS E 175 15.58 9.39 19.54
N ILE E 176 15.85 9.65 18.27
CA ILE E 176 15.93 8.55 17.34
C ILE E 176 17.30 7.94 17.22
N SER E 177 17.36 6.64 17.44
CA SER E 177 18.59 5.89 17.27
C SER E 177 18.69 5.31 15.88
N PHE E 178 19.91 5.23 15.36
CA PHE E 178 20.11 4.74 14.01
C PHE E 178 20.58 3.31 13.99
N GLU E 179 20.28 2.58 15.04
CA GLU E 179 20.58 1.16 15.07
C GLU E 179 20.02 0.37 13.89
N PRO E 180 20.88 -0.31 13.17
CA PRO E 180 20.58 -1.19 12.06
C PRO E 180 20.03 -2.51 12.56
N ILE E 181 18.83 -2.47 13.10
CA ILE E 181 18.17 -3.67 13.53
C ILE E 181 17.82 -4.48 12.30
N PRO E 182 18.17 -5.75 12.23
CA PRO E 182 17.91 -6.65 11.13
C PRO E 182 16.45 -6.92 11.01
N ILE E 183 16.00 -6.96 9.78
CA ILE E 183 14.63 -7.18 9.43
C ILE E 183 14.44 -8.33 8.50
N HIS E 184 13.24 -8.85 8.44
CA HIS E 184 13.00 -9.99 7.58
C HIS E 184 11.91 -9.64 6.61
N TYR E 185 12.01 -10.12 5.38
CA TYR E 185 10.90 -9.93 4.46
C TYR E 185 10.13 -11.17 4.22
N CYS E 186 8.82 -11.04 4.17
CA CYS E 186 7.99 -12.14 3.74
C CYS E 186 7.03 -11.72 2.67
N ALA E 187 6.34 -12.69 2.12
CA ALA E 187 5.43 -12.40 1.04
C ALA E 187 4.00 -12.53 1.50
N PRO E 188 3.12 -11.70 0.98
CA PRO E 188 1.69 -11.68 1.19
C PRO E 188 1.10 -12.91 0.53
N ALA E 189 -0.12 -13.24 0.94
CA ALA E 189 -0.79 -14.44 0.47
C ALA E 189 -0.81 -14.50 -1.04
N GLY E 190 -0.60 -15.70 -1.56
CA GLY E 190 -0.65 -15.94 -2.99
C GLY E 190 0.72 -15.87 -3.62
N PHE E 191 1.72 -15.48 -2.83
CA PHE E 191 3.07 -15.42 -3.33
C PHE E 191 3.97 -16.30 -2.53
N ALA E 192 5.12 -16.63 -3.09
CA ALA E 192 6.11 -17.37 -2.34
C ALA E 192 7.49 -16.91 -2.68
N ILE E 193 8.34 -16.86 -1.68
CA ILE E 193 9.71 -16.47 -1.91
C ILE E 193 10.62 -17.66 -2.09
N LEU E 194 11.23 -17.75 -3.25
CA LEU E 194 12.10 -18.86 -3.58
C LEU E 194 13.52 -18.52 -3.26
N LYS E 195 14.30 -19.50 -2.85
CA LYS E 195 15.71 -19.27 -2.59
C LYS E 195 16.60 -20.27 -3.29
N CYS E 196 17.61 -19.75 -3.96
CA CYS E 196 18.68 -20.60 -4.48
C CYS E 196 19.67 -20.94 -3.40
N ASN E 197 19.66 -22.21 -2.98
CA ASN E 197 20.56 -22.65 -1.93
C ASN E 197 21.70 -23.50 -2.48
N ASP E 198 22.20 -23.13 -3.65
CA ASP E 198 23.35 -23.81 -4.23
C ASP E 198 24.67 -23.12 -3.92
N LYS E 199 25.40 -23.68 -2.97
CA LYS E 199 26.71 -23.20 -2.61
C LYS E 199 27.60 -23.04 -3.83
N THR E 200 28.25 -21.87 -3.94
CA THR E 200 29.05 -21.39 -5.08
C THR E 200 28.25 -20.64 -6.15
N PHE E 201 26.95 -20.47 -5.97
CA PHE E 201 26.14 -19.72 -6.92
C PHE E 201 26.76 -18.39 -7.29
N ASN E 202 26.96 -18.20 -8.59
CA ASN E 202 27.68 -17.07 -9.16
C ASN E 202 26.87 -15.78 -9.34
N GLY E 203 25.63 -15.77 -8.90
CA GLY E 203 24.82 -14.56 -8.99
C GLY E 203 23.88 -14.55 -10.19
N LYS E 204 24.01 -15.51 -11.09
CA LYS E 204 23.14 -15.50 -12.24
C LYS E 204 23.11 -16.85 -12.93
N GLY E 205 21.94 -17.26 -13.37
CA GLY E 205 21.79 -18.52 -14.06
C GLY E 205 20.86 -19.44 -13.30
N PRO E 206 20.65 -20.64 -13.82
CA PRO E 206 19.80 -21.69 -13.31
C PRO E 206 20.37 -22.31 -12.04
N CYS E 207 19.62 -22.21 -10.94
CA CYS E 207 20.03 -22.89 -9.72
C CYS E 207 19.40 -24.27 -9.72
N LYS E 208 20.03 -25.20 -9.00
CA LYS E 208 19.54 -26.57 -8.93
C LYS E 208 18.87 -26.81 -7.58
N ASN E 209 19.51 -26.34 -6.52
CA ASN E 209 19.03 -26.56 -5.16
C ASN E 209 18.16 -25.40 -4.76
N VAL E 210 16.96 -25.41 -5.30
CA VAL E 210 15.96 -24.40 -4.99
C VAL E 210 15.00 -24.89 -3.93
N SER E 211 14.73 -24.03 -2.98
CA SER E 211 13.83 -24.35 -1.91
C SER E 211 13.00 -23.16 -1.55
N THR E 212 11.84 -23.39 -0.97
CA THR E 212 10.93 -22.29 -0.74
C THR E 212 11.07 -21.84 0.68
N VAL E 213 11.10 -20.54 0.88
CA VAL E 213 11.09 -20.05 2.24
C VAL E 213 9.90 -19.22 2.57
N GLN E 214 9.65 -19.12 3.87
CA GLN E 214 8.53 -18.36 4.38
C GLN E 214 8.88 -16.89 4.43
N CYS E 215 10.12 -16.61 4.81
CA CYS E 215 10.65 -15.27 4.75
C CYS E 215 12.13 -15.33 4.40
N THR E 216 12.79 -14.18 4.35
CA THR E 216 14.21 -14.15 4.07
C THR E 216 14.98 -14.37 5.32
N HIS E 217 16.26 -14.67 5.17
CA HIS E 217 17.12 -14.67 6.32
C HIS E 217 17.19 -13.25 6.84
N GLY E 218 17.75 -13.06 8.01
CA GLY E 218 17.84 -11.73 8.58
C GLY E 218 18.72 -10.84 7.75
N ILE E 219 18.15 -9.73 7.31
CA ILE E 219 18.88 -8.74 6.54
C ILE E 219 19.12 -7.51 7.34
N ARG E 220 20.37 -7.14 7.48
CA ARG E 220 20.70 -6.00 8.29
C ARG E 220 20.94 -4.79 7.42
N PRO E 221 20.16 -3.73 7.60
CA PRO E 221 20.20 -2.50 6.81
C PRO E 221 21.40 -1.61 7.15
N VAL E 222 22.60 -2.09 6.90
CA VAL E 222 23.79 -1.33 7.23
C VAL E 222 24.22 -0.43 6.11
N VAL E 223 24.15 0.86 6.35
CA VAL E 223 24.50 1.83 5.35
C VAL E 223 25.97 2.14 5.35
N SER E 224 26.63 1.88 4.24
CA SER E 224 28.04 2.21 4.12
C SER E 224 28.47 2.25 2.67
N THR E 225 29.68 2.74 2.45
CA THR E 225 30.25 2.70 1.10
C THR E 225 31.51 1.89 1.10
N GLN E 226 32.02 1.65 -0.11
CA GLN E 226 33.20 0.86 -0.42
C GLN E 226 33.31 -0.55 0.20
N LEU E 227 33.37 -0.63 1.51
CA LEU E 227 33.42 -1.87 2.26
C LEU E 227 32.02 -2.32 2.71
N LEU E 228 31.73 -3.61 2.63
CA LEU E 228 30.45 -4.11 3.12
C LEU E 228 30.56 -4.68 4.52
N LEU E 229 29.69 -4.20 5.41
CA LEU E 229 29.78 -4.54 6.83
C LEU E 229 28.65 -5.40 7.36
N ASN E 230 29.02 -6.28 8.29
CA ASN E 230 28.11 -7.13 9.03
C ASN E 230 27.09 -7.90 8.19
N GLY E 231 27.50 -8.43 7.04
CA GLY E 231 26.60 -9.20 6.20
C GLY E 231 26.79 -10.68 6.40
N SER E 232 26.27 -11.49 5.48
CA SER E 232 26.43 -12.93 5.58
C SER E 232 27.72 -13.43 4.94
N LEU E 233 28.14 -14.62 5.32
CA LEU E 233 29.39 -15.19 4.86
C LEU E 233 29.23 -16.38 3.95
N ALA E 234 30.14 -16.48 2.98
CA ALA E 234 30.19 -17.56 2.02
C ALA E 234 30.52 -18.87 2.69
N GLU E 235 29.93 -19.95 2.20
CA GLU E 235 30.17 -21.26 2.76
C GLU E 235 31.43 -21.94 2.24
N GLU E 236 31.63 -21.88 0.92
CA GLU E 236 32.78 -22.52 0.29
C GLU E 236 34.09 -21.79 0.45
N GLU E 237 34.13 -20.59 -0.10
CA GLU E 237 35.33 -19.77 -0.13
C GLU E 237 34.98 -18.40 -0.60
N VAL E 238 35.92 -17.49 -0.54
CA VAL E 238 35.66 -16.15 -1.00
C VAL E 238 35.13 -16.24 -2.41
N VAL E 239 33.98 -15.64 -2.67
CA VAL E 239 33.46 -15.66 -4.03
C VAL E 239 33.35 -14.28 -4.58
N ILE E 240 33.31 -14.20 -5.90
CA ILE E 240 33.21 -12.93 -6.55
C ILE E 240 32.14 -12.98 -7.58
N ARG E 241 31.26 -12.01 -7.57
CA ARG E 241 30.26 -11.96 -8.61
C ARG E 241 30.04 -10.58 -9.20
N SER E 242 29.57 -10.59 -10.43
CA SER E 242 29.32 -9.37 -11.17
C SER E 242 28.26 -9.64 -12.20
N ASP E 243 27.97 -8.65 -13.02
CA ASP E 243 27.10 -8.86 -14.15
C ASP E 243 27.85 -9.40 -15.35
N ASN E 244 28.88 -8.67 -15.78
CA ASN E 244 29.77 -9.08 -16.86
C ASN E 244 31.15 -8.53 -16.61
N PHE E 245 32.06 -9.40 -16.20
CA PHE E 245 33.38 -8.96 -15.77
C PHE E 245 34.17 -8.19 -16.84
N THR E 246 33.93 -8.50 -18.10
CA THR E 246 34.62 -7.81 -19.17
C THR E 246 34.06 -6.42 -19.36
N ASN E 247 32.85 -6.21 -18.88
CA ASN E 247 32.24 -4.90 -18.92
C ASN E 247 32.69 -4.16 -17.69
N ASN E 248 33.71 -3.32 -17.82
CA ASN E 248 34.24 -2.65 -16.64
C ASN E 248 33.29 -1.63 -15.99
N ALA E 249 32.16 -1.33 -16.63
CA ALA E 249 31.21 -0.38 -16.07
C ALA E 249 30.39 -1.06 -14.99
N LYS E 250 30.38 -2.39 -15.00
CA LYS E 250 29.62 -3.15 -14.02
C LYS E 250 30.48 -3.34 -12.79
N THR E 251 29.85 -3.24 -11.63
CA THR E 251 30.60 -3.30 -10.39
C THR E 251 30.84 -4.73 -9.98
N ILE E 252 31.76 -4.91 -9.05
CA ILE E 252 32.14 -6.23 -8.61
C ILE E 252 31.82 -6.40 -7.16
N ILE E 253 31.04 -7.40 -6.83
CA ILE E 253 30.72 -7.61 -5.45
C ILE E 253 31.46 -8.82 -4.95
N VAL E 254 32.34 -8.60 -4.00
CA VAL E 254 33.12 -9.66 -3.43
C VAL E 254 32.58 -10.05 -2.08
N GLN E 255 32.29 -11.33 -1.89
CA GLN E 255 31.77 -11.78 -0.63
C GLN E 255 32.75 -12.72 0.01
N LEU E 256 33.07 -12.48 1.27
CA LEU E 256 34.13 -13.21 1.94
C LEU E 256 33.61 -14.44 2.61
N LYS E 257 34.50 -15.38 2.89
CA LYS E 257 34.18 -16.53 3.71
C LYS E 257 34.43 -16.23 5.16
N GLU E 258 35.64 -15.79 5.46
CA GLU E 258 35.98 -15.42 6.81
C GLU E 258 35.97 -13.92 6.92
N SER E 259 35.23 -13.41 7.89
CA SER E 259 35.14 -11.98 8.03
C SER E 259 36.38 -11.37 8.66
N VAL E 260 36.61 -10.11 8.34
CA VAL E 260 37.74 -9.37 8.91
C VAL E 260 37.30 -8.37 9.96
N GLU E 261 37.62 -8.66 11.21
CA GLU E 261 37.23 -7.81 12.33
C GLU E 261 37.93 -6.48 12.39
N ILE E 262 37.16 -5.43 12.62
CA ILE E 262 37.71 -4.08 12.60
C ILE E 262 37.27 -3.31 13.80
N ASN E 263 38.21 -2.61 14.42
CA ASN E 263 37.88 -1.73 15.50
C ASN E 263 37.83 -0.31 15.01
N CYS E 264 36.92 0.49 15.52
CA CYS E 264 36.95 1.92 15.20
C CYS E 264 36.57 2.71 16.43
N THR E 265 37.10 3.92 16.53
CA THR E 265 36.84 4.71 17.71
C THR E 265 36.93 6.19 17.47
N ARG E 266 36.39 6.94 18.42
CA ARG E 266 36.51 8.37 18.38
C ARG E 266 36.56 8.96 19.78
N PRO E 267 37.67 9.62 20.14
CA PRO E 267 37.92 10.25 21.44
C PRO E 267 36.87 11.30 21.73
N ASN E 268 35.65 10.85 21.96
CA ASN E 268 34.48 11.70 22.00
C ASN E 268 34.10 12.12 23.40
N ASN E 269 35.06 12.39 24.27
CA ASN E 269 34.70 12.78 25.61
C ASN E 269 34.27 14.22 25.61
N ASN E 270 33.03 14.46 25.18
CA ASN E 270 32.50 15.79 25.15
C ASN E 270 31.11 15.81 25.68
N THR E 271 30.64 17.01 25.96
CA THR E 271 29.34 17.18 26.57
C THR E 271 28.45 17.90 25.61
N ARG E 272 27.16 17.65 25.76
CA ARG E 272 26.16 18.31 24.98
C ARG E 272 25.87 19.70 25.44
N LYS E 273 25.30 20.46 24.54
CA LYS E 273 24.83 21.79 24.83
C LYS E 273 23.53 22.02 24.11
N SER E 274 22.55 22.48 24.87
CA SER E 274 21.25 22.77 24.28
C SER E 274 21.13 24.25 24.04
N ILE E 275 20.72 24.61 22.84
CA ILE E 275 20.50 26.00 22.51
C ILE E 275 19.10 26.22 21.99
N HIS E 276 18.37 27.06 22.70
CA HIS E 276 17.02 27.41 22.30
C HIS E 276 16.98 28.30 21.09
N ILE E 277 16.32 27.83 20.06
CA ILE E 277 16.09 28.62 18.88
C ILE E 277 14.69 29.21 18.86
N GLY E 278 13.69 28.38 19.12
CA GLY E 278 12.33 28.87 19.07
C GLY E 278 11.33 27.86 19.66
N PRO E 279 10.04 28.05 19.40
CA PRO E 279 8.92 27.21 19.86
C PRO E 279 9.07 25.74 19.49
N GLY E 280 9.37 24.91 20.49
CA GLY E 280 9.61 23.49 20.24
C GLY E 280 10.87 23.27 19.40
N ARG E 281 11.79 24.22 19.45
CA ARG E 281 12.99 24.17 18.64
C ARG E 281 14.24 24.16 19.50
N ALA E 282 14.58 22.99 20.02
CA ALA E 282 15.80 22.84 20.79
C ALA E 282 16.95 22.30 19.94
N PHE E 283 17.95 23.14 19.80
CA PHE E 283 19.15 22.88 19.03
C PHE E 283 20.19 22.14 19.83
N TYR E 284 20.48 20.92 19.43
CA TYR E 284 21.48 20.14 20.12
C TYR E 284 22.82 20.16 19.42
N THR E 285 23.84 20.49 20.19
CA THR E 285 25.20 20.57 19.68
C THR E 285 26.19 20.18 20.75
N THR E 286 27.48 20.30 20.43
CA THR E 286 28.52 20.00 21.38
C THR E 286 29.01 21.24 22.07
N GLY E 287 28.96 21.21 23.39
CA GLY E 287 29.37 22.31 24.21
C GLY E 287 30.89 22.37 24.28
N GLU E 288 31.50 21.30 24.76
CA GLU E 288 32.95 21.29 24.84
C GLU E 288 33.54 19.89 24.92
N ILE E 289 34.67 19.71 24.26
CA ILE E 289 35.41 18.47 24.35
C ILE E 289 36.37 18.53 25.51
N ILE E 290 36.27 17.57 26.40
CA ILE E 290 37.07 17.59 27.60
C ILE E 290 38.04 16.42 27.65
N GLY E 291 39.20 16.61 27.05
CA GLY E 291 40.19 15.55 27.00
C GLY E 291 41.11 15.68 25.79
N ASP E 292 42.02 14.73 25.64
CA ASP E 292 42.96 14.76 24.54
C ASP E 292 42.26 14.61 23.21
N ILE E 293 42.30 15.67 22.43
CA ILE E 293 41.64 15.65 21.16
C ILE E 293 42.51 14.93 20.15
N ARG E 294 42.15 13.70 19.89
CA ARG E 294 42.83 12.93 18.87
C ARG E 294 41.86 12.60 17.75
N GLN E 295 42.40 12.38 16.56
CA GLN E 295 41.57 12.04 15.43
C GLN E 295 41.01 10.63 15.47
N ALA E 296 39.74 10.52 15.09
CA ALA E 296 39.03 9.27 15.00
C ALA E 296 39.72 8.34 14.05
N HIS E 297 39.63 7.05 14.32
CA HIS E 297 40.34 6.10 13.50
C HIS E 297 39.87 4.68 13.72
N CYS E 298 40.21 3.83 12.78
CA CYS E 298 39.99 2.41 12.93
C CYS E 298 41.30 1.68 12.98
N ASN E 299 41.25 0.43 13.41
CA ASN E 299 42.44 -0.38 13.42
C ASN E 299 42.10 -1.74 12.84
N ILE E 300 42.91 -2.17 11.88
CA ILE E 300 42.75 -3.48 11.26
C ILE E 300 44.04 -4.24 11.41
N SER E 301 43.89 -5.55 11.62
CA SER E 301 45.02 -6.41 11.93
C SER E 301 46.07 -6.58 10.84
N ARG E 302 45.75 -6.19 9.59
CA ARG E 302 46.66 -6.49 8.50
C ARG E 302 46.69 -8.01 8.57
N ALA E 303 47.73 -8.68 8.07
CA ALA E 303 47.74 -10.10 8.30
C ALA E 303 46.52 -10.65 7.62
N LYS E 304 45.58 -11.15 8.41
CA LYS E 304 44.31 -11.66 7.93
C LYS E 304 43.73 -10.83 6.78
N TRP E 305 43.83 -9.49 6.87
CA TRP E 305 43.39 -8.62 5.79
C TRP E 305 44.09 -8.91 4.49
N ASN E 306 45.40 -9.11 4.57
CA ASN E 306 46.20 -9.40 3.41
C ASN E 306 45.90 -10.78 2.88
N ASP E 307 45.61 -11.68 3.80
CA ASP E 307 45.23 -13.03 3.43
C ASP E 307 43.94 -13.00 2.65
N THR E 308 43.04 -12.14 3.06
CA THR E 308 41.77 -11.95 2.41
C THR E 308 42.03 -11.54 0.99
N LEU E 309 42.92 -10.57 0.83
CA LEU E 309 43.25 -10.09 -0.48
C LEU E 309 43.83 -11.20 -1.32
N LYS E 310 44.60 -12.08 -0.69
CA LYS E 310 45.19 -13.19 -1.42
C LYS E 310 44.10 -14.11 -1.96
N GLN E 311 43.04 -14.27 -1.19
CA GLN E 311 41.94 -15.09 -1.66
C GLN E 311 41.24 -14.41 -2.83
N ILE E 312 41.07 -13.10 -2.71
CA ILE E 312 40.36 -12.34 -3.70
C ILE E 312 41.05 -12.34 -5.03
N VAL E 313 42.38 -12.16 -5.04
CA VAL E 313 43.08 -12.08 -6.31
C VAL E 313 43.08 -13.39 -7.02
N ILE E 314 42.96 -14.48 -6.28
CA ILE E 314 42.90 -15.76 -6.93
C ILE E 314 41.62 -15.85 -7.74
N LYS E 315 40.53 -15.39 -7.14
CA LYS E 315 39.25 -15.45 -7.80
C LYS E 315 39.14 -14.41 -8.90
N LEU E 316 39.77 -13.26 -8.70
CA LEU E 316 39.81 -12.29 -9.76
C LEU E 316 40.50 -12.86 -10.96
N ARG E 317 41.64 -13.50 -10.78
CA ARG E 317 42.43 -13.85 -11.93
C ARG E 317 41.78 -14.92 -12.77
N GLU E 318 40.91 -15.71 -12.15
CA GLU E 318 40.12 -16.67 -12.90
C GLU E 318 39.14 -15.99 -13.86
N GLN E 319 38.70 -14.80 -13.51
CA GLN E 319 37.72 -14.05 -14.30
C GLN E 319 38.41 -13.16 -15.33
N PHE E 320 39.72 -13.10 -15.29
CA PHE E 320 40.42 -12.27 -16.24
C PHE E 320 41.57 -13.02 -16.89
N GLU E 321 42.30 -12.30 -17.73
CA GLU E 321 43.29 -12.91 -18.60
C GLU E 321 44.57 -13.06 -17.81
N ASN E 322 44.58 -12.48 -16.61
CA ASN E 322 45.62 -12.77 -15.63
C ASN E 322 46.99 -12.35 -16.14
N LYS E 323 48.00 -12.46 -15.28
CA LYS E 323 47.73 -12.80 -13.89
C LYS E 323 48.24 -11.70 -12.96
N THR E 324 48.14 -10.45 -13.42
CA THR E 324 48.58 -9.31 -12.62
C THR E 324 47.41 -8.51 -12.06
N ILE E 325 47.32 -8.42 -10.75
CA ILE E 325 46.25 -7.66 -10.11
C ILE E 325 46.75 -6.40 -9.39
N VAL E 326 46.18 -5.27 -9.76
CA VAL E 326 46.49 -3.99 -9.17
C VAL E 326 45.40 -3.37 -8.37
N PHE E 327 45.72 -2.97 -7.16
CA PHE E 327 44.74 -2.23 -6.39
C PHE E 327 45.15 -0.79 -6.38
N ASN E 328 44.14 0.06 -6.48
CA ASN E 328 44.38 1.47 -6.60
C ASN E 328 43.40 2.22 -5.75
N HIS E 329 43.90 3.21 -5.06
CA HIS E 329 43.07 4.05 -4.23
C HIS E 329 42.00 4.74 -5.06
N SER E 330 41.02 5.34 -4.38
CA SER E 330 39.92 5.99 -5.05
C SER E 330 40.34 7.28 -5.74
N SER E 331 39.56 7.68 -6.74
CA SER E 331 40.00 8.68 -7.72
C SER E 331 40.32 10.05 -7.18
N GLY E 332 39.74 10.41 -6.04
CA GLY E 332 39.95 11.73 -5.50
C GLY E 332 38.75 12.56 -5.94
N GLY E 333 38.56 13.73 -5.34
CA GLY E 333 37.37 14.52 -5.59
C GLY E 333 36.47 14.58 -4.36
N ASP E 334 35.18 14.58 -4.58
CA ASP E 334 34.18 14.63 -3.52
C ASP E 334 34.45 13.63 -2.41
N PRO E 335 34.75 14.10 -1.18
CA PRO E 335 35.04 13.33 0.03
C PRO E 335 34.04 12.24 0.35
N GLU E 336 32.78 12.46 0.00
CA GLU E 336 31.74 11.52 0.37
C GLU E 336 31.73 10.34 -0.58
N ILE E 337 32.31 10.54 -1.75
CA ILE E 337 32.42 9.51 -2.77
C ILE E 337 33.75 8.81 -2.64
N VAL E 338 34.76 9.60 -2.35
CA VAL E 338 36.13 9.19 -2.22
C VAL E 338 36.41 8.36 -1.00
N MET E 339 35.85 8.76 0.13
CA MET E 339 36.22 8.14 1.38
C MET E 339 35.22 7.11 1.83
N HIS E 340 35.69 6.25 2.72
CA HIS E 340 34.85 5.22 3.26
C HIS E 340 33.80 5.85 4.12
N SER E 341 32.56 5.88 3.64
CA SER E 341 31.45 6.35 4.45
C SER E 341 31.05 5.31 5.44
N PHE E 342 31.15 5.67 6.70
CA PHE E 342 31.01 4.71 7.76
C PHE E 342 30.26 5.20 8.99
N ASN E 343 29.06 4.67 9.19
CA ASN E 343 28.24 5.03 10.33
C ASN E 343 28.52 4.17 11.52
N CYS E 344 28.34 4.71 12.72
CA CYS E 344 28.58 3.92 13.92
C CYS E 344 27.76 4.39 15.11
N GLY E 345 26.50 3.99 15.15
CA GLY E 345 25.69 4.26 16.32
C GLY E 345 25.21 5.69 16.39
N GLY E 346 24.85 6.26 15.24
CA GLY E 346 24.41 7.64 15.22
C GLY E 346 25.55 8.59 14.93
N GLU E 347 26.68 8.09 14.44
CA GLU E 347 27.77 8.97 14.14
C GLU E 347 28.18 8.71 12.70
N PHE E 348 28.77 9.70 12.06
CA PHE E 348 29.16 9.51 10.68
C PHE E 348 30.62 9.76 10.46
N PHE E 349 31.32 8.72 10.05
CA PHE E 349 32.71 8.83 9.77
C PHE E 349 32.98 8.78 8.29
N TYR E 350 34.03 9.47 7.88
CA TYR E 350 34.58 9.34 6.54
C TYR E 350 36.05 9.01 6.61
N CYS E 351 36.41 7.76 6.34
CA CYS E 351 37.79 7.35 6.54
C CYS E 351 38.58 7.19 5.27
N ASN E 352 39.90 7.32 5.40
CA ASN E 352 40.77 7.11 4.23
C ASN E 352 41.20 5.69 4.10
N SER E 353 40.63 5.03 3.09
CA SER E 353 40.89 3.62 2.76
C SER E 353 42.11 3.34 1.86
N THR E 354 42.87 4.36 1.45
CA THR E 354 44.07 4.17 0.62
C THR E 354 44.99 3.08 1.14
N GLN E 355 45.16 3.04 2.46
CA GLN E 355 46.08 2.12 3.12
C GLN E 355 45.67 0.66 3.01
N LEU E 356 44.46 0.43 2.53
CA LEU E 356 43.94 -0.90 2.36
C LEU E 356 44.15 -1.42 0.97
N PHE E 357 44.45 -0.50 0.06
CA PHE E 357 44.59 -0.88 -1.33
C PHE E 357 45.88 -0.54 -2.02
N ASN E 358 46.92 -0.16 -1.28
CA ASN E 358 48.19 0.13 -1.93
C ASN E 358 49.00 -1.14 -2.12
N SER E 359 48.56 -2.00 -3.06
CA SER E 359 49.30 -3.22 -3.34
C SER E 359 49.08 -3.78 -4.73
N THR E 360 50.07 -4.50 -5.24
CA THR E 360 49.91 -5.19 -6.50
C THR E 360 50.39 -6.62 -6.34
N TRP E 361 49.82 -7.50 -7.11
CA TRP E 361 50.03 -8.92 -6.97
C TRP E 361 50.32 -9.53 -8.30
N ASN E 362 51.30 -10.44 -8.28
CA ASN E 362 51.83 -11.12 -9.46
C ASN E 362 52.70 -12.27 -8.99
N ASN E 363 52.42 -13.48 -9.49
CA ASN E 363 53.09 -14.68 -8.99
C ASN E 363 54.61 -14.67 -9.17
N ASN E 364 55.06 -13.91 -10.15
CA ASN E 364 56.46 -13.90 -10.55
C ASN E 364 57.41 -13.23 -9.56
N THR E 365 56.85 -12.49 -8.61
CA THR E 365 57.66 -11.82 -7.59
C THR E 365 56.81 -11.13 -6.52
N GLU E 366 55.58 -10.79 -6.91
CA GLU E 366 54.63 -10.14 -6.00
C GLU E 366 53.64 -11.11 -5.35
N GLY E 367 53.71 -12.39 -5.72
CA GLY E 367 52.79 -13.37 -5.17
C GLY E 367 53.17 -13.71 -3.72
N GLY E 373 52.26 -7.04 9.68
CA GLY E 373 51.66 -5.72 9.95
C GLY E 373 51.58 -5.49 11.47
N ASN E 374 51.15 -4.30 11.91
CA ASN E 374 51.12 -4.07 13.34
C ASN E 374 49.90 -4.79 13.98
N THR E 375 48.63 -4.55 13.56
CA THR E 375 47.84 -3.32 13.27
C THR E 375 48.14 -2.51 12.00
N ILE E 376 47.08 -1.84 11.53
CA ILE E 376 47.18 -0.69 10.66
C ILE E 376 46.08 0.31 10.99
N THR E 377 46.46 1.58 11.06
CA THR E 377 45.54 2.58 11.56
C THR E 377 44.99 3.38 10.40
N LEU E 378 43.68 3.50 10.36
CA LEU E 378 43.01 4.32 9.38
C LEU E 378 42.40 5.59 9.96
N PRO E 379 42.83 6.76 9.49
CA PRO E 379 42.36 8.06 9.90
C PRO E 379 41.01 8.35 9.32
N CYS E 380 40.14 8.82 10.19
CA CYS E 380 38.79 9.15 9.81
C CYS E 380 38.42 10.56 10.14
N ARG E 381 37.46 11.09 9.41
CA ARG E 381 36.89 12.37 9.69
C ARG E 381 35.54 12.23 10.33
N ILE E 382 35.20 13.21 11.15
CA ILE E 382 33.90 13.23 11.82
C ILE E 382 33.02 14.28 11.23
N LYS E 383 31.96 13.87 10.56
CA LYS E 383 31.13 14.83 9.86
C LYS E 383 29.70 14.80 10.35
N GLN E 384 29.22 15.93 10.83
CA GLN E 384 27.86 16.04 11.33
C GLN E 384 26.82 16.22 10.23
N ILE E 385 27.03 17.15 9.33
CA ILE E 385 26.05 17.40 8.27
C ILE E 385 26.20 16.40 7.16
N ILE E 386 25.18 15.61 6.93
CA ILE E 386 25.26 14.63 5.86
C ILE E 386 24.03 14.60 5.00
N ASN E 387 24.18 13.97 3.86
CA ASN E 387 23.12 13.93 2.87
C ASN E 387 22.94 12.54 2.35
N MET E 388 21.85 11.92 2.78
CA MET E 388 21.57 10.56 2.42
C MET E 388 21.09 10.51 0.99
N TRP E 389 21.82 9.74 0.19
CA TRP E 389 21.55 9.52 -1.22
C TRP E 389 21.68 10.77 -2.07
N GLN E 390 22.25 11.85 -1.51
CA GLN E 390 22.39 13.11 -2.22
C GLN E 390 21.07 13.64 -2.76
N GLU E 391 20.04 13.71 -1.91
CA GLU E 391 18.74 14.25 -2.32
C GLU E 391 18.73 15.78 -2.36
N VAL E 392 19.36 16.35 -3.39
CA VAL E 392 19.54 17.78 -3.49
C VAL E 392 18.27 18.52 -3.21
N GLY E 393 18.33 19.45 -2.26
CA GLY E 393 17.18 20.21 -1.85
C GLY E 393 16.99 20.08 -0.36
N LYS E 394 17.52 19.00 0.21
CA LYS E 394 17.36 18.77 1.63
C LYS E 394 18.42 17.85 2.15
N ALA E 395 18.73 18.01 3.41
CA ALA E 395 19.80 17.26 4.02
C ALA E 395 19.57 17.19 5.50
N MET E 396 20.44 16.51 6.20
CA MET E 396 20.22 16.35 7.62
C MET E 396 21.46 16.37 8.41
N TYR E 397 21.33 16.52 9.73
CA TYR E 397 22.46 16.28 10.63
C TYR E 397 22.00 15.79 12.01
N ALA E 398 22.72 14.84 12.59
CA ALA E 398 22.31 14.21 13.80
C ALA E 398 23.05 14.90 14.91
N PRO E 399 22.40 15.16 16.01
CA PRO E 399 22.95 15.75 17.19
C PRO E 399 24.12 14.90 17.56
N PRO E 400 25.20 15.52 18.01
CA PRO E 400 26.38 14.91 18.54
C PRO E 400 26.07 13.91 19.62
N ILE E 401 26.89 12.88 19.70
CA ILE E 401 26.77 11.90 20.76
C ILE E 401 27.53 12.32 21.99
N ARG E 402 26.91 12.12 23.15
CA ARG E 402 27.53 12.47 24.42
C ARG E 402 28.32 11.30 24.95
N GLY E 403 29.58 11.54 25.32
CA GLY E 403 30.39 10.47 25.85
C GLY E 403 31.25 9.83 24.76
N GLN E 404 32.39 9.29 25.18
CA GLN E 404 33.31 8.61 24.27
C GLN E 404 32.64 7.51 23.50
N ILE E 405 32.95 7.42 22.22
CA ILE E 405 32.34 6.37 21.43
C ILE E 405 33.36 5.50 20.77
N ARG E 406 32.98 4.25 20.60
CA ARG E 406 33.81 3.28 19.93
C ARG E 406 33.01 2.05 19.64
N CYS E 407 33.44 1.30 18.63
CA CYS E 407 32.65 0.19 18.16
C CYS E 407 33.55 -0.74 17.39
N SER E 408 32.99 -1.87 16.97
CA SER E 408 33.69 -2.72 16.06
C SER E 408 32.75 -3.19 15.01
N SER E 409 33.27 -3.96 14.09
CA SER E 409 32.39 -4.61 13.14
C SER E 409 33.07 -5.70 12.40
N ASN E 410 32.29 -6.40 11.59
CA ASN E 410 32.83 -7.46 10.80
C ASN E 410 32.82 -7.07 9.33
N ILE E 411 34.00 -6.92 8.75
CA ILE E 411 34.03 -6.62 7.34
C ILE E 411 33.75 -7.87 6.61
N THR E 412 32.66 -7.90 5.87
CA THR E 412 32.25 -9.15 5.26
C THR E 412 32.24 -9.13 3.74
N GLY E 413 32.27 -7.95 3.12
CA GLY E 413 32.35 -7.94 1.67
C GLY E 413 33.05 -6.70 1.15
N LEU E 414 33.25 -6.66 -0.16
CA LEU E 414 33.99 -5.56 -0.76
C LEU E 414 33.54 -5.16 -2.15
N LEU E 415 33.31 -3.87 -2.36
CA LEU E 415 32.86 -3.40 -3.65
C LEU E 415 34.00 -2.88 -4.51
N LEU E 416 34.26 -3.57 -5.62
CA LEU E 416 35.33 -3.15 -6.51
C LEU E 416 34.84 -2.80 -7.89
N THR E 417 35.56 -1.89 -8.52
CA THR E 417 35.27 -1.53 -9.90
C THR E 417 36.56 -1.61 -10.68
N ARG E 418 36.45 -1.73 -12.00
CA ARG E 418 37.65 -1.92 -12.79
C ARG E 418 37.88 -0.78 -13.77
N ASP E 419 39.11 -0.30 -13.80
CA ASP E 419 39.51 0.74 -14.74
C ASP E 419 40.07 0.17 -16.03
N GLY E 420 39.32 0.32 -17.11
CA GLY E 420 39.65 -0.22 -18.42
C GLY E 420 40.36 0.72 -19.40
N GLY E 421 40.85 1.87 -18.93
CA GLY E 421 41.54 2.82 -19.81
C GLY E 421 43.07 2.77 -19.62
N ILE E 422 43.58 1.59 -19.24
CA ILE E 422 44.97 1.36 -18.88
C ILE E 422 45.68 0.23 -19.61
N ASN E 423 45.19 -0.16 -20.79
CA ASN E 423 45.67 -1.33 -21.52
C ASN E 423 47.14 -1.26 -21.89
N GLU E 424 47.73 -0.06 -21.80
CA GLU E 424 49.14 0.20 -22.13
C GLU E 424 50.17 -0.80 -21.59
N ASN E 425 49.88 -1.53 -20.52
CA ASN E 425 50.85 -2.49 -20.04
C ASN E 425 50.21 -3.79 -19.58
N GLY E 426 48.99 -4.04 -20.03
CA GLY E 426 48.30 -5.27 -19.63
C GLY E 426 47.88 -5.09 -18.18
N THR E 427 47.78 -6.18 -17.42
CA THR E 427 47.42 -6.14 -15.99
C THR E 427 46.01 -5.62 -15.80
N GLU E 428 45.45 -5.80 -14.60
CA GLU E 428 44.15 -5.21 -14.30
C GLU E 428 44.22 -4.30 -13.10
N ILE E 429 43.47 -3.20 -13.14
CA ILE E 429 43.49 -2.22 -12.07
C ILE E 429 42.11 -1.99 -11.47
N PHE E 430 42.04 -2.12 -10.16
CA PHE E 430 40.77 -2.03 -9.49
C PHE E 430 40.74 -0.93 -8.47
N ARG E 431 39.58 -0.35 -8.31
CA ARG E 431 39.38 0.67 -7.31
C ARG E 431 38.20 0.32 -6.44
N PRO E 432 38.24 0.68 -5.16
CA PRO E 432 37.15 0.53 -4.20
C PRO E 432 36.01 1.46 -4.58
N GLY E 433 35.28 1.09 -5.62
CA GLY E 433 34.21 1.92 -6.16
C GLY E 433 32.86 1.61 -5.55
N GLY E 434 31.83 1.72 -6.37
CA GLY E 434 30.46 1.52 -5.93
C GLY E 434 29.49 2.06 -6.96
N GLY E 435 28.49 2.78 -6.50
CA GLY E 435 27.53 3.42 -7.40
C GLY E 435 26.19 3.64 -6.73
N ASP E 436 25.78 2.74 -5.86
CA ASP E 436 24.54 3.00 -5.15
C ASP E 436 24.33 2.03 -4.03
N MET E 437 23.47 2.40 -3.09
CA MET E 437 23.19 1.56 -1.94
C MET E 437 22.35 0.38 -2.35
N ARG E 438 21.83 0.43 -3.57
CA ARG E 438 21.11 -0.70 -4.13
C ARG E 438 21.96 -1.94 -4.25
N ASP E 439 23.28 -1.78 -4.26
CA ASP E 439 24.17 -2.90 -4.31
C ASP E 439 24.41 -3.43 -2.93
N ASN E 440 24.28 -2.54 -1.95
CA ASN E 440 24.40 -2.91 -0.58
C ASN E 440 23.28 -3.88 -0.27
N TRP E 441 22.10 -3.59 -0.77
CA TRP E 441 21.00 -4.51 -0.58
C TRP E 441 21.22 -5.75 -1.39
N ARG E 442 21.57 -5.55 -2.65
CA ARG E 442 21.76 -6.61 -3.58
C ARG E 442 22.67 -7.68 -3.04
N SER E 443 23.65 -7.28 -2.23
CA SER E 443 24.61 -8.25 -1.73
C SER E 443 24.00 -9.30 -0.80
N GLU E 444 22.79 -9.05 -0.27
CA GLU E 444 22.14 -9.99 0.63
C GLU E 444 20.86 -10.55 0.03
N LEU E 445 20.28 -9.82 -0.89
CA LEU E 445 19.09 -10.29 -1.59
C LEU E 445 19.32 -11.19 -2.79
N TYR E 446 20.55 -11.29 -3.24
CA TYR E 446 20.94 -12.01 -4.45
C TYR E 446 20.32 -13.39 -4.73
N LYS E 447 20.06 -14.22 -3.72
CA LYS E 447 19.55 -15.55 -4.01
C LYS E 447 18.05 -15.69 -3.85
N TYR E 448 17.33 -14.59 -3.74
CA TYR E 448 15.90 -14.70 -3.55
C TYR E 448 15.05 -14.29 -4.75
N LYS E 449 13.94 -15.00 -4.95
CA LYS E 449 12.98 -14.63 -5.98
C LYS E 449 11.60 -14.48 -5.42
N VAL E 450 10.79 -13.66 -6.07
CA VAL E 450 9.40 -13.58 -5.70
C VAL E 450 8.55 -14.20 -6.77
N VAL E 451 7.75 -15.20 -6.42
CA VAL E 451 6.97 -15.86 -7.43
C VAL E 451 5.51 -15.87 -7.11
N LYS E 452 4.72 -15.56 -8.12
CA LYS E 452 3.29 -15.53 -8.01
C LYS E 452 2.78 -16.93 -8.21
N ILE E 453 1.89 -17.37 -7.34
CA ILE E 453 1.31 -18.70 -7.54
C ILE E 453 0.05 -18.68 -8.34
N GLU E 454 0.02 -19.54 -9.34
CA GLU E 454 -1.15 -19.66 -10.18
C GLU E 454 -1.75 -21.02 -9.94
N PRO E 455 -2.86 -21.07 -9.20
CA PRO E 455 -3.31 -22.38 -8.73
C PRO E 455 -4.12 -23.16 -9.75
N LEU E 456 -4.59 -22.49 -10.79
CA LEU E 456 -5.56 -23.15 -11.66
C LEU E 456 -4.97 -23.58 -12.96
N GLY E 457 -5.23 -24.82 -13.33
CA GLY E 457 -4.67 -25.36 -14.56
C GLY E 457 -5.56 -26.46 -15.09
N VAL E 458 -5.29 -26.87 -16.33
CA VAL E 458 -6.13 -27.87 -16.96
C VAL E 458 -5.29 -28.90 -17.65
N ALA E 459 -5.90 -30.02 -17.99
CA ALA E 459 -5.18 -31.09 -18.62
C ALA E 459 -6.14 -32.10 -19.21
N PRO E 460 -5.70 -32.86 -20.18
CA PRO E 460 -6.47 -33.90 -20.82
C PRO E 460 -6.60 -35.11 -19.93
N THR E 461 -7.69 -35.84 -20.10
CA THR E 461 -7.94 -37.09 -19.41
C THR E 461 -8.84 -37.95 -20.26
N LYS E 462 -9.30 -39.06 -19.72
CA LYS E 462 -9.94 -40.08 -20.54
C LYS E 462 -11.27 -40.23 -19.83
N ALA E 463 -11.85 -39.09 -19.46
CA ALA E 463 -13.08 -39.05 -18.69
C ALA E 463 -14.10 -38.09 -19.20
N LYS E 464 -15.32 -38.54 -19.20
CA LYS E 464 -16.41 -37.75 -19.66
C LYS E 464 -16.98 -36.99 -18.47
N ARG E 465 -18.03 -36.21 -18.69
CA ARG E 465 -18.65 -35.50 -17.58
C ARG E 465 -19.92 -36.22 -17.19
N ARG E 466 -20.47 -36.96 -18.14
CA ARG E 466 -21.73 -37.67 -18.02
C ARG E 466 -22.94 -36.78 -17.89
N VAL E 467 -23.04 -35.79 -18.76
CA VAL E 467 -24.22 -34.95 -18.84
C VAL E 467 -25.27 -35.62 -19.68
N VAL E 468 -26.48 -35.68 -19.13
CA VAL E 468 -27.58 -36.39 -19.76
C VAL E 468 -28.10 -35.63 -20.96
N GLN E 469 -28.02 -36.26 -22.13
CA GLN E 469 -28.55 -35.74 -23.38
C GLN E 469 -28.52 -36.80 -24.46
N ALA F 1 13.68 -25.14 23.64
CA ALA F 1 14.06 -25.56 22.29
C ALA F 1 12.89 -26.17 21.57
N VAL F 2 13.11 -26.51 20.30
CA VAL F 2 12.06 -27.06 19.49
C VAL F 2 12.49 -28.28 18.72
N GLY F 3 11.70 -29.33 18.82
CA GLY F 3 11.96 -30.56 18.13
C GLY F 3 11.08 -30.67 16.93
N ILE F 4 11.40 -31.59 16.03
CA ILE F 4 10.70 -31.64 14.75
C ILE F 4 10.18 -33.02 14.37
N GLY F 5 8.95 -33.05 13.85
CA GLY F 5 8.33 -34.26 13.36
C GLY F 5 8.63 -34.51 11.88
N ALA F 6 7.60 -34.84 11.10
CA ALA F 6 7.82 -35.16 9.70
C ALA F 6 6.59 -34.90 8.84
N VAL F 7 6.83 -34.68 7.54
CA VAL F 7 5.80 -34.59 6.51
C VAL F 7 4.81 -35.75 6.56
N PHE F 8 3.52 -35.50 6.21
CA PHE F 8 2.84 -34.20 5.93
C PHE F 8 3.44 -33.38 4.80
N LEU F 9 3.48 -33.97 3.61
CA LEU F 9 3.80 -33.29 2.35
C LEU F 9 4.43 -31.92 2.54
N GLY F 10 3.73 -30.84 2.26
CA GLY F 10 4.30 -29.54 2.45
C GLY F 10 4.05 -28.62 1.28
N PHE F 11 4.13 -27.34 1.55
CA PHE F 11 3.85 -26.30 0.57
C PHE F 11 4.74 -26.34 -0.64
N LEU F 12 4.12 -26.49 -1.80
CA LEU F 12 4.78 -26.69 -3.08
C LEU F 12 5.59 -27.97 -3.13
N GLY F 13 5.27 -28.92 -2.27
CA GLY F 13 6.03 -30.16 -2.20
C GLY F 13 6.06 -30.90 -3.50
N ALA F 14 4.99 -30.79 -4.28
CA ALA F 14 4.92 -31.48 -5.54
C ALA F 14 5.44 -30.67 -6.72
N ALA F 15 6.05 -29.51 -6.48
CA ALA F 15 6.45 -28.63 -7.57
C ALA F 15 7.24 -29.34 -8.65
N GLY F 16 8.13 -30.24 -8.27
CA GLY F 16 8.93 -30.95 -9.25
C GLY F 16 8.49 -32.39 -9.44
N SER F 17 7.41 -32.76 -8.79
CA SER F 17 6.92 -34.11 -8.87
C SER F 17 6.25 -34.34 -10.19
N THR F 18 6.34 -35.57 -10.65
CA THR F 18 5.65 -35.97 -11.85
C THR F 18 4.17 -35.75 -11.66
N MET F 19 3.54 -35.10 -12.63
CA MET F 19 2.15 -34.73 -12.53
C MET F 19 1.22 -35.83 -12.08
N GLY F 20 1.47 -37.07 -12.50
CA GLY F 20 0.63 -38.18 -12.09
C GLY F 20 0.46 -38.26 -10.58
N ALA F 21 1.53 -38.06 -9.83
CA ALA F 21 1.47 -38.12 -8.38
C ALA F 21 1.17 -36.75 -7.81
N ALA F 22 1.67 -35.71 -8.46
CA ALA F 22 1.50 -34.34 -8.02
C ALA F 22 0.05 -33.97 -7.96
N SER F 23 -0.74 -34.60 -8.80
CA SER F 23 -2.19 -34.45 -8.84
C SER F 23 -2.89 -34.80 -7.52
N MET F 24 -2.20 -35.49 -6.62
CA MET F 24 -2.79 -35.86 -5.35
C MET F 24 -2.34 -34.98 -4.21
N THR F 25 -1.74 -33.84 -4.50
CA THR F 25 -1.36 -32.91 -3.46
C THR F 25 -2.16 -31.63 -3.49
N LEU F 26 -3.28 -31.62 -4.20
CA LEU F 26 -4.02 -30.38 -4.45
C LEU F 26 -4.54 -29.72 -3.20
N THR F 27 -4.75 -30.53 -2.17
CA THR F 27 -5.18 -30.03 -0.88
C THR F 27 -4.23 -29.07 -0.25
N VAL F 28 -2.93 -29.30 -0.43
CA VAL F 28 -1.94 -28.45 0.15
C VAL F 28 -1.91 -27.10 -0.50
N GLN F 29 -2.05 -27.08 -1.82
CA GLN F 29 -1.95 -25.83 -2.51
C GLN F 29 -3.15 -25.00 -2.20
N ALA F 30 -4.32 -25.63 -2.26
CA ALA F 30 -5.56 -24.94 -2.04
C ALA F 30 -5.68 -24.40 -0.64
N ARG F 31 -5.24 -25.18 0.34
CA ARG F 31 -5.23 -24.72 1.72
C ARG F 31 -4.53 -23.41 1.96
N LEU F 32 -3.60 -23.03 1.11
CA LEU F 32 -2.81 -21.88 1.43
C LEU F 32 -2.90 -20.76 0.44
N LEU F 33 -4.08 -20.49 -0.09
CA LEU F 33 -4.19 -19.38 -1.02
C LEU F 33 -4.80 -18.22 -0.24
N LEU F 34 -4.44 -18.09 1.03
CA LEU F 34 -4.91 -17.00 1.86
C LEU F 34 -4.14 -16.87 3.18
N SER F 35 -2.81 -16.94 3.13
CA SER F 35 -2.03 -17.27 4.33
C SER F 35 -0.53 -16.99 4.26
N GLY F 36 0.16 -17.54 5.24
CA GLY F 36 1.59 -17.44 5.45
C GLY F 36 1.83 -17.08 6.91
N ILE F 37 0.75 -17.01 7.68
CA ILE F 37 0.75 -16.70 9.10
C ILE F 37 -0.14 -17.73 9.80
N VAL F 38 -0.12 -18.95 9.29
CA VAL F 38 -1.08 -19.96 9.71
C VAL F 38 -0.90 -20.36 11.17
N GLN F 39 -1.96 -20.91 11.73
CA GLN F 39 -2.03 -21.33 13.12
C GLN F 39 -2.00 -20.07 13.98
N GLN F 40 -2.54 -20.16 15.18
CA GLN F 40 -2.64 -18.99 16.02
C GLN F 40 -1.24 -18.41 16.16
N GLN F 41 -0.41 -19.16 16.90
CA GLN F 41 1.01 -18.91 17.14
C GLN F 41 1.48 -18.71 18.60
N ASN F 42 0.90 -17.78 19.36
CA ASN F 42 -0.28 -17.00 18.99
C ASN F 42 0.09 -15.52 19.11
N ASN F 43 1.38 -15.25 19.27
CA ASN F 43 1.97 -13.92 19.18
C ASN F 43 2.06 -13.22 17.81
N LEU F 44 2.14 -13.99 16.73
CA LEU F 44 2.14 -13.41 15.39
C LEU F 44 0.85 -12.70 14.99
N LEU F 45 -0.28 -13.32 15.29
CA LEU F 45 -1.56 -12.69 15.05
C LEU F 45 -1.74 -11.45 15.93
N ARG F 46 -1.25 -11.53 17.16
CA ARG F 46 -1.33 -10.42 18.10
C ARG F 46 -0.53 -9.25 17.55
N ALA F 47 0.67 -9.55 17.06
CA ALA F 47 1.53 -8.51 16.51
C ALA F 47 0.91 -7.88 15.27
N ILE F 48 0.40 -8.72 14.38
CA ILE F 48 -0.15 -8.27 13.11
C ILE F 48 -1.38 -7.42 13.40
N GLU F 49 -2.16 -7.81 14.39
CA GLU F 49 -3.36 -7.04 14.65
C GLU F 49 -2.90 -5.71 15.23
N ALA F 50 -1.84 -5.76 16.04
CA ALA F 50 -1.32 -4.54 16.64
C ALA F 50 -0.80 -3.55 15.60
N GLN F 51 -0.22 -4.07 14.52
CA GLN F 51 0.36 -3.18 13.51
C GLN F 51 -0.74 -2.73 12.56
N GLN F 52 -1.67 -3.63 12.27
CA GLN F 52 -2.85 -3.26 11.50
C GLN F 52 -3.60 -2.12 12.19
N ARG F 53 -3.61 -2.12 13.51
CA ARG F 53 -4.27 -1.03 14.22
C ARG F 53 -3.41 0.22 14.21
N MET F 54 -2.21 0.12 14.77
CA MET F 54 -1.36 1.28 14.99
C MET F 54 -1.05 2.07 13.72
N LEU F 55 -0.91 1.35 12.61
CA LEU F 55 -0.42 1.91 11.38
C LEU F 55 -1.56 2.33 10.46
N GLN F 56 -2.78 2.28 10.98
CA GLN F 56 -3.97 2.61 10.23
C GLN F 56 -4.02 4.04 9.76
N LEU F 57 -3.14 4.85 10.32
CA LEU F 57 -3.11 6.24 9.95
C LEU F 57 -2.03 6.60 8.95
N THR F 58 -1.25 5.62 8.50
CA THR F 58 -0.11 5.98 7.65
C THR F 58 0.05 5.07 6.45
N VAL F 59 0.92 5.50 5.55
CA VAL F 59 1.13 4.84 4.27
C VAL F 59 1.48 3.39 4.40
N TRP F 60 2.24 3.01 5.40
CA TRP F 60 2.62 1.62 5.52
C TRP F 60 1.42 0.77 5.85
N GLY F 61 0.45 1.32 6.55
CA GLY F 61 -0.74 0.59 6.85
C GLY F 61 -1.55 0.45 5.58
N ILE F 62 -1.55 1.52 4.79
CA ILE F 62 -2.22 1.50 3.52
C ILE F 62 -1.66 0.44 2.63
N LYS F 63 -0.35 0.26 2.66
CA LYS F 63 0.28 -0.75 1.83
C LYS F 63 -0.08 -2.14 2.27
N GLN F 64 -0.43 -2.29 3.55
CA GLN F 64 -0.92 -3.56 4.01
C GLN F 64 -2.33 -3.78 3.55
N LEU F 65 -3.11 -2.72 3.53
CA LEU F 65 -4.46 -2.82 2.98
C LEU F 65 -4.42 -3.16 1.54
N GLN F 66 -3.49 -2.58 0.83
CA GLN F 66 -3.31 -2.86 -0.57
C GLN F 66 -3.03 -4.31 -0.81
N ALA F 67 -2.10 -4.86 -0.04
CA ALA F 67 -1.74 -6.25 -0.17
C ALA F 67 -2.86 -7.18 0.18
N ARG F 68 -3.59 -6.85 1.23
CA ARG F 68 -4.64 -7.72 1.66
C ARG F 68 -5.74 -7.80 0.65
N VAL F 69 -6.09 -6.65 0.08
CA VAL F 69 -7.14 -6.62 -0.91
C VAL F 69 -6.73 -7.39 -2.13
N LEU F 70 -5.47 -7.24 -2.51
CA LEU F 70 -4.93 -7.98 -3.63
C LEU F 70 -5.10 -9.46 -3.46
N ALA F 71 -4.78 -9.97 -2.28
CA ALA F 71 -4.89 -11.38 -2.02
C ALA F 71 -6.30 -11.85 -2.27
N VAL F 72 -7.25 -11.09 -1.75
CA VAL F 72 -8.64 -11.47 -1.87
C VAL F 72 -9.10 -11.47 -3.29
N GLU F 73 -8.69 -10.47 -4.05
CA GLU F 73 -9.05 -10.41 -5.45
C GLU F 73 -8.51 -11.57 -6.23
N ARG F 74 -7.30 -11.97 -5.93
CA ARG F 74 -6.72 -13.09 -6.64
C ARG F 74 -7.46 -14.37 -6.35
N TYR F 75 -7.88 -14.52 -5.10
CA TYR F 75 -8.61 -15.70 -4.70
C TYR F 75 -9.91 -15.81 -5.42
N LEU F 76 -10.68 -14.74 -5.33
CA LEU F 76 -11.97 -14.69 -5.92
C LEU F 76 -11.87 -14.71 -7.42
N GLY F 77 -10.75 -14.27 -7.96
CA GLY F 77 -10.51 -14.33 -9.39
C GLY F 77 -10.52 -15.76 -9.90
N ASP F 78 -10.24 -16.70 -9.01
CA ASP F 78 -10.23 -18.09 -9.41
C ASP F 78 -11.52 -18.76 -9.04
N GLN F 79 -12.08 -18.34 -7.91
CA GLN F 79 -13.34 -18.88 -7.48
C GLN F 79 -14.44 -18.52 -8.43
N GLN F 80 -14.37 -17.35 -9.03
CA GLN F 80 -15.36 -16.93 -9.99
C GLN F 80 -15.41 -17.90 -11.13
N LEU F 81 -14.25 -18.25 -11.65
CA LEU F 81 -14.21 -19.16 -12.76
C LEU F 81 -14.70 -20.53 -12.39
N LEU F 82 -14.34 -20.98 -11.20
CA LEU F 82 -14.78 -22.29 -10.78
C LEU F 82 -16.25 -22.33 -10.56
N GLY F 83 -16.82 -21.19 -10.17
CA GLY F 83 -18.25 -21.10 -9.99
C GLY F 83 -18.98 -21.14 -11.32
N ILE F 84 -18.48 -20.39 -12.29
CA ILE F 84 -19.12 -20.31 -13.59
C ILE F 84 -19.15 -21.61 -14.31
N TRP F 85 -18.07 -22.35 -14.19
CA TRP F 85 -17.98 -23.63 -14.79
C TRP F 85 -18.74 -24.52 -13.87
N GLY F 86 -19.21 -25.66 -14.30
CA GLY F 86 -19.86 -26.63 -13.40
C GLY F 86 -18.84 -27.40 -12.53
N CYS F 87 -17.95 -26.66 -11.87
CA CYS F 87 -16.85 -27.20 -11.14
C CYS F 87 -16.69 -26.54 -9.80
N SER F 88 -17.79 -26.26 -9.11
CA SER F 88 -17.64 -25.81 -7.74
C SER F 88 -16.85 -26.82 -7.04
N GLY F 89 -15.85 -26.36 -6.31
CA GLY F 89 -14.84 -27.28 -5.85
C GLY F 89 -15.37 -28.11 -4.70
N LYS F 90 -14.86 -29.36 -4.59
CA LYS F 90 -14.13 -30.16 -5.61
C LYS F 90 -12.77 -29.58 -6.04
N LEU F 91 -11.76 -30.41 -5.91
CA LEU F 91 -10.43 -30.02 -6.31
C LEU F 91 -10.26 -30.24 -7.79
N ILE F 92 -10.96 -31.22 -8.30
CA ILE F 92 -10.92 -31.51 -9.71
C ILE F 92 -12.30 -31.69 -10.27
N CYS F 93 -12.42 -31.55 -11.58
CA CYS F 93 -13.69 -31.82 -12.23
C CYS F 93 -13.49 -32.08 -13.71
N THR F 94 -14.49 -32.68 -14.35
CA THR F 94 -14.40 -32.97 -15.77
C THR F 94 -15.42 -32.21 -16.56
N THR F 95 -15.10 -31.90 -17.80
CA THR F 95 -16.04 -31.24 -18.69
C THR F 95 -16.50 -32.11 -19.80
N ALA F 96 -17.43 -31.57 -20.56
CA ALA F 96 -17.88 -32.19 -21.78
C ALA F 96 -17.03 -31.78 -22.97
N VAL F 97 -16.13 -30.84 -22.79
CA VAL F 97 -15.33 -30.40 -23.91
C VAL F 97 -14.28 -31.43 -24.26
N PRO F 98 -14.23 -31.89 -25.51
CA PRO F 98 -13.29 -32.82 -26.08
C PRO F 98 -11.97 -32.14 -26.31
N TRP F 99 -10.90 -32.83 -25.97
CA TRP F 99 -9.61 -32.21 -26.15
C TRP F 99 -9.27 -32.02 -27.60
N ASN F 100 -9.09 -30.78 -28.00
CA ASN F 100 -8.68 -30.56 -29.36
C ASN F 100 -7.19 -30.66 -29.46
N ALA F 101 -6.75 -31.71 -30.15
CA ALA F 101 -5.36 -32.07 -30.45
C ALA F 101 -4.52 -30.96 -31.07
N SER F 102 -5.13 -29.93 -31.62
CA SER F 102 -4.43 -28.78 -32.12
C SER F 102 -3.59 -28.15 -31.03
N TRP F 103 -4.12 -28.18 -29.81
CA TRP F 103 -3.47 -27.64 -28.65
C TRP F 103 -2.23 -28.43 -28.29
N SER F 104 -2.39 -29.74 -28.25
CA SER F 104 -1.29 -30.66 -28.05
C SER F 104 -1.69 -32.07 -28.40
N ASN F 105 -0.78 -32.77 -29.07
CA ASN F 105 -1.06 -34.14 -29.44
C ASN F 105 -0.44 -35.07 -28.42
N LYS F 106 0.55 -34.60 -27.68
CA LYS F 106 1.27 -35.47 -26.78
C LYS F 106 0.54 -36.59 -26.06
N SER F 107 1.16 -37.75 -26.03
CA SER F 107 0.57 -38.93 -25.40
C SER F 107 0.48 -38.82 -23.91
N LEU F 108 -0.62 -39.34 -23.38
CA LEU F 108 -0.85 -39.34 -21.95
C LEU F 108 0.19 -40.11 -21.19
N ASP F 109 0.82 -41.07 -21.84
CA ASP F 109 1.86 -41.79 -21.15
C ASP F 109 3.13 -40.99 -21.00
N ARG F 110 3.21 -39.86 -21.68
CA ARG F 110 4.35 -39.00 -21.57
C ARG F 110 3.99 -37.90 -20.60
N ILE F 111 2.74 -37.49 -20.68
CA ILE F 111 2.24 -36.43 -19.84
C ILE F 111 2.21 -36.83 -18.39
N TRP F 112 1.52 -37.90 -18.11
CA TRP F 112 1.35 -38.28 -16.74
C TRP F 112 2.55 -39.00 -16.13
N ASN F 113 3.56 -39.29 -16.95
CA ASN F 113 4.72 -39.99 -16.40
C ASN F 113 6.05 -39.28 -16.49
N ASN F 114 6.19 -38.28 -17.34
CA ASN F 114 7.45 -37.56 -17.37
C ASN F 114 7.24 -36.13 -17.78
N MET F 115 6.59 -35.39 -16.92
CA MET F 115 6.44 -33.97 -17.12
C MET F 115 5.94 -33.35 -15.84
N THR F 116 6.47 -32.18 -15.52
CA THR F 116 6.00 -31.41 -14.38
C THR F 116 4.86 -30.56 -14.81
N TRP F 117 4.20 -29.95 -13.85
CA TRP F 117 3.10 -29.06 -14.13
C TRP F 117 3.54 -27.83 -14.87
N MET F 118 4.73 -27.36 -14.56
CA MET F 118 5.26 -26.19 -15.19
C MET F 118 5.69 -26.41 -16.62
N GLU F 119 6.29 -27.56 -16.89
CA GLU F 119 6.61 -27.91 -18.25
C GLU F 119 5.36 -28.02 -19.08
N TRP F 120 4.37 -28.68 -18.52
CA TRP F 120 3.10 -28.81 -19.18
C TRP F 120 2.47 -27.49 -19.42
N GLU F 121 2.60 -26.61 -18.43
CA GLU F 121 1.99 -25.30 -18.50
C GLU F 121 2.57 -24.48 -19.62
N ARG F 122 3.89 -24.59 -19.83
CA ARG F 122 4.53 -23.81 -20.87
C ARG F 122 3.89 -24.08 -22.20
N GLU F 123 3.43 -25.30 -22.37
CA GLU F 123 2.96 -25.76 -23.66
C GLU F 123 1.54 -25.34 -23.96
N ILE F 124 0.80 -24.97 -22.93
CA ILE F 124 -0.58 -24.57 -23.15
C ILE F 124 -0.88 -23.11 -22.85
N ASP F 125 0.14 -22.30 -22.55
CA ASP F 125 -0.02 -20.89 -22.22
C ASP F 125 -0.87 -20.13 -23.22
N ASN F 126 -0.58 -20.30 -24.51
CA ASN F 126 -1.28 -19.56 -25.55
C ASN F 126 -2.69 -20.05 -25.84
N TYR F 127 -3.06 -21.22 -25.34
CA TYR F 127 -4.37 -21.75 -25.57
C TYR F 127 -5.26 -21.65 -24.35
N THR F 128 -4.77 -21.01 -23.29
CA THR F 128 -5.55 -20.96 -22.07
C THR F 128 -6.88 -20.29 -22.22
N SER F 129 -6.90 -19.13 -22.83
CA SER F 129 -8.13 -18.38 -22.90
C SER F 129 -9.15 -19.10 -23.75
N GLU F 130 -8.67 -19.73 -24.83
CA GLU F 130 -9.57 -20.41 -25.73
C GLU F 130 -10.22 -21.55 -25.04
N ILE F 131 -9.41 -22.29 -24.30
CA ILE F 131 -9.89 -23.41 -23.57
C ILE F 131 -10.92 -23.02 -22.56
N TYR F 132 -10.70 -21.92 -21.86
CA TYR F 132 -11.67 -21.49 -20.91
C TYR F 132 -12.99 -21.20 -21.57
N THR F 133 -12.95 -20.44 -22.66
CA THR F 133 -14.18 -20.03 -23.29
C THR F 133 -14.97 -21.22 -23.77
N LEU F 134 -14.29 -22.23 -24.27
CA LEU F 134 -14.99 -23.40 -24.72
C LEU F 134 -15.61 -24.16 -23.59
N ILE F 135 -14.96 -24.18 -22.44
CA ILE F 135 -15.55 -24.78 -21.26
C ILE F 135 -16.77 -24.02 -20.86
N GLU F 136 -16.68 -22.69 -20.96
CA GLU F 136 -17.81 -21.89 -20.52
C GLU F 136 -19.02 -22.18 -21.37
N GLU F 137 -18.86 -22.19 -22.69
CA GLU F 137 -20.04 -22.33 -23.47
C GLU F 137 -20.56 -23.70 -23.37
N SER F 138 -19.69 -24.68 -23.18
CA SER F 138 -20.11 -26.04 -22.96
C SER F 138 -20.91 -26.16 -21.70
N GLN F 139 -20.50 -25.44 -20.68
CA GLN F 139 -21.26 -25.43 -19.46
C GLN F 139 -22.68 -24.91 -19.68
N ASN F 140 -22.81 -23.78 -20.35
CA ASN F 140 -24.12 -23.20 -20.53
C ASN F 140 -24.94 -23.96 -21.53
N GLN F 141 -24.42 -24.02 -22.76
CA GLN F 141 -25.05 -24.72 -23.87
C GLN F 141 -25.43 -26.10 -23.46
N GLN F 142 -26.73 -26.31 -23.32
CA GLN F 142 -27.38 -27.59 -23.14
C GLN F 142 -27.21 -28.10 -21.73
N GLU F 143 -25.98 -28.23 -21.26
CA GLU F 143 -25.82 -28.68 -19.89
C GLU F 143 -26.60 -27.83 -18.91
N LYS F 144 -26.87 -26.58 -19.22
CA LYS F 144 -27.80 -25.86 -18.38
C LYS F 144 -29.15 -25.61 -19.06
N ASN F 145 -29.15 -25.15 -20.30
CA ASN F 145 -30.44 -24.96 -20.97
C ASN F 145 -31.26 -26.23 -21.14
N GLU F 146 -30.65 -27.27 -21.67
CA GLU F 146 -31.34 -28.52 -21.88
C GLU F 146 -31.64 -29.12 -20.55
N GLN F 147 -30.73 -28.98 -19.61
CA GLN F 147 -30.99 -29.43 -18.25
C GLN F 147 -32.31 -28.89 -17.75
N GLU F 148 -32.52 -27.59 -17.90
CA GLU F 148 -33.79 -27.00 -17.53
C GLU F 148 -34.91 -27.73 -18.25
N LEU F 149 -34.72 -28.00 -19.53
CA LEU F 149 -35.73 -28.67 -20.33
C LEU F 149 -35.90 -30.14 -19.99
N LEU F 150 -34.92 -30.73 -19.31
CA LEU F 150 -35.02 -32.12 -18.91
C LEU F 150 -35.97 -32.26 -17.75
N GLU F 151 -36.18 -31.17 -17.02
CA GLU F 151 -37.20 -31.17 -16.00
C GLU F 151 -38.50 -30.58 -16.54
N LEU F 152 -38.57 -30.35 -17.85
CA LEU F 152 -39.79 -29.82 -18.43
C LEU F 152 -40.74 -30.96 -18.80
N ASP F 153 -41.91 -30.96 -18.19
CA ASP F 153 -42.91 -32.00 -18.45
C ASP F 153 -44.13 -31.43 -19.15
N ARG G 1 18.23 -20.80 -44.27
CA ARG G 1 17.42 -21.02 -45.46
C ARG G 1 16.60 -22.31 -45.35
N VAL G 2 15.30 -22.17 -45.12
CA VAL G 2 14.57 -20.97 -45.50
C VAL G 2 14.97 -20.42 -46.86
N GLN G 3 14.86 -21.24 -47.89
CA GLN G 3 15.21 -20.82 -49.26
C GLN G 3 13.94 -20.57 -50.07
N LEU G 4 13.70 -19.32 -50.44
CA LEU G 4 12.46 -18.95 -51.12
C LEU G 4 12.56 -19.04 -52.64
N VAL G 5 11.64 -19.80 -53.25
CA VAL G 5 11.61 -19.97 -54.71
C VAL G 5 10.27 -19.61 -55.33
N GLU G 6 10.29 -18.71 -56.31
CA GLU G 6 9.07 -18.24 -56.95
C GLU G 6 9.05 -18.50 -58.45
N SER G 7 7.87 -18.80 -58.98
CA SER G 7 7.73 -19.00 -60.42
C SER G 7 6.32 -18.73 -60.93
N GLY G 8 6.17 -18.86 -62.24
CA GLY G 8 4.88 -18.70 -62.92
C GLY G 8 4.66 -17.32 -63.54
N GLY G 9 5.71 -16.54 -63.75
CA GLY G 9 5.56 -15.19 -64.28
C GLY G 9 5.61 -15.12 -65.82
N GLY G 10 5.94 -13.94 -66.34
CA GLY G 10 5.92 -13.73 -67.79
C GLY G 10 5.21 -12.44 -68.16
N VAL G 11 4.59 -12.44 -69.34
CA VAL G 11 3.80 -11.31 -69.79
C VAL G 11 2.45 -11.73 -70.31
N VAL G 12 1.43 -11.01 -69.87
CA VAL G 12 0.05 -11.35 -70.20
C VAL G 12 -0.69 -10.11 -70.60
N GLN G 13 -1.84 -10.25 -71.19
CA GLN G 13 -2.59 -9.08 -71.62
C GLN G 13 -3.54 -8.64 -70.50
N PRO G 14 -3.97 -7.38 -70.52
CA PRO G 14 -4.90 -6.77 -69.58
C PRO G 14 -6.19 -7.57 -69.56
N GLY G 15 -6.79 -7.65 -68.39
CA GLY G 15 -8.07 -8.32 -68.24
C GLY G 15 -7.92 -9.82 -68.05
N LYS G 16 -6.69 -10.33 -68.08
CA LYS G 16 -6.49 -11.75 -67.91
C LYS G 16 -6.26 -12.11 -66.47
N SER G 17 -6.15 -13.40 -66.19
CA SER G 17 -5.87 -13.84 -64.84
C SER G 17 -4.65 -14.72 -64.80
N VAL G 18 -3.88 -14.60 -63.72
CA VAL G 18 -2.68 -15.43 -63.56
C VAL G 18 -2.53 -16.05 -62.18
N ARG G 19 -1.55 -16.93 -62.06
CA ARG G 19 -1.15 -17.51 -60.79
C ARG G 19 0.33 -17.46 -60.57
N LEU G 20 0.74 -16.97 -59.43
CA LEU G 20 2.14 -17.01 -59.07
C LEU G 20 2.30 -18.01 -57.96
N SER G 21 3.38 -18.78 -57.98
CA SER G 21 3.56 -19.75 -56.92
C SER G 21 4.85 -19.61 -56.13
N CYS G 22 4.76 -19.81 -54.83
CA CYS G 22 5.94 -19.68 -53.98
C CYS G 22 6.21 -20.85 -53.04
N VAL G 23 7.36 -21.50 -53.25
CA VAL G 23 7.78 -22.67 -52.48
C VAL G 23 9.02 -22.39 -51.64
N VAL G 24 9.02 -22.77 -50.38
CA VAL G 24 10.16 -22.49 -49.53
C VAL G 24 10.79 -23.77 -49.02
N SER G 25 12.08 -23.95 -49.26
CA SER G 25 12.80 -25.10 -48.72
C SER G 25 13.30 -24.96 -47.28
N ASP G 26 13.19 -26.05 -46.52
CA ASP G 26 13.54 -26.07 -45.10
C ASP G 26 12.83 -25.02 -44.27
N PHE G 27 11.53 -25.18 -44.07
CA PHE G 27 10.79 -24.12 -43.40
C PHE G 27 9.44 -24.59 -42.85
N PRO G 28 9.29 -24.46 -41.53
CA PRO G 28 8.08 -24.88 -40.82
C PRO G 28 6.74 -24.43 -41.37
N PHE G 29 6.64 -23.15 -41.72
CA PHE G 29 5.41 -22.57 -42.28
C PHE G 29 4.24 -22.32 -41.33
N SER G 30 3.85 -23.36 -40.60
CA SER G 30 2.67 -23.28 -39.75
C SER G 30 2.78 -22.23 -38.66
N LYS G 31 4.02 -21.90 -38.29
CA LYS G 31 4.28 -20.86 -37.32
C LYS G 31 4.58 -19.49 -37.94
N TYR G 32 4.48 -19.37 -39.26
CA TYR G 32 4.91 -18.15 -39.91
C TYR G 32 3.97 -17.64 -41.00
N PRO G 33 3.43 -16.44 -40.83
CA PRO G 33 2.65 -15.70 -41.78
C PRO G 33 3.60 -15.20 -42.86
N MET G 34 3.06 -14.93 -44.03
CA MET G 34 3.89 -14.63 -45.18
C MET G 34 3.39 -13.43 -45.94
N TYR G 35 4.28 -12.83 -46.73
CA TYR G 35 3.93 -11.62 -47.43
C TYR G 35 4.13 -11.69 -48.93
N TRP G 36 3.39 -10.88 -49.64
CA TRP G 36 3.62 -10.66 -51.04
C TRP G 36 3.83 -9.18 -51.23
N VAL G 37 4.89 -8.82 -51.95
CA VAL G 37 5.13 -7.42 -52.22
C VAL G 37 5.38 -7.18 -53.69
N ARG G 38 5.43 -5.92 -54.03
CA ARG G 38 5.55 -5.45 -55.38
C ARG G 38 6.70 -4.50 -55.56
N GLN G 39 7.59 -4.83 -56.47
CA GLN G 39 8.64 -3.93 -56.85
C GLN G 39 8.34 -3.47 -58.25
N ALA G 40 7.92 -2.23 -58.36
CA ALA G 40 7.49 -1.70 -59.62
C ALA G 40 8.67 -1.29 -60.47
N PRO G 41 8.51 -1.29 -61.79
CA PRO G 41 9.44 -0.78 -62.79
C PRO G 41 9.50 0.74 -62.64
N GLY G 42 8.52 1.28 -61.92
CA GLY G 42 8.48 2.68 -61.52
C GLY G 42 9.30 2.90 -60.24
N LYS G 43 10.17 1.93 -59.92
CA LYS G 43 11.25 2.01 -58.97
C LYS G 43 10.83 2.20 -57.51
N GLY G 44 9.74 1.57 -57.10
CA GLY G 44 9.30 1.71 -55.72
C GLY G 44 8.90 0.37 -55.13
N LEU G 45 8.61 0.36 -53.84
CA LEU G 45 8.19 -0.86 -53.19
C LEU G 45 6.79 -0.74 -52.67
N GLU G 46 6.00 -1.77 -52.86
CA GLU G 46 4.64 -1.76 -52.34
C GLU G 46 4.32 -3.01 -51.61
N TRP G 47 3.65 -2.86 -50.50
CA TRP G 47 3.10 -4.03 -49.89
C TRP G 47 1.88 -4.42 -50.66
N VAL G 48 1.74 -5.70 -50.98
CA VAL G 48 0.58 -6.15 -51.70
C VAL G 48 -0.37 -6.92 -50.86
N ALA G 49 0.13 -7.92 -50.16
CA ALA G 49 -0.80 -8.69 -49.37
C ALA G 49 -0.13 -9.45 -48.26
N ALA G 50 -0.94 -9.83 -47.29
CA ALA G 50 -0.47 -10.57 -46.14
C ALA G 50 -1.40 -11.71 -45.82
N ILE G 51 -0.84 -12.82 -45.36
CA ILE G 51 -1.64 -13.94 -44.91
C ILE G 51 -1.07 -14.59 -43.69
N SER G 52 -1.95 -14.89 -42.74
CA SER G 52 -1.57 -15.50 -41.47
C SER G 52 -0.91 -16.85 -41.66
N GLY G 53 -0.18 -17.27 -40.64
CA GLY G 53 0.59 -18.52 -40.71
C GLY G 53 -0.26 -19.74 -40.96
N ASP G 54 -1.48 -19.72 -40.43
CA ASP G 54 -2.42 -20.81 -40.56
C ASP G 54 -3.47 -20.56 -41.62
N ALA G 55 -3.25 -19.56 -42.47
CA ALA G 55 -4.15 -19.18 -43.54
C ALA G 55 -5.58 -18.89 -43.09
N TRP G 56 -5.76 -18.14 -42.01
CA TRP G 56 -7.10 -17.84 -41.54
C TRP G 56 -7.42 -16.38 -41.58
N HIS G 57 -6.42 -15.57 -41.85
CA HIS G 57 -6.63 -14.14 -41.95
C HIS G 57 -5.79 -13.50 -43.03
N VAL G 58 -6.47 -12.92 -44.01
CA VAL G 58 -5.81 -12.34 -45.16
C VAL G 58 -6.14 -10.89 -45.34
N VAL G 59 -5.13 -10.09 -45.64
CA VAL G 59 -5.36 -8.67 -45.83
C VAL G 59 -4.83 -8.27 -47.19
N TYR G 60 -5.59 -7.49 -47.95
CA TYR G 60 -5.08 -7.01 -49.22
C TYR G 60 -4.82 -5.52 -49.23
N SER G 61 -3.89 -5.10 -50.06
CA SER G 61 -3.66 -3.69 -50.31
C SER G 61 -4.85 -3.09 -51.00
N ASN G 62 -5.07 -1.80 -50.79
CA ASN G 62 -6.24 -1.14 -51.32
C ASN G 62 -6.26 -1.18 -52.84
N SER G 63 -5.09 -1.19 -53.46
CA SER G 63 -4.99 -1.16 -54.91
C SER G 63 -5.32 -2.51 -55.55
N VAL G 64 -5.25 -3.58 -54.77
CA VAL G 64 -5.48 -4.91 -55.30
C VAL G 64 -6.69 -5.54 -54.67
N GLN G 65 -7.26 -4.83 -53.71
CA GLN G 65 -8.50 -5.25 -53.10
C GLN G 65 -9.53 -5.58 -54.12
N GLY G 66 -10.09 -6.78 -54.01
CA GLY G 66 -11.09 -7.25 -54.94
C GLY G 66 -10.49 -7.72 -56.27
N ARG G 67 -9.18 -7.87 -56.33
CA ARG G 67 -8.55 -8.31 -57.57
C ARG G 67 -7.64 -9.50 -57.36
N PHE G 68 -6.83 -9.44 -56.32
CA PHE G 68 -5.90 -10.52 -56.05
C PHE G 68 -6.43 -11.55 -55.08
N LEU G 69 -5.81 -12.72 -55.09
CA LEU G 69 -6.22 -13.80 -54.19
C LEU G 69 -5.06 -14.54 -53.58
N VAL G 70 -4.91 -14.44 -52.27
CA VAL G 70 -3.86 -15.16 -51.59
C VAL G 70 -4.39 -16.42 -50.96
N SER G 71 -3.64 -17.50 -51.08
CA SER G 71 -4.03 -18.76 -50.48
C SER G 71 -2.82 -19.57 -50.06
N ARG G 72 -3.06 -20.62 -49.30
CA ARG G 72 -1.97 -21.40 -48.76
C ARG G 72 -2.23 -22.89 -48.78
N ASP G 73 -1.16 -23.66 -48.86
CA ASP G 73 -1.21 -25.07 -48.56
C ASP G 73 -0.01 -25.47 -47.71
N ASN G 74 -0.20 -25.56 -46.40
CA ASN G 74 0.87 -25.85 -45.45
C ASN G 74 1.31 -27.31 -45.43
N VAL G 75 0.65 -28.17 -46.19
CA VAL G 75 1.10 -29.53 -46.32
C VAL G 75 2.06 -29.64 -47.46
N LYS G 76 1.75 -28.95 -48.53
CA LYS G 76 2.63 -28.92 -49.67
C LYS G 76 3.67 -27.83 -49.56
N ASN G 77 3.59 -27.02 -48.51
CA ASN G 77 4.59 -26.02 -48.22
C ASN G 77 4.61 -24.94 -49.29
N THR G 78 3.43 -24.57 -49.77
CA THR G 78 3.37 -23.64 -50.88
C THR G 78 2.33 -22.53 -50.74
N LEU G 79 2.74 -21.33 -51.14
CA LEU G 79 1.88 -20.16 -51.15
C LEU G 79 1.40 -19.90 -52.55
N TYR G 80 0.20 -19.37 -52.68
CA TYR G 80 -0.29 -19.02 -54.00
C TYR G 80 -0.85 -17.64 -54.05
N LEU G 81 -0.49 -16.92 -55.09
CA LEU G 81 -1.11 -15.64 -55.30
C LEU G 81 -1.67 -15.56 -56.69
N GLU G 82 -2.99 -15.55 -56.78
CA GLU G 82 -3.59 -15.49 -58.08
C GLU G 82 -3.99 -14.07 -58.28
N MET G 83 -4.16 -13.70 -59.51
CA MET G 83 -4.45 -12.33 -59.81
C MET G 83 -5.51 -12.30 -60.87
N ASN G 84 -6.67 -11.74 -60.54
CA ASN G 84 -7.74 -11.59 -61.52
C ASN G 84 -7.81 -10.20 -62.09
N SER G 85 -8.31 -10.10 -63.32
CA SER G 85 -8.55 -8.81 -63.97
C SER G 85 -7.35 -7.90 -63.85
N LEU G 86 -6.25 -8.36 -64.40
CA LEU G 86 -5.03 -7.58 -64.40
C LEU G 86 -5.15 -6.28 -65.14
N LYS G 87 -4.56 -5.25 -64.57
CA LYS G 87 -4.59 -3.95 -65.18
C LYS G 87 -3.18 -3.58 -65.51
N ILE G 88 -2.99 -2.61 -66.39
CA ILE G 88 -1.65 -2.34 -66.85
C ILE G 88 -0.73 -1.93 -65.72
N GLU G 89 -1.24 -1.12 -64.79
CA GLU G 89 -0.49 -0.66 -63.64
C GLU G 89 0.08 -1.78 -62.80
N ASP G 90 -0.45 -2.99 -62.96
CA ASP G 90 -0.02 -4.10 -62.17
C ASP G 90 1.31 -4.66 -62.64
N THR G 91 1.79 -4.22 -63.81
CA THR G 91 3.10 -4.57 -64.32
C THR G 91 4.20 -4.36 -63.30
N ALA G 92 4.79 -5.46 -62.81
CA ALA G 92 5.82 -5.33 -61.79
C ALA G 92 6.50 -6.66 -61.49
N VAL G 93 7.54 -6.58 -60.69
CA VAL G 93 8.20 -7.77 -60.20
C VAL G 93 7.66 -8.10 -58.84
N TYR G 94 7.03 -9.23 -58.71
CA TYR G 94 6.37 -9.49 -57.47
C TYR G 94 7.21 -10.41 -56.64
N ARG G 95 7.35 -10.10 -55.36
CA ARG G 95 8.27 -10.85 -54.52
C ARG G 95 7.61 -11.53 -53.33
N CYS G 96 7.90 -12.82 -53.17
CA CYS G 96 7.35 -13.63 -52.09
C CYS G 96 8.34 -13.57 -50.94
N ALA G 97 7.85 -13.26 -49.75
CA ALA G 97 8.71 -13.06 -48.59
C ALA G 97 8.09 -13.62 -47.31
N ARG G 98 8.93 -13.84 -46.31
CA ARG G 98 8.49 -14.39 -45.04
C ARG G 98 8.77 -13.46 -43.88
N MET G 99 7.91 -13.53 -42.86
CA MET G 99 8.03 -12.68 -41.68
C MET G 99 9.29 -12.95 -40.85
N PHE G 100 9.72 -11.90 -40.21
CA PHE G 100 10.80 -11.82 -39.24
C PHE G 100 10.68 -12.54 -37.92
N GLN G 101 9.61 -12.33 -37.20
CA GLN G 101 9.42 -13.10 -35.99
C GLN G 101 8.57 -14.28 -36.26
N GLU G 102 8.63 -15.26 -35.37
CA GLU G 102 7.63 -16.27 -35.27
C GLU G 102 6.30 -15.70 -34.84
N SER G 103 5.25 -16.40 -35.18
CA SER G 103 3.92 -16.01 -34.77
C SER G 103 3.36 -17.08 -33.94
N GLY G 104 2.76 -16.71 -32.84
CA GLY G 104 2.06 -17.69 -32.08
C GLY G 104 0.70 -17.79 -32.70
N PRO G 105 -0.12 -18.68 -32.18
CA PRO G 105 -1.48 -18.94 -32.53
C PRO G 105 -2.21 -17.68 -32.16
N PRO G 106 -3.34 -17.42 -32.75
CA PRO G 106 -4.15 -16.26 -32.55
C PRO G 106 -4.61 -16.24 -31.12
N ARG G 107 -4.68 -15.06 -30.56
CA ARG G 107 -5.04 -14.91 -29.15
C ARG G 107 -6.45 -14.39 -29.00
N LEU G 108 -7.24 -15.11 -28.24
CA LEU G 108 -8.63 -14.76 -28.04
C LEU G 108 -8.82 -13.79 -26.91
N ASP G 109 -9.33 -12.61 -27.22
CA ASP G 109 -9.66 -11.60 -26.23
C ASP G 109 -10.95 -11.89 -25.53
N ARG G 110 -10.89 -12.04 -24.23
CA ARG G 110 -12.06 -12.42 -23.48
C ARG G 110 -13.03 -11.27 -23.20
N TRP G 111 -12.58 -10.02 -23.30
CA TRP G 111 -13.50 -8.91 -23.12
C TRP G 111 -14.33 -8.64 -24.37
N SER G 112 -13.67 -8.52 -25.52
CA SER G 112 -14.39 -8.26 -26.74
C SER G 112 -14.82 -9.49 -27.45
N GLY G 113 -14.14 -10.59 -27.19
CA GLY G 113 -14.50 -11.84 -27.84
C GLY G 113 -13.85 -11.96 -29.21
N ARG G 114 -12.99 -11.02 -29.58
CA ARG G 114 -12.36 -11.14 -30.88
C ARG G 114 -11.08 -11.91 -30.84
N ASN G 115 -10.88 -12.69 -31.89
CA ASN G 115 -9.74 -13.54 -32.02
C ASN G 115 -8.65 -12.78 -32.76
N TYR G 116 -7.62 -12.32 -32.06
CA TYR G 116 -6.65 -11.50 -32.75
C TYR G 116 -5.41 -12.18 -33.28
N TYR G 117 -4.92 -11.66 -34.39
CA TYR G 117 -3.67 -12.08 -35.01
C TYR G 117 -2.64 -11.00 -34.91
N TYR G 118 -1.39 -11.38 -34.74
CA TYR G 118 -0.34 -10.38 -34.75
C TYR G 118 0.68 -10.55 -35.84
N TYR G 119 0.97 -9.46 -36.52
CA TYR G 119 1.87 -9.45 -37.65
C TYR G 119 3.14 -8.69 -37.29
N SER G 120 4.05 -8.56 -38.24
CA SER G 120 5.38 -7.99 -37.98
C SER G 120 6.10 -7.65 -39.27
N GLY G 121 7.39 -7.30 -39.15
CA GLY G 121 8.25 -7.02 -40.33
C GLY G 121 8.69 -8.31 -41.00
N MET G 122 9.56 -8.23 -41.99
CA MET G 122 9.99 -9.44 -42.69
C MET G 122 11.49 -9.49 -42.93
N ASP G 123 12.00 -10.72 -43.06
CA ASP G 123 13.43 -10.97 -42.97
C ASP G 123 14.02 -11.70 -44.15
N VAL G 124 13.19 -12.34 -44.94
CA VAL G 124 13.75 -13.09 -46.06
C VAL G 124 12.89 -12.93 -47.25
N TRP G 125 13.51 -12.63 -48.36
CA TRP G 125 12.81 -12.54 -49.60
C TRP G 125 13.31 -13.58 -50.56
N GLY G 126 12.53 -13.88 -51.57
CA GLY G 126 13.09 -14.63 -52.69
C GLY G 126 13.58 -13.66 -53.73
N GLN G 127 13.46 -14.03 -54.99
CA GLN G 127 13.77 -13.06 -56.02
C GLN G 127 12.53 -12.75 -56.81
N GLY G 128 11.46 -13.47 -56.50
CA GLY G 128 10.17 -13.25 -57.08
C GLY G 128 10.18 -13.63 -58.53
N THR G 129 9.33 -12.96 -59.30
CA THR G 129 9.32 -13.16 -60.72
C THR G 129 8.72 -11.95 -61.37
N THR G 130 9.08 -11.73 -62.61
CA THR G 130 8.57 -10.58 -63.30
C THR G 130 7.28 -10.88 -64.00
N VAL G 131 6.28 -10.05 -63.74
CA VAL G 131 5.00 -10.19 -64.36
C VAL G 131 4.62 -8.89 -65.01
N THR G 132 4.55 -8.89 -66.33
CA THR G 132 4.24 -7.64 -67.00
C THR G 132 2.93 -7.72 -67.72
N VAL G 133 2.36 -6.57 -68.00
CA VAL G 133 1.07 -6.55 -68.62
C VAL G 133 1.05 -5.71 -69.91
N SER G 134 0.20 -6.13 -70.87
CA SER G 134 -0.15 -5.45 -72.13
C SER G 134 0.14 -6.34 -73.34
N SER G 135 0.81 -5.79 -74.36
CA SER G 135 0.90 -6.45 -75.68
C SER G 135 2.28 -7.06 -76.00
N ASP H 1 -4.47 5.50 -42.77
CA ASP H 1 -3.24 4.96 -43.34
C ASP H 1 -2.02 5.71 -42.82
N ILE H 2 -0.96 4.98 -42.53
CA ILE H 2 0.24 5.61 -42.04
C ILE H 2 1.20 5.84 -43.18
N VAL H 3 1.61 7.09 -43.34
CA VAL H 3 2.53 7.43 -44.42
C VAL H 3 3.76 8.10 -43.87
N MET H 4 4.79 8.18 -44.69
CA MET H 4 6.05 8.69 -44.20
C MET H 4 7.05 8.94 -45.30
N THR H 5 8.11 9.68 -44.96
CA THR H 5 9.07 10.09 -45.97
C THR H 5 10.46 10.04 -45.38
N GLN H 6 11.46 10.15 -46.23
CA GLN H 6 12.85 10.02 -45.82
C GLN H 6 13.61 11.25 -46.27
N THR H 7 14.91 11.29 -45.98
CA THR H 7 15.75 12.43 -46.32
C THR H 7 15.81 12.45 -47.82
N PRO H 8 16.31 13.53 -48.40
CA PRO H 8 16.37 13.70 -49.81
C PRO H 8 17.09 12.49 -50.36
N LEU H 9 16.68 12.07 -51.53
CA LEU H 9 17.08 10.80 -52.12
C LEU H 9 18.56 10.56 -52.39
N SER H 10 19.34 11.60 -52.64
CA SER H 10 20.72 11.37 -52.97
C SER H 10 21.62 11.72 -51.81
N LEU H 11 22.20 10.69 -51.22
CA LEU H 11 23.17 10.90 -50.16
C LEU H 11 24.54 10.43 -50.57
N SER H 12 25.47 11.38 -50.66
CA SER H 12 26.84 11.05 -51.03
C SER H 12 27.67 10.88 -49.79
N VAL H 13 28.50 9.84 -49.77
CA VAL H 13 29.38 9.57 -48.64
C VAL H 13 30.81 9.32 -49.07
N THR H 14 31.70 9.26 -48.10
CA THR H 14 33.06 8.85 -48.39
C THR H 14 33.46 7.75 -47.42
N PRO H 15 34.38 6.88 -47.82
CA PRO H 15 34.95 5.81 -47.03
C PRO H 15 35.46 6.35 -45.72
N GLY H 16 34.93 5.83 -44.62
CA GLY H 16 35.35 6.21 -43.28
C GLY H 16 34.47 7.30 -42.68
N GLN H 17 33.74 8.01 -43.52
CA GLN H 17 32.89 9.09 -43.07
C GLN H 17 31.52 8.54 -42.70
N PRO H 18 31.08 8.66 -41.46
CA PRO H 18 29.77 8.26 -41.00
C PRO H 18 28.70 9.10 -41.65
N ALA H 19 27.51 8.54 -41.76
CA ALA H 19 26.41 9.24 -42.41
C ALA H 19 25.08 8.69 -41.93
N SER H 20 24.03 9.49 -42.01
CA SER H 20 22.76 9.05 -41.44
C SER H 20 21.55 9.42 -42.29
N ILE H 21 20.54 8.57 -42.20
CA ILE H 21 19.27 8.76 -42.89
C ILE H 21 18.13 8.74 -41.90
N SER H 22 17.30 9.78 -41.91
CA SER H 22 16.17 9.86 -41.00
C SER H 22 14.90 9.39 -41.69
N CYS H 23 13.84 9.18 -40.91
CA CYS H 23 12.56 8.85 -41.50
C CYS H 23 11.39 9.44 -40.75
N LYS H 24 10.69 10.34 -41.41
CA LYS H 24 9.65 11.09 -40.74
C LYS H 24 8.32 10.42 -40.94
N SER H 25 7.65 10.08 -39.86
CA SER H 25 6.38 9.40 -39.95
C SER H 25 5.24 10.34 -39.75
N SER H 26 4.10 10.00 -40.34
CA SER H 26 2.90 10.77 -40.15
C SER H 26 2.27 10.51 -38.77
N GLU H 27 2.70 9.44 -38.11
CA GLU H 27 2.17 9.10 -36.81
C GLU H 27 3.12 8.21 -36.04
N SER H 28 3.22 8.44 -34.73
CA SER H 28 4.12 7.66 -33.92
C SER H 28 3.81 6.20 -34.08
N LEU H 29 4.85 5.39 -34.15
CA LEU H 29 4.67 3.98 -34.41
C LEU H 29 4.59 3.17 -33.14
N ARG H 30 4.09 3.76 -32.05
CA ARG H 30 3.99 2.98 -30.84
C ARG H 30 3.03 1.83 -31.06
N GLN H 31 3.50 0.64 -30.75
CA GLN H 31 2.76 -0.60 -30.80
C GLN H 31 2.17 -0.97 -29.46
N SER H 32 1.04 -1.65 -29.52
CA SER H 32 0.29 -2.14 -28.36
C SER H 32 1.02 -3.09 -27.40
N ASN H 33 2.13 -3.69 -27.81
CA ASN H 33 2.86 -4.56 -26.90
C ASN H 33 3.98 -3.83 -26.18
N GLY H 34 4.08 -2.53 -26.38
CA GLY H 34 5.08 -1.74 -25.69
C GLY H 34 6.33 -1.46 -26.52
N LYS H 35 6.35 -1.88 -27.79
CA LYS H 35 7.48 -1.54 -28.63
C LYS H 35 7.12 -0.68 -29.82
N THR H 36 8.13 -0.25 -30.56
CA THR H 36 7.93 0.57 -31.74
C THR H 36 8.12 -0.23 -33.02
N SER H 37 7.11 -0.19 -33.88
CA SER H 37 7.06 -1.01 -35.11
C SER H 37 7.78 -0.42 -36.31
N LEU H 38 9.08 -0.23 -36.20
CA LEU H 38 9.86 0.33 -37.29
C LEU H 38 10.99 -0.54 -37.75
N TYR H 39 11.16 -0.62 -39.07
CA TYR H 39 12.20 -1.45 -39.66
C TYR H 39 12.98 -0.65 -40.70
N TRP H 40 14.24 -1.01 -40.88
CA TRP H 40 15.00 -0.43 -41.99
C TRP H 40 15.48 -1.53 -42.88
N TYR H 41 15.45 -1.26 -44.18
CA TYR H 41 15.86 -2.21 -45.20
C TYR H 41 16.79 -1.56 -46.20
N ARG H 42 17.55 -2.37 -46.91
CA ARG H 42 18.29 -1.80 -48.01
C ARG H 42 18.49 -2.79 -49.12
N GLN H 43 18.81 -2.29 -50.31
CA GLN H 43 19.19 -3.22 -51.34
C GLN H 43 19.94 -2.57 -52.46
N LYS H 44 20.81 -3.33 -53.07
CA LYS H 44 21.63 -2.84 -54.15
C LYS H 44 20.99 -3.20 -55.47
N PRO H 45 21.33 -2.51 -56.53
CA PRO H 45 20.89 -2.76 -57.88
C PRO H 45 21.14 -4.21 -58.21
N GLY H 46 20.07 -4.91 -58.60
CA GLY H 46 20.14 -6.33 -58.92
C GLY H 46 20.20 -7.20 -57.68
N GLN H 47 19.87 -6.62 -56.52
CA GLN H 47 19.94 -7.34 -55.26
C GLN H 47 18.63 -7.25 -54.50
N SER H 48 18.17 -8.38 -53.99
CA SER H 48 16.91 -8.41 -53.26
C SER H 48 17.06 -7.69 -51.92
N PRO H 49 15.96 -7.26 -51.30
CA PRO H 49 15.87 -6.52 -50.05
C PRO H 49 16.60 -7.20 -48.89
N GLN H 50 17.27 -6.42 -48.08
CA GLN H 50 17.93 -6.93 -46.89
C GLN H 50 17.46 -6.19 -45.66
N LEU H 51 17.36 -6.91 -44.55
CA LEU H 51 16.95 -6.29 -43.31
C LEU H 51 18.10 -5.76 -42.53
N LEU H 52 18.02 -4.50 -42.16
CA LEU H 52 19.07 -3.85 -41.44
C LEU H 52 18.79 -3.85 -39.97
N VAL H 53 17.69 -3.23 -39.58
CA VAL H 53 17.40 -3.21 -38.16
C VAL H 53 15.97 -3.52 -38.02
N PHE H 54 15.59 -4.07 -36.90
CA PHE H 54 14.23 -4.48 -36.75
C PHE H 54 13.52 -3.81 -35.59
N GLU H 55 14.29 -3.17 -34.72
CA GLU H 55 13.67 -2.29 -33.75
C GLU H 55 14.41 -1.01 -33.81
N VAL H 56 13.81 0.02 -33.26
CA VAL H 56 14.49 1.29 -33.13
C VAL H 56 15.72 1.13 -32.25
N SER H 57 16.88 1.27 -32.86
CA SER H 57 18.21 1.08 -32.27
C SER H 57 18.48 -0.38 -31.93
N ASN H 58 18.12 -1.27 -32.84
CA ASN H 58 18.34 -2.69 -32.61
C ASN H 58 18.55 -3.37 -33.93
N ARG H 59 19.81 -3.48 -34.33
CA ARG H 59 20.12 -4.07 -35.61
C ARG H 59 19.93 -5.55 -35.65
N PHE H 60 19.74 -6.03 -36.85
CA PHE H 60 19.42 -7.41 -37.11
C PHE H 60 20.63 -8.32 -37.18
N SER H 61 20.49 -9.52 -36.66
CA SER H 61 21.58 -10.47 -36.64
C SER H 61 22.15 -10.71 -38.02
N GLY H 62 23.47 -10.65 -38.11
CA GLY H 62 24.17 -10.83 -39.37
C GLY H 62 24.53 -9.50 -40.04
N VAL H 63 23.92 -8.42 -39.58
CA VAL H 63 24.20 -7.10 -40.13
C VAL H 63 25.41 -6.52 -39.44
N SER H 64 26.26 -5.85 -40.21
CA SER H 64 27.48 -5.25 -39.68
C SER H 64 27.22 -4.34 -38.49
N ASP H 65 28.23 -4.24 -37.64
CA ASP H 65 28.18 -3.41 -36.45
C ASP H 65 28.17 -1.92 -36.77
N ARG H 66 28.42 -1.56 -38.02
CA ARG H 66 28.44 -0.16 -38.43
C ARG H 66 27.08 0.48 -38.21
N PHE H 67 26.03 -0.32 -38.30
CA PHE H 67 24.68 0.20 -38.33
C PHE H 67 24.11 0.47 -36.96
N VAL H 68 23.78 1.74 -36.73
CA VAL H 68 23.27 2.19 -35.47
C VAL H 68 21.94 2.91 -35.61
N GLY H 69 20.88 2.27 -35.18
CA GLY H 69 19.56 2.88 -35.28
C GLY H 69 19.38 3.85 -34.12
N SER H 70 18.43 4.76 -34.26
CA SER H 70 18.11 5.65 -33.16
C SER H 70 16.83 6.43 -33.41
N GLY H 71 16.55 7.38 -32.52
CA GLY H 71 15.43 8.27 -32.67
C GLY H 71 14.20 7.79 -31.91
N SER H 72 13.12 8.56 -31.97
CA SER H 72 11.89 8.19 -31.27
C SER H 72 10.68 8.98 -31.74
N GLY H 73 9.58 8.84 -31.01
CA GLY H 73 8.36 9.61 -31.27
C GLY H 73 7.76 9.40 -32.65
N THR H 74 7.84 10.43 -33.47
CA THR H 74 7.24 10.42 -34.81
C THR H 74 8.28 10.51 -35.91
N ASP H 75 9.55 10.50 -35.53
CA ASP H 75 10.62 10.69 -36.49
C ASP H 75 11.88 10.00 -36.02
N PHE H 76 12.28 8.99 -36.77
CA PHE H 76 13.36 8.14 -36.35
C PHE H 76 14.55 8.23 -37.27
N THR H 77 15.60 7.51 -36.93
CA THR H 77 16.77 7.56 -37.80
C THR H 77 17.65 6.35 -37.78
N LEU H 78 18.50 6.27 -38.79
CA LEU H 78 19.50 5.23 -38.90
C LEU H 78 20.81 5.84 -39.26
N ARG H 79 21.79 5.69 -38.40
CA ARG H 79 23.11 6.19 -38.68
C ARG H 79 24.08 5.07 -38.91
N ILE H 80 24.85 5.18 -39.96
CA ILE H 80 25.89 4.22 -40.23
C ILE H 80 27.22 4.84 -39.83
N SER H 81 27.87 4.23 -38.85
CA SER H 81 29.17 4.71 -38.42
C SER H 81 30.28 4.16 -39.29
N ARG H 82 31.19 5.03 -39.74
CA ARG H 82 32.33 4.62 -40.57
C ARG H 82 31.87 3.97 -41.88
N VAL H 83 31.10 4.72 -42.66
CA VAL H 83 30.55 4.19 -43.88
C VAL H 83 31.60 3.69 -44.84
N GLU H 84 31.42 2.47 -45.31
CA GLU H 84 32.35 1.85 -46.24
C GLU H 84 31.84 2.12 -47.64
N ALA H 85 32.73 2.09 -48.63
CA ALA H 85 32.31 2.30 -50.02
C ALA H 85 31.32 1.24 -50.50
N GLU H 86 31.35 0.06 -49.88
CA GLU H 86 30.42 -1.01 -50.18
C GLU H 86 29.07 -0.92 -49.48
N ASP H 87 28.77 0.20 -48.82
CA ASP H 87 27.47 0.39 -48.23
C ASP H 87 26.49 1.09 -49.18
N VAL H 88 26.92 1.39 -50.40
CA VAL H 88 26.02 2.08 -51.32
C VAL H 88 24.81 1.23 -51.66
N GLY H 89 23.75 1.87 -52.13
CA GLY H 89 22.52 1.14 -52.44
C GLY H 89 21.28 1.87 -51.97
N PHE H 90 20.12 1.27 -52.19
CA PHE H 90 18.87 1.90 -51.82
C PHE H 90 18.55 1.62 -50.39
N TYR H 91 18.12 2.65 -49.68
CA TYR H 91 17.65 2.49 -48.31
C TYR H 91 16.19 2.84 -48.13
N TYR H 92 15.47 1.91 -47.50
CA TYR H 92 14.06 2.04 -47.23
C TYR H 92 13.73 1.99 -45.76
N CYS H 93 12.85 2.87 -45.37
CA CYS H 93 12.23 2.81 -44.07
C CYS H 93 10.91 2.11 -44.21
N MET H 94 10.55 1.29 -43.24
CA MET H 94 9.26 0.64 -43.31
C MET H 94 8.60 0.53 -41.98
N GLN H 95 7.31 0.79 -42.00
CA GLN H 95 6.46 0.81 -40.83
C GLN H 95 5.55 -0.37 -40.77
N SER H 96 5.32 -0.89 -39.58
CA SER H 96 4.43 -2.03 -39.47
C SER H 96 3.41 -1.91 -38.37
N LYS H 97 2.97 -0.71 -38.06
CA LYS H 97 2.03 -0.49 -36.97
C LYS H 97 0.62 -0.86 -37.39
N ASP H 98 0.30 -0.60 -38.65
CA ASP H 98 -1.03 -0.81 -39.19
C ASP H 98 -0.93 -1.15 -40.67
N PHE H 99 -2.03 -1.60 -41.23
CA PHE H 99 -2.11 -1.85 -42.65
C PHE H 99 -2.61 -0.64 -43.40
N PRO H 100 -2.13 -0.46 -44.62
CA PRO H 100 -1.16 -1.23 -45.38
C PRO H 100 0.21 -1.00 -44.82
N LEU H 101 1.09 -1.95 -45.03
CA LEU H 101 2.45 -1.77 -44.58
C LEU H 101 3.09 -0.82 -45.55
N THR H 102 3.67 0.28 -45.07
CA THR H 102 4.20 1.24 -46.02
C THR H 102 5.69 1.48 -45.93
N PHE H 103 6.21 2.09 -46.98
CA PHE H 103 7.62 2.39 -47.13
C PHE H 103 7.91 3.88 -47.23
N GLY H 104 9.12 4.25 -46.85
CA GLY H 104 9.55 5.64 -46.90
C GLY H 104 10.05 6.04 -48.29
N GLY H 105 10.82 7.11 -48.35
CA GLY H 105 11.31 7.66 -49.60
C GLY H 105 12.02 6.65 -50.51
N GLY H 106 12.83 5.77 -49.94
CA GLY H 106 13.63 4.87 -50.77
C GLY H 106 14.84 5.61 -51.28
N THR H 107 15.68 6.04 -50.35
CA THR H 107 16.77 6.92 -50.72
C THR H 107 17.90 6.09 -51.29
N LYS H 108 18.97 6.71 -51.74
CA LYS H 108 20.12 5.95 -52.18
C LYS H 108 21.43 6.54 -51.78
N VAL H 109 22.30 5.69 -51.28
CA VAL H 109 23.60 6.12 -50.85
C VAL H 109 24.57 5.86 -51.99
N ASP H 110 25.38 6.85 -52.30
CA ASP H 110 26.39 6.72 -53.32
C ASP H 110 27.65 7.43 -52.84
N LEU H 111 28.66 7.53 -53.67
CA LEU H 111 29.93 8.05 -53.22
C LEU H 111 30.18 9.42 -53.78
N LYS H 112 31.00 10.18 -53.07
CA LYS H 112 31.51 11.44 -53.58
C LYS H 112 32.63 11.22 -54.58
N ARG H 113 32.63 12.02 -55.62
CA ARG H 113 33.69 11.99 -56.62
C ARG H 113 34.04 13.39 -57.04
N THR H 114 35.08 13.50 -57.87
CA THR H 114 35.53 14.79 -58.36
C THR H 114 35.74 14.73 -59.87
N VAL I 2 7.15 -35.24 43.54
CA VAL I 2 6.80 -36.52 42.91
C VAL I 2 7.90 -37.56 43.05
N GLN I 3 7.52 -38.83 42.91
CA GLN I 3 8.51 -39.89 42.98
C GLN I 3 9.35 -39.98 41.73
N LEU I 4 10.65 -39.79 41.88
CA LEU I 4 11.59 -39.89 40.78
C LEU I 4 12.91 -40.57 41.17
N VAL I 5 13.04 -41.87 40.86
CA VAL I 5 14.23 -42.63 41.26
C VAL I 5 14.92 -43.30 40.10
N GLU I 6 16.24 -43.46 40.22
CA GLU I 6 17.04 -44.15 39.21
C GLU I 6 17.34 -45.59 39.61
N SER I 7 17.68 -46.43 38.65
CA SER I 7 18.03 -47.81 38.96
C SER I 7 18.84 -48.49 37.86
N GLY I 8 19.94 -49.12 38.29
CA GLY I 8 20.79 -49.93 37.41
C GLY I 8 22.16 -49.34 37.15
N GLY I 9 22.74 -48.66 38.14
CA GLY I 9 24.09 -48.11 38.01
C GLY I 9 25.18 -49.17 38.22
N GLY I 10 26.43 -48.73 38.41
CA GLY I 10 27.51 -49.68 38.65
C GLY I 10 28.77 -49.31 37.92
N VAL I 11 29.60 -50.33 37.66
CA VAL I 11 30.87 -50.12 36.98
C VAL I 11 31.12 -51.19 35.96
N VAL I 12 31.60 -50.76 34.80
CA VAL I 12 31.86 -51.67 33.69
C VAL I 12 33.12 -51.27 32.98
N GLN I 13 33.57 -52.13 32.08
CA GLN I 13 34.76 -51.86 31.31
C GLN I 13 34.36 -51.17 30.02
N PRO I 14 35.29 -50.48 29.36
CA PRO I 14 35.10 -49.79 28.12
C PRO I 14 34.66 -50.83 27.11
N GLY I 15 33.75 -50.44 26.24
CA GLY I 15 33.20 -51.35 25.26
C GLY I 15 31.99 -52.10 25.80
N LYS I 16 31.72 -51.99 27.10
CA LYS I 16 30.58 -52.67 27.68
C LYS I 16 29.37 -51.78 27.62
N SER I 17 28.22 -52.34 27.97
CA SER I 17 27.01 -51.57 27.90
C SER I 17 26.13 -51.76 29.10
N VAL I 18 25.30 -50.76 29.37
CA VAL I 18 24.40 -50.79 30.52
C VAL I 18 23.03 -50.34 30.13
N ARG I 19 22.05 -50.60 30.99
CA ARG I 19 20.69 -50.16 30.74
C ARG I 19 20.26 -49.44 32.00
N LEU I 20 20.42 -48.11 32.03
CA LEU I 20 20.10 -47.39 33.23
C LEU I 20 18.69 -46.89 33.14
N SER I 21 17.86 -47.32 34.08
CA SER I 21 16.46 -46.99 34.00
C SER I 21 16.03 -46.01 35.05
N CYS I 22 14.86 -45.43 34.87
CA CYS I 22 14.30 -44.55 35.86
C CYS I 22 12.84 -44.85 36.10
N VAL I 23 12.46 -44.95 37.36
CA VAL I 23 11.08 -45.25 37.73
C VAL I 23 10.39 -44.08 38.39
N VAL I 24 9.25 -43.69 37.84
CA VAL I 24 8.57 -42.53 38.38
C VAL I 24 7.11 -42.75 38.72
N SER I 25 6.56 -41.84 39.50
CA SER I 25 5.14 -41.87 39.82
C SER I 25 4.60 -40.50 40.20
N ASP I 26 3.34 -40.46 40.61
CA ASP I 26 2.66 -39.21 40.95
C ASP I 26 2.37 -38.24 39.81
N PHE I 27 2.34 -38.71 38.56
CA PHE I 27 1.92 -37.83 37.47
C PHE I 27 1.65 -38.50 36.13
N PRO I 28 0.89 -37.84 35.28
CA PRO I 28 0.60 -38.34 33.95
C PRO I 28 1.85 -38.42 33.13
N PHE I 29 2.59 -39.49 33.31
CA PHE I 29 3.89 -39.71 32.71
C PHE I 29 3.95 -39.49 31.21
N SER I 30 2.93 -39.93 30.49
CA SER I 30 2.88 -39.78 29.04
C SER I 30 2.72 -38.34 28.55
N LYS I 31 2.54 -37.39 29.45
CA LYS I 31 2.44 -36.00 29.06
C LYS I 31 3.67 -35.22 29.43
N TYR I 32 4.68 -35.91 29.94
CA TYR I 32 5.89 -35.22 30.29
C TYR I 32 7.11 -35.75 29.58
N PRO I 33 7.72 -34.92 28.75
CA PRO I 33 8.97 -35.18 28.12
C PRO I 33 10.02 -35.22 29.21
N MET I 34 11.05 -36.01 29.01
CA MET I 34 12.00 -36.26 30.08
C MET I 34 13.41 -36.02 29.66
N TYR I 35 14.28 -35.86 30.64
CA TYR I 35 15.67 -35.59 30.38
C TYR I 35 16.61 -36.55 31.05
N TRP I 36 17.77 -36.71 30.43
CA TRP I 36 18.90 -37.29 31.11
C TRP I 36 20.05 -36.34 31.14
N VAL I 37 20.60 -36.16 32.33
CA VAL I 37 21.67 -35.23 32.55
C VAL I 37 22.85 -35.92 33.15
N ARG I 38 23.98 -35.26 33.06
CA ARG I 38 25.22 -35.87 33.35
C ARG I 38 26.17 -34.94 34.05
N GLN I 39 26.71 -35.38 35.16
CA GLN I 39 27.71 -34.62 35.86
C GLN I 39 28.90 -35.47 36.17
N ALA I 40 30.03 -35.07 35.62
CA ALA I 40 31.27 -35.76 35.92
C ALA I 40 31.75 -35.30 37.28
N PRO I 41 32.37 -36.20 38.05
CA PRO I 41 32.92 -35.97 39.37
C PRO I 41 33.74 -34.69 39.50
N GLY I 42 33.32 -33.79 40.38
CA GLY I 42 34.04 -32.55 40.61
C GLY I 42 33.92 -31.54 39.49
N LYS I 43 32.97 -31.76 38.59
CA LYS I 43 32.75 -30.86 37.48
C LYS I 43 31.29 -30.47 37.38
N GLY I 44 30.99 -29.61 36.42
CA GLY I 44 29.66 -29.05 36.26
C GLY I 44 28.72 -29.98 35.51
N LEU I 45 27.61 -29.43 35.06
CA LEU I 45 26.54 -30.23 34.50
C LEU I 45 26.66 -30.38 33.00
N GLU I 46 26.10 -31.46 32.48
CA GLU I 46 26.10 -31.72 31.06
C GLU I 46 24.83 -32.38 30.62
N TRP I 47 24.13 -31.76 29.70
CA TRP I 47 22.96 -32.42 29.18
C TRP I 47 23.35 -33.57 28.31
N VAL I 48 22.64 -34.67 28.42
CA VAL I 48 22.93 -35.79 27.56
C VAL I 48 21.86 -36.09 26.56
N ALA I 49 20.63 -36.27 27.01
CA ALA I 49 19.62 -36.67 26.05
C ALA I 49 18.22 -36.26 26.46
N ALA I 50 17.34 -36.20 25.47
CA ALA I 50 15.97 -35.79 25.75
C ALA I 50 14.96 -36.61 24.96
N ILE I 51 13.84 -36.90 25.59
CA ILE I 51 12.82 -37.72 24.95
C ILE I 51 11.43 -37.19 25.18
N SER I 52 10.67 -37.07 24.10
CA SER I 52 9.37 -36.40 24.12
C SER I 52 8.32 -37.12 24.92
N GLY I 53 7.29 -36.39 25.30
CA GLY I 53 6.22 -36.95 26.13
C GLY I 53 5.54 -38.16 25.46
N ASP I 54 5.32 -38.08 24.15
CA ASP I 54 4.69 -39.18 23.43
C ASP I 54 5.69 -40.23 23.01
N ALA I 55 6.94 -40.07 23.46
CA ALA I 55 8.04 -40.97 23.16
C ALA I 55 8.35 -41.12 21.68
N TRP I 56 8.12 -40.10 20.89
CA TRP I 56 8.40 -40.23 19.49
C TRP I 56 9.67 -39.51 19.14
N HIS I 57 9.79 -38.30 19.66
CA HIS I 57 10.92 -37.44 19.37
C HIS I 57 12.04 -37.57 20.37
N VAL I 58 13.27 -37.56 19.86
CA VAL I 58 14.42 -37.81 20.70
C VAL I 58 15.69 -37.21 20.14
N VAL I 59 16.50 -36.65 21.02
CA VAL I 59 17.75 -36.04 20.63
C VAL I 59 18.88 -36.38 21.58
N TYR I 60 20.10 -36.29 21.08
CA TYR I 60 21.27 -36.62 21.86
C TYR I 60 22.33 -35.55 21.76
N SER I 61 23.24 -35.52 22.72
CA SER I 61 24.44 -34.72 22.60
C SER I 61 25.41 -35.38 21.66
N ASN I 62 26.23 -34.57 21.01
CA ASN I 62 27.16 -35.05 20.00
C ASN I 62 28.03 -36.17 20.52
N SER I 63 28.57 -35.99 21.73
CA SER I 63 29.52 -36.94 22.29
C SER I 63 28.94 -38.32 22.57
N VAL I 64 27.62 -38.41 22.65
CA VAL I 64 26.96 -39.66 22.99
C VAL I 64 26.12 -40.16 21.85
N GLN I 65 25.91 -39.29 20.87
CA GLN I 65 25.07 -39.60 19.74
C GLN I 65 25.60 -40.80 18.99
N GLY I 66 24.76 -41.81 18.85
CA GLY I 66 25.16 -43.04 18.20
C GLY I 66 25.56 -44.13 19.19
N ARG I 67 25.84 -43.78 20.43
CA ARG I 67 26.23 -44.80 21.41
C ARG I 67 25.13 -44.97 22.43
N PHE I 68 24.51 -43.86 22.80
CA PHE I 68 23.40 -43.93 23.72
C PHE I 68 22.09 -44.07 22.99
N LEU I 69 21.16 -44.77 23.61
CA LEU I 69 19.82 -44.96 23.09
C LEU I 69 18.82 -44.88 24.20
N VAL I 70 17.97 -43.89 24.17
CA VAL I 70 17.02 -43.76 25.25
C VAL I 70 15.61 -44.12 24.82
N SER I 71 14.92 -44.89 25.63
CA SER I 71 13.54 -45.29 25.31
C SER I 71 12.53 -45.04 26.43
N ARG I 72 11.28 -45.43 26.17
CA ARG I 72 10.20 -45.17 27.12
C ARG I 72 9.23 -46.31 27.25
N ASP I 73 8.61 -46.37 28.42
CA ASP I 73 7.44 -47.19 28.61
C ASP I 73 6.41 -46.38 29.33
N ASN I 74 5.45 -45.86 28.56
CA ASN I 74 4.41 -45.00 29.09
C ASN I 74 3.36 -45.73 29.91
N VAL I 75 3.35 -47.05 29.86
CA VAL I 75 2.41 -47.84 30.62
C VAL I 75 2.94 -48.08 32.00
N LYS I 76 4.24 -48.35 32.07
CA LYS I 76 4.86 -48.68 33.33
C LYS I 76 5.53 -47.50 34.01
N ASN I 77 5.54 -46.36 33.35
CA ASN I 77 6.10 -45.13 33.93
C ASN I 77 7.59 -45.23 34.06
N THR I 78 8.27 -45.66 33.00
CA THR I 78 9.72 -45.77 33.11
C THR I 78 10.50 -45.25 31.92
N LEU I 79 11.74 -44.86 32.19
CA LEU I 79 12.70 -44.51 31.17
C LEU I 79 13.75 -45.57 31.05
N TYR I 80 14.27 -45.76 29.85
CA TYR I 80 15.37 -46.67 29.70
C TYR I 80 16.50 -46.08 28.90
N LEU I 81 17.55 -45.68 29.59
CA LEU I 81 18.74 -45.16 28.95
C LEU I 81 19.77 -46.21 28.73
N GLU I 82 19.83 -46.73 27.52
CA GLU I 82 20.82 -47.73 27.25
C GLU I 82 22.06 -47.02 26.81
N MET I 83 23.18 -47.49 27.28
CA MET I 83 24.41 -46.89 26.85
C MET I 83 25.34 -47.94 26.36
N ASN I 84 25.64 -47.91 25.08
CA ASN I 84 26.52 -48.92 24.49
C ASN I 84 27.92 -48.41 24.32
N SER I 85 28.87 -49.33 24.24
CA SER I 85 30.25 -49.00 23.90
C SER I 85 30.74 -47.84 24.72
N LEU I 86 30.64 -47.99 26.03
CA LEU I 86 31.08 -46.96 26.93
C LEU I 86 32.56 -46.70 26.86
N LYS I 87 32.92 -45.45 27.04
CA LYS I 87 34.31 -45.03 27.02
C LYS I 87 34.72 -44.63 28.41
N ILE I 88 36.01 -44.61 28.67
CA ILE I 88 36.48 -44.39 30.03
C ILE I 88 35.95 -43.08 30.57
N GLU I 89 35.99 -42.05 29.75
CA GLU I 89 35.55 -40.70 30.09
C GLU I 89 34.05 -40.59 30.37
N ASP I 90 33.28 -41.63 30.07
CA ASP I 90 31.87 -41.63 30.37
C ASP I 90 31.60 -41.82 31.87
N THR I 91 32.66 -42.13 32.64
CA THR I 91 32.58 -42.22 34.09
C THR I 91 31.91 -41.00 34.66
N ALA I 92 30.69 -41.16 35.18
CA ALA I 92 30.00 -39.98 35.67
C ALA I 92 28.72 -40.28 36.41
N VAL I 93 28.18 -39.24 37.02
CA VAL I 93 26.90 -39.31 37.67
C VAL I 93 25.80 -39.05 36.66
N TYR I 94 24.87 -39.96 36.57
CA TYR I 94 23.81 -39.82 35.60
C TYR I 94 22.50 -39.68 36.31
N ARG I 95 21.64 -38.81 35.80
CA ARG I 95 20.46 -38.48 36.55
C ARG I 95 19.24 -38.21 35.69
N CYS I 96 18.12 -38.70 36.19
CA CYS I 96 16.83 -38.60 35.54
C CYS I 96 16.04 -37.40 35.98
N ALA I 97 15.53 -36.65 35.01
CA ALA I 97 14.82 -35.45 35.39
C ALA I 97 13.59 -35.20 34.55
N ARG I 98 12.64 -34.46 35.12
CA ARG I 98 11.38 -34.21 34.44
C ARG I 98 11.28 -32.76 34.00
N MET I 99 10.66 -32.53 32.84
CA MET I 99 10.56 -31.17 32.34
C MET I 99 9.65 -30.38 33.26
N PHE I 100 9.99 -29.11 33.45
CA PHE I 100 9.13 -28.19 34.19
C PHE I 100 7.79 -27.95 33.51
N GLN I 101 7.79 -27.39 32.31
CA GLN I 101 6.54 -27.08 31.63
C GLN I 101 6.08 -28.18 30.68
N GLU I 102 5.02 -28.89 31.04
CA GLU I 102 4.52 -29.92 30.16
C GLU I 102 3.96 -29.45 28.86
N SER I 103 4.28 -30.22 27.84
CA SER I 103 3.89 -29.91 26.50
C SER I 103 2.72 -30.74 26.15
N GLY I 104 1.88 -30.22 25.29
CA GLY I 104 0.81 -31.01 24.78
C GLY I 104 1.36 -31.80 23.63
N PRO I 105 0.50 -32.26 22.76
CA PRO I 105 0.75 -32.96 21.53
C PRO I 105 1.51 -31.99 20.65
N PRO I 106 2.30 -32.47 19.72
CA PRO I 106 3.13 -31.71 18.84
C PRO I 106 2.27 -30.80 18.00
N ARG I 107 2.50 -29.51 18.13
CA ARG I 107 1.75 -28.56 17.36
C ARG I 107 2.07 -28.66 15.90
N LEU I 108 1.07 -28.92 15.10
CA LEU I 108 1.30 -28.99 13.68
C LEU I 108 0.96 -27.68 13.03
N ASP I 109 1.94 -27.13 12.34
CA ASP I 109 1.69 -26.00 11.47
C ASP I 109 1.33 -26.51 10.10
N ARG I 110 0.35 -25.87 9.48
CA ARG I 110 -0.22 -26.28 8.19
C ARG I 110 0.53 -25.73 6.96
N TRP I 111 1.69 -25.13 7.17
CA TRP I 111 2.57 -24.66 6.14
C TRP I 111 3.87 -25.42 6.15
N SER I 112 3.77 -26.74 6.00
CA SER I 112 4.85 -27.67 6.26
C SER I 112 5.39 -27.66 7.66
N GLY I 113 4.52 -27.68 8.67
CA GLY I 113 4.96 -27.58 10.05
C GLY I 113 5.70 -28.79 10.57
N ARG I 114 5.44 -29.95 10.00
CA ARG I 114 6.17 -31.13 10.37
C ARG I 114 6.11 -31.45 11.85
N ASN I 115 5.00 -31.10 12.51
CA ASN I 115 4.81 -31.40 13.92
C ASN I 115 5.93 -30.90 14.81
N TYR I 116 5.77 -29.73 15.39
CA TYR I 116 6.82 -29.29 16.26
C TYR I 116 6.58 -29.71 17.69
N TYR I 117 7.67 -29.96 18.39
CA TYR I 117 7.62 -30.32 19.78
C TYR I 117 8.21 -29.18 20.54
N TYR I 118 7.62 -28.83 21.68
CA TYR I 118 8.18 -27.79 22.53
C TYR I 118 8.98 -28.36 23.71
N TYR I 119 10.17 -27.81 23.99
CA TYR I 119 10.95 -28.26 25.10
C TYR I 119 11.26 -27.10 26.01
N SER I 120 11.24 -27.36 27.29
CA SER I 120 11.45 -26.33 28.29
C SER I 120 12.39 -26.78 29.37
N GLY I 121 12.37 -26.08 30.50
CA GLY I 121 13.29 -26.35 31.60
C GLY I 121 12.95 -27.63 32.33
N MET I 122 13.47 -27.75 33.54
CA MET I 122 13.30 -28.94 34.36
C MET I 122 12.85 -28.55 35.73
N ASP I 123 12.17 -29.46 36.41
CA ASP I 123 11.73 -29.14 37.75
C ASP I 123 11.88 -30.24 38.78
N VAL I 124 12.17 -31.45 38.34
CA VAL I 124 12.34 -32.49 39.33
C VAL I 124 13.55 -33.24 38.96
N TRP I 125 14.53 -33.23 39.82
CA TRP I 125 15.66 -34.09 39.60
C TRP I 125 15.58 -35.28 40.49
N GLY I 126 16.00 -36.42 39.98
CA GLY I 126 16.06 -37.61 40.81
C GLY I 126 17.27 -37.54 41.69
N GLN I 127 17.60 -38.64 42.33
CA GLN I 127 18.76 -38.67 43.18
C GLN I 127 20.00 -38.78 42.33
N GLY I 128 19.95 -39.67 41.37
CA GLY I 128 21.07 -39.94 40.52
C GLY I 128 21.80 -41.16 40.98
N THR I 129 22.64 -41.66 40.11
CA THR I 129 23.48 -42.80 40.39
C THR I 129 24.75 -42.64 39.62
N THR I 130 25.66 -43.56 39.78
CA THR I 130 26.91 -43.38 39.09
C THR I 130 27.24 -44.55 38.24
N VAL I 131 27.72 -44.25 37.07
CA VAL I 131 28.21 -45.24 36.15
C VAL I 131 29.66 -45.02 35.96
N THR I 132 30.46 -46.00 36.34
CA THR I 132 31.87 -45.83 36.23
C THR I 132 32.43 -46.72 35.15
N VAL I 133 33.36 -46.19 34.38
CA VAL I 133 33.94 -46.93 33.28
C VAL I 133 35.45 -47.02 33.35
N SER I 134 35.97 -48.20 32.96
CA SER I 134 37.42 -48.54 32.82
C SER I 134 37.69 -49.98 33.26
N SER I 135 38.85 -50.52 32.87
CA SER I 135 39.12 -51.97 32.99
C SER I 135 39.18 -52.49 34.43
N ALA I 136 40.10 -51.96 35.23
CA ALA I 136 40.20 -52.33 36.65
C ALA I 136 39.05 -51.78 37.48
N ILE J 2 27.29 -21.08 20.92
CA ILE J 2 26.27 -20.95 21.95
C ILE J 2 26.77 -21.46 23.29
N VAL J 3 27.49 -20.61 24.00
CA VAL J 3 28.09 -20.98 25.28
C VAL J 3 27.56 -20.05 26.36
N MET J 4 27.96 -20.32 27.60
CA MET J 4 27.46 -19.53 28.71
C MET J 4 28.43 -19.54 29.88
N THR J 5 28.70 -18.37 30.44
CA THR J 5 29.76 -18.26 31.42
C THR J 5 29.21 -17.61 32.66
N GLN J 6 29.83 -17.87 33.81
CA GLN J 6 29.35 -17.25 35.05
C GLN J 6 30.44 -16.58 35.86
N THR J 7 30.06 -15.53 36.58
CA THR J 7 30.93 -14.91 37.59
C THR J 7 30.10 -14.50 38.81
N PRO J 8 30.71 -14.46 39.98
CA PRO J 8 32.07 -14.77 40.37
C PRO J 8 32.23 -16.26 40.42
N LEU J 9 33.47 -16.73 40.47
CA LEU J 9 33.70 -18.16 40.61
C LEU J 9 33.19 -18.62 41.96
N SER J 10 33.48 -17.85 42.99
CA SER J 10 32.99 -18.15 44.31
C SER J 10 32.59 -16.85 44.97
N LEU J 11 31.63 -16.91 45.89
CA LEU J 11 31.20 -15.70 46.56
C LEU J 11 30.95 -15.85 48.05
N SER J 12 31.76 -15.16 48.86
CA SER J 12 31.66 -15.26 50.32
C SER J 12 30.94 -14.10 50.94
N VAL J 13 29.73 -14.36 51.39
CA VAL J 13 28.89 -13.34 52.01
C VAL J 13 28.29 -13.79 53.32
N THR J 14 28.06 -12.82 54.20
CA THR J 14 27.65 -13.11 55.56
C THR J 14 26.14 -13.17 55.58
N PRO J 15 25.54 -13.85 56.56
CA PRO J 15 24.12 -13.92 56.82
C PRO J 15 23.52 -12.54 56.96
N GLY J 16 22.56 -12.23 56.09
CA GLY J 16 21.90 -10.94 56.06
C GLY J 16 22.51 -10.01 55.01
N GLN J 17 23.66 -10.40 54.45
CA GLN J 17 24.32 -9.63 53.41
C GLN J 17 23.74 -9.89 52.02
N PRO J 18 23.57 -8.85 51.19
CA PRO J 18 23.09 -8.97 49.84
C PRO J 18 24.18 -9.61 48.99
N ALA J 19 23.77 -10.26 47.91
CA ALA J 19 24.73 -10.90 47.02
C ALA J 19 24.18 -11.03 45.62
N SER J 20 25.02 -11.40 44.65
CA SER J 20 24.50 -11.56 43.31
C SER J 20 25.25 -12.61 42.51
N ILE J 21 24.65 -13.05 41.42
CA ILE J 21 25.23 -14.05 40.54
C ILE J 21 25.02 -13.62 39.09
N SER J 22 26.09 -13.62 38.30
CA SER J 22 26.00 -13.19 36.90
C SER J 22 26.26 -14.30 35.90
N CYS J 23 25.33 -14.47 34.96
CA CYS J 23 25.51 -15.47 33.92
C CYS J 23 25.29 -14.86 32.55
N LYS J 24 26.30 -14.93 31.71
CA LYS J 24 26.16 -14.36 30.39
C LYS J 24 26.17 -15.41 29.29
N SER J 25 25.32 -15.16 28.31
CA SER J 25 25.18 -16.04 27.17
C SER J 25 25.88 -15.36 26.03
N SER J 26 26.41 -16.18 25.13
CA SER J 26 27.00 -15.68 23.91
C SER J 26 25.92 -15.58 22.84
N GLU J 27 24.75 -16.14 23.13
CA GLU J 27 23.72 -16.18 22.10
C GLU J 27 22.40 -15.59 22.60
N SER J 28 21.58 -15.09 21.67
CA SER J 28 20.29 -14.53 22.05
C SER J 28 19.44 -15.54 22.74
N LEU J 29 18.75 -15.11 23.78
CA LEU J 29 17.96 -16.02 24.56
C LEU J 29 16.49 -15.92 24.30
N ARG J 30 16.06 -15.06 23.40
CA ARG J 30 14.63 -15.01 23.21
C ARG J 30 14.06 -16.18 22.46
N GLN J 31 12.99 -16.70 23.02
CA GLN J 31 12.20 -17.78 22.52
C GLN J 31 11.09 -17.25 21.63
N SER J 32 10.66 -18.10 20.70
CA SER J 32 9.56 -17.88 19.77
C SER J 32 8.18 -17.62 20.38
N ASN J 33 8.02 -17.87 21.68
CA ASN J 33 6.80 -17.55 22.35
C ASN J 33 6.82 -16.18 23.03
N GLY J 34 7.86 -15.40 22.77
CA GLY J 34 7.89 -14.05 23.28
C GLY J 34 8.36 -14.02 24.71
N LYS J 35 9.37 -14.80 24.99
CA LYS J 35 9.94 -14.85 26.32
C LYS J 35 11.27 -15.51 26.24
N THR J 36 12.08 -15.40 27.28
CA THR J 36 13.41 -15.96 27.18
C THR J 36 13.45 -17.30 27.84
N SER J 37 14.38 -18.11 27.40
CA SER J 37 14.52 -19.49 27.84
C SER J 37 15.69 -19.73 28.79
N LEU J 38 15.65 -19.15 29.99
CA LEU J 38 16.78 -19.28 30.89
C LEU J 38 16.43 -19.40 32.35
N TYR J 39 16.92 -20.48 32.94
CA TYR J 39 16.50 -20.89 34.26
C TYR J 39 17.70 -20.87 35.18
N TRP J 40 17.48 -20.79 36.48
CA TRP J 40 18.59 -20.88 37.44
C TRP J 40 18.26 -21.92 38.47
N TYR J 41 19.29 -22.49 39.06
CA TYR J 41 19.10 -23.31 40.23
C TYR J 41 20.36 -23.72 40.97
N ARG J 42 20.15 -24.43 42.07
CA ARG J 42 21.24 -24.76 42.98
C ARG J 42 21.26 -26.17 43.52
N GLN J 43 22.42 -26.59 43.97
CA GLN J 43 22.54 -27.85 44.67
C GLN J 43 23.66 -27.82 45.68
N LYS J 44 23.43 -28.52 46.78
CA LYS J 44 24.44 -28.72 47.78
C LYS J 44 25.04 -30.10 47.60
N PRO J 45 26.24 -30.35 48.12
CA PRO J 45 26.94 -31.63 48.13
C PRO J 45 26.03 -32.75 48.59
N GLY J 46 25.79 -33.69 47.68
CA GLY J 46 24.93 -34.83 47.91
C GLY J 46 23.50 -34.59 47.43
N GLN J 47 23.18 -33.33 47.21
CA GLN J 47 21.89 -32.89 46.71
C GLN J 47 21.80 -32.67 45.20
N SER J 48 20.56 -32.59 44.71
CA SER J 48 20.30 -32.45 43.29
C SER J 48 19.82 -31.03 42.98
N PRO J 49 19.94 -30.62 41.65
CA PRO J 49 19.51 -29.24 41.41
C PRO J 49 18.08 -28.94 41.85
N GLN J 50 17.90 -27.76 42.43
CA GLN J 50 16.62 -27.30 42.90
C GLN J 50 16.18 -26.11 42.09
N LEU J 51 15.14 -26.28 41.26
CA LEU J 51 14.72 -25.13 40.48
C LEU J 51 14.45 -23.96 41.37
N LEU J 52 15.14 -22.87 41.11
CA LEU J 52 15.00 -21.68 41.89
C LEU J 52 14.10 -20.73 41.16
N VAL J 53 14.50 -20.33 39.97
CA VAL J 53 13.67 -19.44 39.21
C VAL J 53 13.64 -19.89 37.77
N PHE J 54 12.55 -19.61 37.11
CA PHE J 54 12.42 -20.03 35.73
C PHE J 54 11.89 -18.89 34.95
N GLU J 55 12.17 -18.87 33.65
CA GLU J 55 11.75 -17.73 32.86
C GLU J 55 12.11 -16.45 33.58
N VAL J 56 13.40 -16.32 33.85
CA VAL J 56 13.94 -15.15 34.52
C VAL J 56 13.14 -14.76 35.77
N SER J 57 12.21 -13.81 35.61
CA SER J 57 11.47 -13.24 36.73
C SER J 57 10.45 -14.15 37.39
N ASN J 58 10.10 -15.24 36.74
CA ASN J 58 9.09 -16.09 37.33
C ASN J 58 9.69 -17.06 38.32
N ARG J 59 9.88 -16.62 39.55
CA ARG J 59 10.45 -17.56 40.51
C ARG J 59 9.54 -18.73 40.79
N PHE J 60 10.17 -19.85 41.11
CA PHE J 60 9.52 -21.11 41.39
C PHE J 60 8.86 -21.21 42.75
N SER J 61 7.74 -21.93 42.77
CA SER J 61 6.99 -22.20 43.98
C SER J 61 7.85 -22.88 45.05
N GLY J 62 7.79 -22.33 46.26
CA GLY J 62 8.64 -22.80 47.35
C GLY J 62 9.98 -22.06 47.41
N VAL J 63 10.08 -20.92 46.77
CA VAL J 63 11.31 -20.14 46.80
C VAL J 63 11.10 -18.73 47.32
N SER J 64 11.98 -18.33 48.23
CA SER J 64 11.89 -17.04 48.89
C SER J 64 11.95 -15.87 47.95
N ASP J 65 11.28 -14.79 48.35
CA ASP J 65 11.22 -13.56 47.57
C ASP J 65 12.56 -12.83 47.52
N ARG J 66 13.53 -13.26 48.34
CA ARG J 66 14.84 -12.64 48.36
C ARG J 66 15.58 -12.93 47.07
N PHE J 67 15.08 -13.91 46.33
CA PHE J 67 15.65 -14.26 45.05
C PHE J 67 14.98 -13.54 43.91
N VAL J 68 15.75 -12.69 43.24
CA VAL J 68 15.25 -11.91 42.14
C VAL J 68 16.22 -11.97 40.99
N GLY J 69 15.83 -11.44 39.84
CA GLY J 69 16.77 -11.40 38.73
C GLY J 69 16.18 -10.80 37.46
N SER J 70 17.08 -10.42 36.56
CA SER J 70 16.70 -9.76 35.33
C SER J 70 17.89 -9.58 34.41
N GLY J 71 17.64 -9.10 33.20
CA GLY J 71 18.74 -8.91 32.27
C GLY J 71 18.29 -8.62 30.84
N SER J 72 19.26 -8.63 29.93
CA SER J 72 19.03 -8.22 28.56
C SER J 72 18.63 -9.44 27.81
N GLY J 73 18.37 -9.31 26.52
CA GLY J 73 18.12 -10.47 25.68
C GLY J 73 19.35 -11.37 25.42
N THR J 74 20.52 -11.01 25.97
CA THR J 74 21.65 -11.92 25.86
C THR J 74 22.34 -12.26 27.20
N ASP J 75 21.97 -11.62 28.29
CA ASP J 75 22.56 -12.03 29.56
C ASP J 75 21.68 -11.66 30.72
N PHE J 76 21.83 -12.40 31.80
CA PHE J 76 20.94 -12.23 32.93
C PHE J 76 21.66 -12.38 34.24
N THR J 77 21.15 -11.75 35.27
CA THR J 77 21.74 -11.92 36.57
C THR J 77 20.76 -12.16 37.67
N LEU J 78 21.22 -12.83 38.71
CA LEU J 78 20.46 -13.00 39.93
C LEU J 78 20.88 -11.98 40.94
N ARG J 79 19.98 -11.67 41.84
CA ARG J 79 20.35 -10.97 43.05
C ARG J 79 19.66 -11.60 44.22
N ILE J 80 20.42 -11.84 45.27
CA ILE J 80 19.90 -12.43 46.47
C ILE J 80 20.06 -11.46 47.60
N SER J 81 18.97 -10.92 48.08
CA SER J 81 19.03 -10.03 49.23
C SER J 81 19.07 -10.87 50.48
N ARG J 82 19.58 -10.31 51.57
CA ARG J 82 19.63 -10.98 52.87
C ARG J 82 19.96 -12.45 52.75
N VAL J 83 21.13 -12.75 52.20
CA VAL J 83 21.58 -14.12 52.00
C VAL J 83 21.54 -14.89 53.30
N GLU J 84 20.93 -16.06 53.30
CA GLU J 84 20.81 -16.77 54.56
C GLU J 84 21.95 -17.76 54.70
N ALA J 85 22.22 -18.20 55.92
CA ALA J 85 23.26 -19.19 56.18
C ALA J 85 23.03 -20.48 55.41
N GLU J 86 21.77 -20.82 55.20
CA GLU J 86 21.40 -21.98 54.41
C GLU J 86 21.63 -21.83 52.91
N ASP J 87 21.96 -20.64 52.42
CA ASP J 87 22.02 -20.41 51.01
C ASP J 87 23.38 -20.73 50.40
N VAL J 88 24.07 -21.71 50.94
CA VAL J 88 25.38 -22.06 50.41
C VAL J 88 25.26 -23.18 49.38
N GLY J 89 26.26 -23.32 48.52
CA GLY J 89 26.23 -24.39 47.52
C GLY J 89 26.52 -23.88 46.12
N PHE J 90 26.38 -24.79 45.15
CA PHE J 90 26.61 -24.48 43.74
C PHE J 90 25.39 -24.05 42.94
N TYR J 91 25.58 -23.00 42.15
CA TYR J 91 24.50 -22.40 41.40
C TYR J 91 24.82 -22.49 39.90
N TYR J 92 23.83 -22.84 39.09
CA TYR J 92 24.01 -22.92 37.65
C TYR J 92 22.88 -22.18 36.94
N CYS J 93 23.14 -21.82 35.68
CA CYS J 93 22.11 -21.29 34.80
C CYS J 93 22.01 -22.21 33.60
N MET J 94 20.83 -22.33 33.00
CA MET J 94 20.75 -23.19 31.84
C MET J 94 19.98 -22.60 30.69
N GLN J 95 20.61 -22.66 29.52
CA GLN J 95 20.04 -22.10 28.31
C GLN J 95 19.25 -23.24 27.69
N SER J 96 17.98 -22.98 27.37
CA SER J 96 17.12 -23.96 26.71
C SER J 96 16.54 -23.40 25.43
N LYS J 97 17.09 -22.27 25.00
CA LYS J 97 16.69 -21.64 23.75
C LYS J 97 16.82 -22.56 22.56
N ASP J 98 17.84 -23.39 22.56
CA ASP J 98 18.04 -24.34 21.49
C ASP J 98 18.91 -25.50 21.91
N PHE J 99 18.83 -26.61 21.19
CA PHE J 99 19.66 -27.76 21.44
C PHE J 99 21.08 -27.60 20.92
N PRO J 100 22.05 -28.14 21.62
CA PRO J 100 22.01 -28.89 22.87
C PRO J 100 21.78 -27.97 24.04
N LEU J 101 21.19 -28.49 25.08
CA LEU J 101 21.00 -27.68 26.25
C LEU J 101 22.35 -27.42 26.84
N THR J 102 22.55 -26.24 27.40
CA THR J 102 23.87 -25.95 27.93
C THR J 102 23.79 -25.23 29.25
N PHE J 103 24.87 -25.27 29.99
CA PHE J 103 24.87 -24.72 31.32
C PHE J 103 25.92 -23.65 31.47
N GLY J 104 25.74 -22.80 32.46
CA GLY J 104 26.75 -21.82 32.80
C GLY J 104 27.92 -22.50 33.47
N GLY J 105 29.01 -21.76 33.68
CA GLY J 105 30.23 -22.30 34.27
C GLY J 105 30.08 -22.92 35.67
N GLY J 106 29.16 -22.41 36.48
CA GLY J 106 28.96 -22.88 37.85
C GLY J 106 29.63 -21.97 38.87
N THR J 107 28.85 -21.52 39.85
CA THR J 107 29.40 -20.62 40.87
C THR J 107 29.21 -21.23 42.23
N LYS J 108 30.11 -20.96 43.17
CA LYS J 108 29.90 -21.43 44.54
C LYS J 108 29.63 -20.34 45.54
N VAL J 109 28.48 -20.39 46.17
CA VAL J 109 28.13 -19.40 47.18
C VAL J 109 28.47 -19.98 48.54
N ASP J 110 29.18 -19.20 49.35
CA ASP J 110 29.47 -19.58 50.73
C ASP J 110 29.50 -18.38 51.70
N LEU J 111 29.83 -18.67 52.97
CA LEU J 111 29.86 -17.69 54.06
C LEU J 111 31.27 -17.10 54.26
N LYS J 112 31.34 -15.92 54.87
CA LYS J 112 32.61 -15.23 55.13
C LYS J 112 32.85 -14.88 56.59
N ARG J 113 33.94 -15.41 57.15
CA ARG J 113 34.31 -15.15 58.54
C ARG J 113 35.81 -15.28 58.78
#